data_6W1Y
#
_entry.id   6W1Y
#
_cell.length_a   1.00
_cell.length_b   1.00
_cell.length_c   1.00
_cell.angle_alpha   90.00
_cell.angle_beta   90.00
_cell.angle_gamma   90.00
#
_symmetry.space_group_name_H-M   'P 1'
#
loop_
_entity.id
_entity.type
_entity.pdbx_description
1 polymer '5-hydroxytryptamine receptor 3A'
2 branched 2-acetamido-2-deoxy-beta-D-glucopyranose-(4-4)-2-acetamido-2-deoxy-beta-D-glucopyranose
3 branched beta-D-mannopyranose-(1-4)-2-acetamido-2-deoxy-beta-D-glucopyranose-(1-4)-2-acetamido-2-deoxy-beta-D-glucopyranose
4 branched 2-acetamido-2-deoxy-beta-D-glucopyranose-(1-4)-2-acetamido-2-deoxy-beta-D-glucopyranose
5 non-polymer (3~{a}~{S})-2-[(3~{S})-1-azabicyclo[2.2.2]octan-3-yl]-3~{a},4,5,6-tetrahydro-3~{H}-benzo[de]isoquinolin-1-one
#
_entity_poly.entity_id   1
_entity_poly.type   'polypeptide(L)'
_entity_poly.pdbx_seq_one_letter_code
;TTQPALLRLSDHLLANYKKGVRPVRDWRKPTTVSIDVIMYAILNVDEKNQVLTTYIWYRQYWTDEFLQWTPEDFDNVTKL
SIPTDSIWVPDILINEFVDVGKSPNIPYVYVHHRGEVQNYKPLQLVTACSLDIYNFPFDVQNCSLTFTSWLHTIQDINIT
LWRSPEEVRSDKSIFINQGEWELLEVFPQFKEFSIDISNSYAEMKFYVIIRRRPLFYAVSLLLPSIFLMVVDIVGFCLPP
DSGERVSFKITLLLGYSVFLIIVSDTLPATAIGTPLIGVYFVVCMALLVISLAETIFIVRLVHKQDLQRPVPDWLRHLVL
DRIAWILCLGEQPMAHRPPATFQANKTDDCSAMGNHCSHVGGPQDLEKTPRGRGSPLPPPREASLAVRGLLQELSSIRHF
LEKRDEMREVARDWLRVGYVLDRLLFRIYLLAVLAYSITLVTLWSIWHYS
;
_entity_poly.pdbx_strand_id   A,B,C,D,E
#
# COMPACT_ATOMS: atom_id res chain seq x y z
N THR A 1 -32.71 22.13 -61.01
CA THR A 1 -31.91 21.23 -60.18
C THR A 1 -32.14 19.77 -60.53
N THR A 2 -31.44 18.90 -59.82
CA THR A 2 -31.56 17.46 -59.98
C THR A 2 -31.92 16.87 -58.62
N GLN A 3 -31.82 15.55 -58.51
CA GLN A 3 -32.08 14.86 -57.25
C GLN A 3 -30.90 13.97 -56.86
N PRO A 4 -29.79 14.57 -56.38
CA PRO A 4 -28.69 13.72 -55.90
C PRO A 4 -29.04 13.00 -54.61
N ALA A 5 -29.47 13.73 -53.58
CA ALA A 5 -29.74 13.17 -52.27
C ALA A 5 -30.42 14.17 -51.35
N LEU A 6 -30.43 13.86 -50.06
CA LEU A 6 -30.58 14.87 -49.03
C LEU A 6 -29.33 15.71 -48.84
N LEU A 7 -28.19 15.32 -49.42
CA LEU A 7 -26.93 15.97 -49.11
C LEU A 7 -26.84 17.39 -49.67
N ARG A 8 -27.69 17.73 -50.64
CA ARG A 8 -27.70 19.10 -51.11
C ARG A 8 -28.31 20.04 -50.08
N LEU A 9 -29.08 19.52 -49.13
CA LEU A 9 -29.37 20.27 -47.93
C LEU A 9 -28.11 20.52 -47.12
N SER A 10 -27.28 19.48 -46.96
CA SER A 10 -26.06 19.62 -46.17
C SER A 10 -25.03 20.51 -46.86
N ASP A 11 -25.16 20.70 -48.17
CA ASP A 11 -24.33 21.67 -48.84
C ASP A 11 -24.92 23.08 -48.73
N HIS A 12 -26.24 23.18 -48.61
CA HIS A 12 -26.88 24.49 -48.52
C HIS A 12 -26.60 25.17 -47.20
N LEU A 13 -26.41 24.39 -46.14
CA LEU A 13 -26.17 24.98 -44.84
C LEU A 13 -24.71 25.33 -44.64
N LEU A 14 -23.83 24.36 -44.83
CA LEU A 14 -22.43 24.48 -44.46
C LEU A 14 -21.55 25.00 -45.57
N ALA A 15 -22.09 25.77 -46.50
CA ALA A 15 -21.25 26.35 -47.54
C ALA A 15 -20.57 27.61 -47.05
N ASN A 16 -21.33 28.48 -46.39
CA ASN A 16 -20.79 29.75 -45.93
C ASN A 16 -20.90 29.91 -44.42
N TYR A 17 -21.17 28.84 -43.70
CA TYR A 17 -21.26 28.93 -42.25
C TYR A 17 -19.86 29.06 -41.67
N LYS A 18 -19.67 30.05 -40.82
CA LYS A 18 -18.39 30.31 -40.19
C LYS A 18 -18.42 29.80 -38.76
N LYS A 19 -17.39 29.06 -38.38
CA LYS A 19 -17.45 28.24 -37.18
C LYS A 19 -17.32 29.08 -35.91
N GLY A 20 -16.55 30.16 -35.97
CA GLY A 20 -16.20 30.86 -34.75
C GLY A 20 -17.15 31.95 -34.31
N VAL A 21 -17.90 32.50 -35.23
CA VAL A 21 -18.77 33.63 -34.91
C VAL A 21 -19.99 33.13 -34.15
N ARG A 22 -20.40 33.88 -33.13
CA ARG A 22 -21.56 33.46 -32.35
C ARG A 22 -22.82 33.66 -33.18
N PRO A 23 -23.64 32.64 -33.33
CA PRO A 23 -24.65 32.67 -34.38
C PRO A 23 -25.94 33.40 -34.02
N VAL A 24 -26.00 34.71 -34.25
CA VAL A 24 -27.22 35.46 -34.01
C VAL A 24 -27.29 36.61 -35.01
N ARG A 25 -28.50 36.99 -35.39
CA ARG A 25 -28.69 38.10 -36.32
C ARG A 25 -28.31 39.42 -35.69
N ASP A 26 -29.02 39.81 -34.64
CA ASP A 26 -28.72 41.03 -33.91
C ASP A 26 -27.84 40.67 -32.72
N TRP A 27 -26.81 41.46 -32.50
CA TRP A 27 -25.82 41.13 -31.48
C TRP A 27 -26.29 41.43 -30.07
N ARG A 28 -27.49 41.94 -29.89
CA ARG A 28 -27.97 42.28 -28.56
C ARG A 28 -28.75 41.14 -27.92
N LYS A 29 -29.33 40.27 -28.73
CA LYS A 29 -30.14 39.18 -28.22
C LYS A 29 -29.21 38.06 -27.72
N PRO A 30 -29.34 37.62 -26.48
CA PRO A 30 -28.46 36.59 -25.98
C PRO A 30 -28.88 35.20 -26.43
N THR A 31 -27.89 34.34 -26.61
CA THR A 31 -28.13 32.94 -26.93
C THR A 31 -28.44 32.18 -25.66
N THR A 32 -29.52 31.40 -25.68
CA THR A 32 -30.03 30.75 -24.48
C THR A 32 -29.86 29.25 -24.61
N VAL A 33 -28.91 28.68 -23.88
CA VAL A 33 -28.76 27.25 -23.84
C VAL A 33 -29.65 26.71 -22.72
N SER A 34 -29.90 25.41 -22.73
CA SER A 34 -30.81 24.81 -21.77
C SER A 34 -30.32 23.41 -21.43
N ILE A 35 -29.91 23.18 -20.20
CA ILE A 35 -29.22 21.94 -19.85
C ILE A 35 -30.15 21.03 -19.08
N ASP A 36 -29.65 19.81 -18.82
CA ASP A 36 -30.33 18.78 -18.04
C ASP A 36 -29.30 17.70 -17.72
N VAL A 37 -29.42 17.07 -16.54
CA VAL A 37 -28.50 16.01 -16.15
C VAL A 37 -29.26 14.83 -15.54
N ILE A 38 -28.60 13.68 -15.54
CA ILE A 38 -29.04 12.48 -14.84
C ILE A 38 -27.82 11.83 -14.20
N MET A 39 -27.88 11.58 -12.90
CA MET A 39 -26.82 10.84 -12.23
C MET A 39 -26.77 9.41 -12.73
N TYR A 40 -25.57 8.87 -12.85
CA TYR A 40 -25.44 7.48 -13.24
C TYR A 40 -24.73 6.64 -12.19
N ALA A 41 -23.55 7.05 -11.74
CA ALA A 41 -22.85 6.28 -10.73
C ALA A 41 -22.07 7.24 -9.86
N ILE A 42 -21.62 6.74 -8.71
CA ILE A 42 -20.76 7.50 -7.81
C ILE A 42 -19.52 6.65 -7.60
N LEU A 43 -18.42 7.06 -8.23
CA LEU A 43 -17.28 6.18 -8.31
C LEU A 43 -16.47 6.16 -7.03
N ASN A 44 -16.22 7.32 -6.45
CA ASN A 44 -15.33 7.40 -5.30
C ASN A 44 -15.64 8.66 -4.52
N VAL A 45 -15.68 8.54 -3.20
CA VAL A 45 -15.80 9.69 -2.32
C VAL A 45 -14.59 9.65 -1.40
N ASP A 46 -13.61 10.49 -1.67
CA ASP A 46 -12.37 10.53 -0.92
C ASP A 46 -12.55 11.55 0.20
N GLU A 47 -12.65 11.06 1.43
CA GLU A 47 -12.87 11.96 2.56
C GLU A 47 -11.63 12.80 2.86
N LYS A 48 -10.45 12.23 2.67
CA LYS A 48 -9.21 12.90 3.08
C LYS A 48 -8.92 14.10 2.19
N ASN A 49 -9.09 13.95 0.89
CA ASN A 49 -8.75 15.02 -0.04
C ASN A 49 -9.93 15.89 -0.42
N GLN A 50 -11.12 15.61 0.11
CA GLN A 50 -12.37 16.33 -0.18
C GLN A 50 -12.72 16.30 -1.67
N VAL A 51 -12.48 15.16 -2.32
CA VAL A 51 -12.64 15.02 -3.76
C VAL A 51 -13.68 13.95 -4.03
N LEU A 52 -14.67 14.27 -4.88
CA LEU A 52 -15.77 13.40 -5.21
C LEU A 52 -15.79 13.12 -6.70
N THR A 53 -15.94 11.86 -7.09
CA THR A 53 -15.85 11.42 -8.47
C THR A 53 -17.20 10.89 -8.93
N THR A 54 -17.67 11.34 -10.09
CA THR A 54 -19.03 11.08 -10.50
C THR A 54 -19.11 10.99 -12.02
N TYR A 55 -19.85 10.01 -12.53
CA TYR A 55 -20.12 9.88 -13.96
C TYR A 55 -21.59 10.22 -14.19
N ILE A 56 -21.86 11.20 -15.04
CA ILE A 56 -23.24 11.62 -15.32
C ILE A 56 -23.49 11.65 -16.82
N TRP A 57 -24.75 11.73 -17.19
CA TRP A 57 -25.13 11.98 -18.57
C TRP A 57 -25.62 13.41 -18.68
N TYR A 58 -25.69 13.92 -19.91
CA TYR A 58 -25.84 15.35 -20.07
C TYR A 58 -26.39 15.66 -21.44
N ARG A 59 -27.25 16.67 -21.53
CA ARG A 59 -27.76 17.09 -22.82
C ARG A 59 -28.10 18.56 -22.75
N GLN A 60 -28.13 19.23 -23.90
CA GLN A 60 -28.32 20.68 -23.94
C GLN A 60 -28.78 21.06 -25.33
N TYR A 61 -29.44 22.21 -25.46
CA TYR A 61 -29.92 22.62 -26.76
C TYR A 61 -29.97 24.13 -26.82
N TRP A 62 -29.78 24.69 -28.01
CA TRP A 62 -29.80 26.13 -28.21
C TRP A 62 -30.25 26.41 -29.63
N THR A 63 -30.69 27.63 -29.87
CA THR A 63 -31.16 28.01 -31.19
C THR A 63 -30.13 28.89 -31.90
N ASP A 64 -30.18 28.90 -33.23
CA ASP A 64 -29.37 29.81 -34.02
C ASP A 64 -30.02 30.05 -35.38
N GLU A 65 -29.77 31.23 -35.92
CA GLU A 65 -30.49 31.68 -37.11
C GLU A 65 -29.75 31.41 -38.41
N PHE A 66 -28.65 30.67 -38.38
CA PHE A 66 -27.95 30.41 -39.62
C PHE A 66 -28.30 29.05 -40.19
N LEU A 67 -28.56 28.08 -39.32
CA LEU A 67 -28.93 26.73 -39.74
C LEU A 67 -30.45 26.65 -39.75
N GLN A 68 -31.03 27.12 -40.84
CA GLN A 68 -32.47 27.29 -40.89
C GLN A 68 -32.94 27.22 -42.32
N TRP A 69 -33.67 26.16 -42.65
CA TRP A 69 -34.15 25.94 -44.01
C TRP A 69 -35.66 25.81 -44.00
N THR A 70 -36.23 25.70 -45.18
CA THR A 70 -37.63 25.33 -45.19
C THR A 70 -37.77 23.85 -45.50
N PRO A 71 -38.58 23.11 -44.73
CA PRO A 71 -38.61 21.65 -44.92
C PRO A 71 -39.26 21.24 -46.22
N GLU A 72 -40.17 22.03 -46.73
CA GLU A 72 -40.69 21.81 -48.07
C GLU A 72 -39.58 22.07 -49.08
N ASP A 73 -39.65 21.35 -50.20
CA ASP A 73 -38.82 21.35 -51.41
C ASP A 73 -37.42 20.75 -51.20
N PHE A 74 -37.10 20.30 -49.99
CA PHE A 74 -35.94 19.45 -49.76
C PHE A 74 -36.36 18.03 -49.43
N ASP A 75 -37.45 17.58 -50.06
CA ASP A 75 -38.06 16.27 -49.85
C ASP A 75 -38.40 16.06 -48.37
N ASN A 76 -38.98 17.11 -47.77
CA ASN A 76 -39.64 17.07 -46.47
C ASN A 76 -38.72 16.68 -45.33
N VAL A 77 -37.44 17.02 -45.42
CA VAL A 77 -36.49 16.63 -44.38
C VAL A 77 -36.70 17.53 -43.16
N THR A 78 -36.97 16.91 -42.02
CA THR A 78 -37.19 17.67 -40.80
C THR A 78 -35.96 17.77 -39.93
N LYS A 79 -35.29 16.67 -39.61
CA LYS A 79 -34.08 16.75 -38.81
C LYS A 79 -32.92 16.18 -39.61
N LEU A 80 -31.73 16.25 -39.02
CA LEU A 80 -30.50 16.07 -39.78
C LEU A 80 -29.37 15.83 -38.80
N SER A 81 -28.37 15.07 -39.22
CA SER A 81 -27.14 14.89 -38.45
C SER A 81 -26.04 15.72 -39.08
N ILE A 82 -25.30 16.44 -38.25
CA ILE A 82 -24.18 17.29 -38.67
C ILE A 82 -23.05 17.01 -37.70
N PRO A 83 -21.80 16.91 -38.15
CA PRO A 83 -20.70 16.66 -37.22
C PRO A 83 -20.48 17.81 -36.28
N THR A 84 -19.98 17.49 -35.09
CA THR A 84 -19.87 18.45 -34.00
C THR A 84 -18.85 19.54 -34.31
N ASP A 85 -17.87 19.25 -35.16
CA ASP A 85 -16.77 20.18 -35.38
C ASP A 85 -17.21 21.44 -36.10
N SER A 86 -18.11 21.32 -37.08
CA SER A 86 -18.42 22.43 -37.96
C SER A 86 -19.55 23.31 -37.43
N ILE A 87 -19.82 23.29 -36.13
CA ILE A 87 -20.90 24.04 -35.52
C ILE A 87 -20.33 24.84 -34.36
N TRP A 88 -20.80 26.08 -34.18
CA TRP A 88 -20.53 26.82 -32.96
C TRP A 88 -21.08 26.09 -31.77
N VAL A 89 -20.23 25.79 -30.79
CA VAL A 89 -20.60 25.03 -29.61
C VAL A 89 -20.24 25.87 -28.38
N PRO A 90 -21.18 26.14 -27.49
CA PRO A 90 -20.87 26.97 -26.32
C PRO A 90 -20.03 26.22 -25.30
N ASP A 91 -19.28 26.99 -24.52
CA ASP A 91 -18.42 26.46 -23.47
C ASP A 91 -19.14 26.48 -22.13
N ILE A 92 -19.56 25.32 -21.65
CA ILE A 92 -20.25 25.19 -20.38
C ILE A 92 -19.40 24.29 -19.52
N LEU A 93 -18.85 24.83 -18.44
CA LEU A 93 -17.98 24.07 -17.58
C LEU A 93 -18.48 24.10 -16.15
N ILE A 94 -17.93 23.21 -15.34
CA ILE A 94 -18.23 23.11 -13.92
C ILE A 94 -17.20 23.96 -13.19
N ASN A 95 -17.66 24.78 -12.24
CA ASN A 95 -16.72 25.57 -11.45
C ASN A 95 -15.85 24.74 -10.54
N GLU A 96 -16.34 23.58 -10.09
CA GLU A 96 -15.66 22.83 -9.06
C GLU A 96 -14.67 21.82 -9.60
N PHE A 97 -14.17 21.98 -10.82
CA PHE A 97 -13.17 21.05 -11.34
C PHE A 97 -11.86 21.13 -10.56
N VAL A 98 -11.25 19.97 -10.35
CA VAL A 98 -9.85 19.91 -9.93
C VAL A 98 -9.00 19.06 -10.85
N ASP A 99 -9.61 18.36 -11.81
CA ASP A 99 -8.89 17.51 -12.74
C ASP A 99 -9.81 17.30 -13.93
N VAL A 100 -9.29 16.69 -14.99
CA VAL A 100 -10.06 16.42 -16.19
C VAL A 100 -10.34 14.93 -16.24
N GLY A 101 -11.60 14.56 -16.13
CA GLY A 101 -11.98 13.18 -16.33
C GLY A 101 -11.96 12.78 -17.79
N LYS A 102 -11.83 11.48 -17.98
CA LYS A 102 -11.71 10.87 -19.29
C LYS A 102 -13.11 10.41 -19.73
N SER A 103 -13.60 10.92 -20.84
CA SER A 103 -14.96 10.66 -21.26
C SER A 103 -15.01 10.49 -22.77
N PRO A 104 -15.94 9.70 -23.28
CA PRO A 104 -15.99 9.51 -24.73
C PRO A 104 -16.53 10.75 -25.43
N ASN A 105 -16.07 10.98 -26.65
CA ASN A 105 -16.59 12.09 -27.43
C ASN A 105 -17.64 11.63 -28.43
N ILE A 106 -18.65 12.47 -28.63
CA ILE A 106 -19.77 12.14 -29.49
C ILE A 106 -19.69 13.02 -30.73
N PRO A 107 -19.44 12.49 -31.90
CA PRO A 107 -19.16 13.34 -33.05
C PRO A 107 -20.37 13.78 -33.85
N TYR A 108 -21.57 13.75 -33.30
CA TYR A 108 -22.72 14.16 -34.08
C TYR A 108 -23.69 14.97 -33.23
N VAL A 109 -24.43 15.87 -33.88
CA VAL A 109 -25.53 16.60 -33.27
C VAL A 109 -26.73 16.53 -34.20
N TYR A 110 -27.90 16.83 -33.65
CA TYR A 110 -29.11 17.00 -34.44
C TYR A 110 -29.28 18.45 -34.80
N VAL A 111 -30.02 18.73 -35.88
CA VAL A 111 -30.43 20.08 -36.25
C VAL A 111 -31.86 20.00 -36.77
N HIS A 112 -32.77 20.69 -36.10
CA HIS A 112 -34.15 20.72 -36.57
C HIS A 112 -34.31 21.86 -37.58
N HIS A 113 -35.49 21.98 -38.16
CA HIS A 113 -35.67 22.92 -39.27
C HIS A 113 -36.07 24.30 -38.81
N ARG A 114 -36.03 24.58 -37.52
CA ARG A 114 -36.20 25.93 -37.02
C ARG A 114 -34.88 26.54 -36.58
N GLY A 115 -33.85 25.74 -36.38
CA GLY A 115 -32.59 26.20 -35.86
C GLY A 115 -32.21 25.54 -34.56
N GLU A 116 -33.10 24.77 -33.98
CA GLU A 116 -32.81 24.13 -32.71
C GLU A 116 -31.88 22.95 -32.89
N VAL A 117 -30.66 23.05 -32.37
CA VAL A 117 -29.76 21.92 -32.40
C VAL A 117 -29.86 21.25 -31.04
N GLN A 118 -29.37 20.01 -30.96
CA GLN A 118 -29.36 19.27 -29.71
C GLN A 118 -28.00 18.60 -29.57
N ASN A 119 -27.63 18.26 -28.35
CA ASN A 119 -26.28 17.75 -28.14
C ASN A 119 -26.26 16.84 -26.92
N TYR A 120 -26.11 15.54 -27.14
CA TYR A 120 -26.02 14.56 -26.07
C TYR A 120 -24.56 14.20 -25.88
N LYS A 121 -24.10 14.20 -24.63
CA LYS A 121 -22.77 13.71 -24.33
C LYS A 121 -22.67 13.26 -22.88
N PRO A 122 -21.94 12.18 -22.61
CA PRO A 122 -21.63 11.83 -21.23
C PRO A 122 -20.29 12.41 -20.84
N LEU A 123 -20.10 12.59 -19.53
CA LEU A 123 -18.87 13.20 -19.06
C LEU A 123 -18.60 12.80 -17.62
N GLN A 124 -17.40 12.26 -17.38
CA GLN A 124 -16.93 11.98 -16.03
C GLN A 124 -16.40 13.26 -15.42
N LEU A 125 -16.76 13.51 -14.16
CA LEU A 125 -16.31 14.73 -13.51
C LEU A 125 -15.77 14.43 -12.13
N VAL A 126 -14.64 15.06 -11.81
CA VAL A 126 -14.05 15.01 -10.48
C VAL A 126 -14.14 16.40 -9.88
N THR A 127 -14.85 16.52 -8.78
CA THR A 127 -15.10 17.82 -8.19
C THR A 127 -14.51 17.86 -6.79
N ALA A 128 -14.71 18.99 -6.13
CA ALA A 128 -14.18 19.21 -4.80
C ALA A 128 -15.29 19.80 -3.94
N CYS A 129 -15.97 18.95 -3.18
CA CYS A 129 -17.03 19.40 -2.31
C CYS A 129 -16.61 19.18 -0.86
N SER A 130 -17.24 19.93 0.04
CA SER A 130 -16.90 19.87 1.45
C SER A 130 -17.74 18.80 2.14
N LEU A 131 -17.06 17.89 2.82
CA LEU A 131 -17.67 16.75 3.48
C LEU A 131 -17.59 16.93 4.98
N ASP A 132 -18.54 16.36 5.71
CA ASP A 132 -18.49 16.34 7.17
C ASP A 132 -18.56 14.91 7.68
N ILE A 133 -17.68 14.58 8.61
CA ILE A 133 -17.56 13.21 9.09
C ILE A 133 -17.98 13.27 10.55
N TYR A 134 -18.95 14.14 10.85
CA TYR A 134 -19.35 14.35 12.24
C TYR A 134 -19.99 13.12 12.85
N ASN A 135 -20.74 12.36 12.05
CA ASN A 135 -21.35 11.11 12.50
C ASN A 135 -21.14 10.06 11.42
N PHE A 136 -20.15 9.18 11.64
CA PHE A 136 -19.49 8.51 10.53
C PHE A 136 -20.36 7.50 9.78
N PRO A 137 -21.00 6.50 10.41
CA PRO A 137 -21.79 5.57 9.59
C PRO A 137 -23.12 6.14 9.15
N PHE A 138 -23.64 7.16 9.82
CA PHE A 138 -24.98 7.68 9.53
C PHE A 138 -24.78 9.11 9.07
N ASP A 139 -24.56 9.32 7.78
CA ASP A 139 -24.27 10.67 7.31
C ASP A 139 -24.85 10.92 5.94
N VAL A 140 -25.40 12.10 5.75
CA VAL A 140 -25.77 12.58 4.43
C VAL A 140 -24.69 13.56 3.99
N GLN A 141 -24.59 13.75 2.69
CA GLN A 141 -23.63 14.70 2.14
C GLN A 141 -24.36 15.64 1.21
N ASN A 142 -23.82 16.82 1.02
CA ASN A 142 -24.48 17.86 0.23
C ASN A 142 -23.42 18.51 -0.63
N CYS A 143 -23.14 17.91 -1.78
CA CYS A 143 -22.11 18.42 -2.68
C CYS A 143 -22.78 19.14 -3.85
N SER A 144 -22.06 20.09 -4.44
CA SER A 144 -22.62 20.98 -5.43
C SER A 144 -21.97 20.77 -6.79
N LEU A 145 -22.78 20.95 -7.83
CA LEU A 145 -22.30 21.01 -9.20
C LEU A 145 -22.83 22.31 -9.79
N THR A 146 -21.94 23.12 -10.35
CA THR A 146 -22.29 24.46 -10.79
C THR A 146 -21.95 24.60 -12.27
N PHE A 147 -22.95 24.55 -13.12
CA PHE A 147 -22.74 24.73 -14.55
C PHE A 147 -22.77 26.20 -14.89
N THR A 148 -21.74 26.67 -15.58
CA THR A 148 -21.67 28.07 -15.98
C THR A 148 -20.89 28.21 -17.27
N SER A 149 -21.12 29.31 -17.94
CA SER A 149 -20.24 29.69 -19.02
C SER A 149 -18.93 30.16 -18.43
N TRP A 150 -17.84 29.94 -19.13
CA TRP A 150 -16.58 30.29 -18.52
C TRP A 150 -16.11 31.66 -18.94
N LEU A 151 -16.53 32.12 -20.10
CA LEU A 151 -16.07 33.40 -20.59
C LEU A 151 -17.19 34.41 -20.78
N HIS A 152 -18.29 34.01 -21.41
CA HIS A 152 -19.28 34.97 -21.87
C HIS A 152 -20.11 35.51 -20.70
N THR A 153 -20.58 36.75 -20.85
CA THR A 153 -21.38 37.38 -19.82
C THR A 153 -22.85 37.03 -19.98
N ILE A 154 -23.70 37.61 -19.14
CA ILE A 154 -25.09 37.20 -19.09
C ILE A 154 -25.91 37.86 -20.19
N GLN A 155 -25.40 38.89 -20.84
CA GLN A 155 -26.05 39.33 -22.06
C GLN A 155 -25.49 38.62 -23.28
N ASP A 156 -24.74 37.55 -23.08
CA ASP A 156 -24.16 36.81 -24.18
C ASP A 156 -24.59 35.35 -24.18
N ILE A 157 -24.54 34.68 -23.03
CA ILE A 157 -25.01 33.31 -22.87
C ILE A 157 -25.81 33.22 -21.58
N ASN A 158 -27.01 32.64 -21.66
CA ASN A 158 -27.94 32.55 -20.55
C ASN A 158 -28.35 31.09 -20.40
N ILE A 159 -28.62 30.65 -19.17
CA ILE A 159 -28.83 29.24 -18.90
C ILE A 159 -30.18 29.01 -18.23
N THR A 160 -31.01 28.14 -18.80
CA THR A 160 -32.26 27.70 -18.20
C THR A 160 -32.31 26.19 -18.15
N LEU A 161 -33.46 25.63 -17.80
CA LEU A 161 -33.58 24.18 -17.70
C LEU A 161 -34.38 23.59 -18.84
N TRP A 162 -34.07 22.35 -19.20
CA TRP A 162 -34.84 21.61 -20.19
C TRP A 162 -36.23 21.30 -19.66
N ARG A 163 -36.29 20.61 -18.52
CA ARG A 163 -37.54 20.13 -17.95
C ARG A 163 -37.90 21.02 -16.76
N SER A 164 -39.08 20.78 -16.20
CA SER A 164 -39.47 21.47 -14.99
C SER A 164 -38.61 20.98 -13.83
N PRO A 165 -38.33 21.83 -12.84
CA PRO A 165 -37.44 21.40 -11.76
C PRO A 165 -38.04 20.37 -10.84
N GLU A 166 -39.36 20.24 -10.83
CA GLU A 166 -39.98 19.20 -10.02
C GLU A 166 -39.75 17.82 -10.62
N GLU A 167 -39.50 17.76 -11.92
CA GLU A 167 -39.32 16.47 -12.58
C GLU A 167 -37.87 16.02 -12.47
N VAL A 168 -36.95 16.96 -12.26
CA VAL A 168 -35.54 16.60 -12.12
C VAL A 168 -35.26 16.01 -10.76
N ARG A 169 -35.98 16.44 -9.72
CA ARG A 169 -35.70 16.03 -8.35
C ARG A 169 -35.97 14.55 -8.15
N SER A 170 -37.00 14.02 -8.80
CA SER A 170 -37.42 12.66 -8.54
C SER A 170 -37.02 11.77 -9.69
N ASP A 171 -35.84 12.00 -10.26
CA ASP A 171 -35.36 11.21 -11.38
C ASP A 171 -34.25 10.29 -10.86
N LYS A 172 -34.67 9.16 -10.30
CA LYS A 172 -33.77 8.09 -9.91
C LYS A 172 -34.14 6.92 -10.82
N SER A 173 -33.59 6.93 -12.01
CA SER A 173 -34.04 6.01 -13.05
C SER A 173 -33.00 5.01 -13.47
N ILE A 174 -31.75 5.44 -13.67
CA ILE A 174 -30.69 4.57 -14.16
C ILE A 174 -29.57 4.45 -13.16
N PHE A 175 -29.76 4.94 -11.93
CA PHE A 175 -28.68 4.98 -10.96
C PHE A 175 -28.30 3.58 -10.51
N ILE A 176 -27.01 3.33 -10.40
CA ILE A 176 -26.50 2.02 -10.00
C ILE A 176 -26.57 1.93 -8.47
N ASN A 177 -27.41 1.02 -7.97
CA ASN A 177 -27.44 0.76 -6.55
C ASN A 177 -26.39 -0.27 -6.18
N GLN A 178 -26.52 -0.82 -4.98
CA GLN A 178 -25.62 -1.83 -4.40
C GLN A 178 -24.17 -1.33 -4.35
N GLY A 179 -23.98 -0.04 -4.09
CA GLY A 179 -22.68 0.56 -4.25
C GLY A 179 -22.25 1.59 -3.22
N GLU A 180 -22.51 1.35 -1.93
CA GLU A 180 -22.04 2.14 -0.76
C GLU A 180 -22.75 3.50 -0.65
N TRP A 181 -23.39 4.01 -1.69
CA TRP A 181 -23.99 5.33 -1.62
C TRP A 181 -25.37 5.29 -2.25
N GLU A 182 -26.35 5.82 -1.54
CA GLU A 182 -27.73 5.86 -2.00
C GLU A 182 -28.08 7.27 -2.39
N LEU A 183 -28.59 7.45 -3.61
CA LEU A 183 -28.95 8.77 -4.11
C LEU A 183 -30.33 9.14 -3.63
N LEU A 184 -30.46 10.35 -3.09
CA LEU A 184 -31.74 10.81 -2.56
C LEU A 184 -32.43 11.82 -3.46
N GLU A 185 -31.71 12.84 -3.93
CA GLU A 185 -32.36 13.98 -4.54
C GLU A 185 -31.34 14.75 -5.37
N VAL A 186 -31.76 15.28 -6.51
CA VAL A 186 -30.94 16.17 -7.33
C VAL A 186 -31.74 17.45 -7.50
N PHE A 187 -31.32 18.51 -6.82
CA PHE A 187 -32.14 19.70 -6.71
C PHE A 187 -31.51 20.85 -7.47
N PRO A 188 -32.19 21.43 -8.46
CA PRO A 188 -31.61 22.54 -9.23
C PRO A 188 -31.94 23.89 -8.63
N GLN A 189 -31.13 24.87 -8.99
CA GLN A 189 -31.32 26.24 -8.51
C GLN A 189 -30.61 27.20 -9.47
N PHE A 190 -31.31 28.26 -9.85
CA PHE A 190 -30.71 29.31 -10.68
C PHE A 190 -30.24 30.44 -9.80
N LYS A 191 -29.14 31.06 -10.19
CA LYS A 191 -28.58 32.17 -9.44
C LYS A 191 -27.66 32.97 -10.35
N GLU A 192 -27.74 34.29 -10.26
CA GLU A 192 -26.89 35.20 -11.02
C GLU A 192 -25.93 35.88 -10.08
N PHE A 193 -24.64 35.87 -10.40
CA PHE A 193 -23.67 36.57 -9.57
C PHE A 193 -22.82 37.47 -10.45
N SER A 194 -22.31 38.53 -9.83
CA SER A 194 -21.48 39.51 -10.52
C SER A 194 -20.20 39.70 -9.72
N ILE A 195 -19.05 39.50 -10.38
CA ILE A 195 -17.77 39.76 -9.73
C ILE A 195 -17.32 41.20 -9.89
N ASP A 196 -18.04 41.99 -10.69
CA ASP A 196 -17.67 43.35 -10.99
C ASP A 196 -18.92 44.03 -11.51
N ILE A 197 -18.90 45.37 -11.53
CA ILE A 197 -19.95 46.11 -12.19
C ILE A 197 -19.85 45.87 -13.70
N SER A 198 -21.02 45.77 -14.34
CA SER A 198 -21.20 45.54 -15.78
C SER A 198 -20.57 44.23 -16.26
N ASN A 199 -20.40 43.25 -15.37
CA ASN A 199 -19.91 41.92 -15.73
C ASN A 199 -20.68 40.91 -14.90
N SER A 200 -21.80 40.43 -15.43
CA SER A 200 -22.60 39.44 -14.74
C SER A 200 -22.46 38.10 -15.43
N TYR A 201 -22.49 37.04 -14.65
CA TYR A 201 -22.26 35.69 -15.13
C TYR A 201 -23.37 34.80 -14.64
N ALA A 202 -24.12 34.23 -15.56
CA ALA A 202 -25.18 33.31 -15.19
C ALA A 202 -24.60 31.98 -14.75
N GLU A 203 -25.30 31.31 -13.84
CA GLU A 203 -24.89 29.97 -13.46
C GLU A 203 -26.11 29.19 -13.02
N MET A 204 -25.93 27.89 -12.90
CA MET A 204 -27.00 26.96 -12.55
C MET A 204 -26.42 25.94 -11.60
N LYS A 205 -26.99 25.84 -10.40
CA LYS A 205 -26.45 24.97 -9.38
C LYS A 205 -27.32 23.74 -9.22
N PHE A 206 -26.72 22.56 -9.34
CA PHE A 206 -27.35 21.31 -8.98
C PHE A 206 -26.80 20.85 -7.64
N TYR A 207 -27.69 20.53 -6.71
CA TYR A 207 -27.29 19.96 -5.44
C TYR A 207 -27.59 18.47 -5.45
N VAL A 208 -26.58 17.66 -5.23
CA VAL A 208 -26.80 16.24 -5.04
C VAL A 208 -26.78 15.95 -3.55
N ILE A 209 -27.59 14.98 -3.12
CA ILE A 209 -27.67 14.59 -1.72
C ILE A 209 -27.56 13.08 -1.66
N ILE A 210 -26.50 12.58 -1.06
CA ILE A 210 -26.23 11.14 -1.01
C ILE A 210 -26.14 10.72 0.45
N ARG A 211 -26.49 9.46 0.71
CA ARG A 211 -26.47 8.92 2.06
C ARG A 211 -25.72 7.61 2.07
N ARG A 212 -24.80 7.45 3.01
CA ARG A 212 -24.02 6.24 3.09
C ARG A 212 -24.84 5.10 3.68
N ARG A 213 -24.69 3.91 3.10
CA ARG A 213 -25.31 2.74 3.70
C ARG A 213 -24.44 2.23 4.84
N PRO A 214 -24.94 2.21 6.07
CA PRO A 214 -24.08 1.90 7.21
C PRO A 214 -23.85 0.44 7.47
N LEU A 215 -24.37 -0.44 6.62
CA LEU A 215 -24.33 -1.88 6.88
C LEU A 215 -22.92 -2.44 6.79
N PHE A 216 -22.03 -1.79 6.05
CA PHE A 216 -20.73 -2.40 5.80
C PHE A 216 -19.84 -2.28 7.01
N TYR A 217 -20.14 -1.35 7.89
CA TYR A 217 -19.29 -1.01 9.01
C TYR A 217 -19.82 -1.54 10.33
N ALA A 218 -21.00 -2.14 10.34
CA ALA A 218 -21.48 -2.81 11.53
C ALA A 218 -20.84 -4.18 11.74
N VAL A 219 -20.05 -4.66 10.78
CA VAL A 219 -19.30 -5.89 10.96
C VAL A 219 -17.81 -5.63 11.03
N SER A 220 -17.34 -4.46 10.61
CA SER A 220 -15.91 -4.19 10.58
C SER A 220 -15.42 -3.46 11.81
N LEU A 221 -16.30 -2.83 12.59
CA LEU A 221 -15.88 -2.18 13.81
C LEU A 221 -16.79 -2.41 15.00
N LEU A 222 -18.00 -2.94 14.80
CA LEU A 222 -18.83 -3.24 15.96
C LEU A 222 -18.50 -4.62 16.51
N LEU A 223 -18.16 -5.56 15.65
CA LEU A 223 -17.98 -6.94 16.10
C LEU A 223 -16.72 -7.15 16.95
N PRO A 224 -15.52 -6.67 16.59
CA PRO A 224 -14.41 -6.84 17.53
C PRO A 224 -14.48 -5.93 18.74
N SER A 225 -15.33 -4.91 18.73
CA SER A 225 -15.41 -4.02 19.88
C SER A 225 -16.15 -4.69 21.04
N ILE A 226 -17.29 -5.31 20.76
CA ILE A 226 -18.01 -6.01 21.81
C ILE A 226 -17.41 -7.37 22.11
N PHE A 227 -16.55 -7.88 21.23
CA PHE A 227 -15.97 -9.18 21.46
C PHE A 227 -14.89 -9.14 22.53
N LEU A 228 -14.18 -8.04 22.66
CA LEU A 228 -13.22 -7.88 23.73
C LEU A 228 -13.84 -7.26 24.97
N MET A 229 -15.16 -7.38 25.12
CA MET A 229 -15.82 -7.24 26.40
C MET A 229 -16.35 -8.55 26.93
N VAL A 230 -16.71 -9.48 26.04
CA VAL A 230 -17.18 -10.78 26.50
C VAL A 230 -16.02 -11.66 26.96
N VAL A 231 -14.79 -11.28 26.65
CA VAL A 231 -13.65 -12.03 27.18
C VAL A 231 -13.36 -11.61 28.62
N ASP A 232 -13.50 -10.33 28.93
CA ASP A 232 -13.22 -9.86 30.29
C ASP A 232 -14.29 -10.24 31.29
N ILE A 233 -15.50 -10.54 30.82
CA ILE A 233 -16.48 -11.12 31.72
C ILE A 233 -16.07 -12.54 32.08
N VAL A 234 -15.46 -13.26 31.13
CA VAL A 234 -14.87 -14.55 31.46
C VAL A 234 -13.60 -14.34 32.28
N GLY A 235 -12.93 -13.22 32.09
CA GLY A 235 -11.61 -13.02 32.68
C GLY A 235 -11.62 -12.81 34.17
N PHE A 236 -12.71 -12.28 34.72
CA PHE A 236 -12.76 -12.10 36.17
C PHE A 236 -13.00 -13.39 36.94
N CYS A 237 -13.35 -14.48 36.28
CA CYS A 237 -13.63 -15.69 37.03
C CYS A 237 -12.37 -16.41 37.50
N LEU A 238 -11.20 -16.00 37.04
CA LEU A 238 -9.96 -16.52 37.61
C LEU A 238 -9.81 -16.03 39.04
N PRO A 239 -9.38 -16.89 39.95
CA PRO A 239 -9.09 -16.44 41.30
C PRO A 239 -7.82 -15.60 41.31
N PRO A 240 -7.79 -14.52 42.09
CA PRO A 240 -6.73 -13.51 41.93
C PRO A 240 -5.36 -13.95 42.40
N ASP A 241 -5.28 -14.87 43.34
CA ASP A 241 -4.01 -15.30 43.89
C ASP A 241 -3.31 -16.35 43.04
N SER A 242 -3.84 -16.67 41.86
CA SER A 242 -3.23 -17.70 41.03
C SER A 242 -1.95 -17.20 40.39
N GLY A 243 -2.02 -16.07 39.69
CA GLY A 243 -0.82 -15.46 39.16
C GLY A 243 -0.94 -15.08 37.70
N GLU A 244 -1.84 -15.75 37.00
CA GLU A 244 -2.06 -15.49 35.58
C GLU A 244 -3.12 -14.43 35.33
N ARG A 245 -3.83 -14.00 36.37
CA ARG A 245 -4.89 -13.01 36.19
C ARG A 245 -4.32 -11.66 35.79
N VAL A 246 -3.11 -11.33 36.29
CA VAL A 246 -2.45 -10.13 35.83
C VAL A 246 -1.94 -10.31 34.40
N SER A 247 -1.42 -11.51 34.11
CA SER A 247 -0.94 -11.79 32.76
C SER A 247 -2.07 -11.96 31.76
N PHE A 248 -3.27 -12.26 32.23
CA PHE A 248 -4.41 -12.38 31.31
C PHE A 248 -4.88 -11.00 30.86
N LYS A 249 -5.07 -10.09 31.80
CA LYS A 249 -5.64 -8.78 31.51
C LYS A 249 -4.68 -7.85 30.79
N ILE A 250 -3.41 -8.21 30.67
CA ILE A 250 -2.49 -7.39 29.88
C ILE A 250 -2.39 -7.88 28.44
N THR A 251 -2.67 -9.16 28.18
CA THR A 251 -2.54 -9.70 26.84
C THR A 251 -3.62 -9.14 25.93
N LEU A 252 -4.87 -9.12 26.40
CA LEU A 252 -5.94 -8.61 25.57
C LEU A 252 -5.94 -7.09 25.49
N LEU A 253 -5.39 -6.42 26.51
CA LEU A 253 -5.20 -4.99 26.42
C LEU A 253 -4.17 -4.64 25.36
N LEU A 254 -3.11 -5.44 25.26
CA LEU A 254 -2.23 -5.38 24.10
C LEU A 254 -3.00 -5.72 22.83
N GLY A 255 -3.88 -6.72 22.90
CA GLY A 255 -4.63 -7.15 21.74
C GLY A 255 -5.63 -6.14 21.24
N TYR A 256 -6.11 -5.25 22.09
CA TYR A 256 -7.02 -4.21 21.63
C TYR A 256 -6.28 -2.97 21.18
N SER A 257 -5.09 -2.73 21.71
CA SER A 257 -4.30 -1.58 21.27
C SER A 257 -3.78 -1.77 19.86
N VAL A 258 -3.61 -3.02 19.42
CA VAL A 258 -3.33 -3.29 18.02
C VAL A 258 -4.56 -2.95 17.17
N PHE A 259 -5.75 -3.21 17.72
CA PHE A 259 -6.98 -3.05 16.96
C PHE A 259 -7.30 -1.57 16.70
N LEU A 260 -6.98 -0.69 17.64
CA LEU A 260 -7.29 0.72 17.45
C LEU A 260 -6.44 1.34 16.36
N ILE A 261 -5.24 0.80 16.14
CA ILE A 261 -4.32 1.38 15.18
C ILE A 261 -4.56 0.82 13.78
N ILE A 262 -4.85 -0.48 13.67
CA ILE A 262 -5.02 -1.11 12.36
C ILE A 262 -6.35 -0.73 11.71
N VAL A 263 -7.25 -0.10 12.44
CA VAL A 263 -8.53 0.32 11.89
C VAL A 263 -8.53 1.81 11.56
N SER A 264 -7.85 2.63 12.37
CA SER A 264 -7.86 4.09 12.25
C SER A 264 -7.29 4.61 10.94
N ASP A 265 -6.55 3.80 10.19
CA ASP A 265 -6.13 4.22 8.86
C ASP A 265 -7.25 4.09 7.84
N THR A 266 -8.17 3.16 8.02
CA THR A 266 -9.29 2.97 7.10
C THR A 266 -10.51 3.79 7.49
N LEU A 267 -10.44 4.54 8.59
CA LEU A 267 -11.53 5.40 9.02
C LEU A 267 -11.02 6.83 9.10
N PRO A 268 -11.54 7.75 8.27
CA PRO A 268 -10.93 9.07 8.16
C PRO A 268 -11.38 10.01 9.26
N ALA A 269 -10.53 10.99 9.54
CA ALA A 269 -10.80 12.03 10.54
C ALA A 269 -10.30 13.35 9.96
N THR A 270 -11.18 14.04 9.26
CA THR A 270 -10.88 15.31 8.61
C THR A 270 -11.27 16.47 9.52
N ALA A 271 -11.51 17.64 8.91
CA ALA A 271 -11.66 18.91 9.62
C ALA A 271 -12.88 18.94 10.53
N ILE A 272 -13.08 20.12 11.11
CA ILE A 272 -13.47 20.36 12.50
C ILE A 272 -14.46 19.36 13.08
N GLY A 273 -14.13 18.84 14.24
CA GLY A 273 -14.88 17.77 14.87
C GLY A 273 -14.28 16.41 14.55
N THR A 274 -14.27 15.54 15.55
CA THR A 274 -13.95 14.14 15.43
C THR A 274 -15.23 13.35 15.17
N PRO A 275 -15.16 12.22 14.49
CA PRO A 275 -16.34 11.38 14.36
C PRO A 275 -16.78 10.82 15.71
N LEU A 276 -18.09 10.72 15.88
CA LEU A 276 -18.67 10.36 17.17
C LEU A 276 -18.47 8.91 17.55
N ILE A 277 -17.93 8.06 16.67
CA ILE A 277 -17.54 6.74 17.13
C ILE A 277 -16.19 6.78 17.82
N GLY A 278 -15.39 7.82 17.58
CA GLY A 278 -14.11 7.93 18.27
C GLY A 278 -14.26 8.20 19.75
N VAL A 279 -15.37 8.81 20.15
CA VAL A 279 -15.68 8.92 21.57
C VAL A 279 -16.10 7.57 22.12
N TYR A 280 -16.82 6.79 21.33
CA TYR A 280 -17.30 5.50 21.80
C TYR A 280 -16.24 4.40 21.74
N PHE A 281 -15.01 4.72 21.35
CA PHE A 281 -13.89 3.82 21.54
C PHE A 281 -13.01 4.21 22.72
N VAL A 282 -13.04 5.47 23.13
CA VAL A 282 -12.32 5.87 24.32
C VAL A 282 -13.02 5.33 25.56
N VAL A 283 -14.35 5.30 25.54
CA VAL A 283 -15.10 4.70 26.63
C VAL A 283 -14.89 3.19 26.67
N CYS A 284 -14.55 2.59 25.52
CA CYS A 284 -14.16 1.18 25.52
C CYS A 284 -12.82 0.96 26.20
N MET A 285 -11.97 1.99 26.29
CA MET A 285 -10.74 1.84 27.06
C MET A 285 -10.98 2.06 28.54
N ALA A 286 -11.85 2.98 28.91
CA ALA A 286 -12.09 3.26 30.32
C ALA A 286 -12.85 2.13 31.01
N LEU A 287 -13.51 1.27 30.26
CA LEU A 287 -14.00 0.04 30.86
C LEU A 287 -12.97 -1.08 30.77
N LEU A 288 -11.75 -0.78 30.37
CA LEU A 288 -10.73 -1.79 30.19
C LEU A 288 -9.48 -1.51 31.01
N VAL A 289 -9.17 -0.23 31.25
CA VAL A 289 -8.10 0.11 32.18
C VAL A 289 -8.59 0.00 33.61
N ILE A 290 -9.85 0.37 33.86
CA ILE A 290 -10.43 0.20 35.19
C ILE A 290 -10.60 -1.28 35.51
N SER A 291 -10.86 -2.10 34.50
CA SER A 291 -10.81 -3.54 34.70
C SER A 291 -9.39 -4.03 34.97
N LEU A 292 -8.39 -3.33 34.44
CA LEU A 292 -7.02 -3.68 34.75
C LEU A 292 -6.60 -3.11 36.10
N ALA A 293 -7.03 -1.89 36.41
CA ALA A 293 -6.56 -1.24 37.63
C ALA A 293 -7.33 -1.67 38.88
N GLU A 294 -8.17 -2.69 38.80
CA GLU A 294 -8.73 -3.25 40.02
C GLU A 294 -8.14 -4.60 40.36
N THR A 295 -7.71 -5.39 39.36
CA THR A 295 -6.99 -6.61 39.68
C THR A 295 -5.60 -6.32 40.20
N ILE A 296 -5.04 -5.14 39.89
CA ILE A 296 -3.82 -4.72 40.55
C ILE A 296 -4.10 -4.43 42.02
N PHE A 297 -5.30 -3.94 42.33
CA PHE A 297 -5.63 -3.66 43.72
C PHE A 297 -5.87 -4.93 44.52
N ILE A 298 -6.36 -6.00 43.88
CA ILE A 298 -6.62 -7.22 44.62
C ILE A 298 -5.34 -8.02 44.85
N VAL A 299 -4.48 -8.08 43.84
CA VAL A 299 -3.21 -8.82 43.95
C VAL A 299 -2.31 -8.18 44.99
N ARG A 300 -2.33 -6.84 45.06
CA ARG A 300 -1.62 -6.16 46.14
C ARG A 300 -2.26 -6.45 47.49
N LEU A 301 -3.56 -6.72 47.50
CA LEU A 301 -4.26 -6.92 48.76
C LEU A 301 -4.15 -8.37 49.24
N VAL A 302 -3.96 -9.32 48.34
CA VAL A 302 -3.90 -10.74 48.68
C VAL A 302 -2.52 -11.24 48.28
N HIS A 303 -1.62 -11.35 49.26
CA HIS A 303 -0.24 -11.75 49.00
C HIS A 303 0.39 -12.12 50.33
N LYS A 304 1.48 -12.88 50.27
CA LYS A 304 2.21 -13.31 51.47
C LYS A 304 3.52 -12.52 51.53
N GLN A 305 3.52 -11.46 52.32
CA GLN A 305 4.63 -10.51 52.40
C GLN A 305 4.87 -10.06 53.83
N ASP A 306 4.88 -11.03 54.77
CA ASP A 306 4.92 -10.94 56.23
C ASP A 306 4.16 -9.74 56.81
N LEU A 307 2.95 -9.56 56.33
CA LEU A 307 2.13 -8.40 56.64
C LEU A 307 1.45 -8.57 58.00
N GLN A 308 0.80 -7.49 58.45
CA GLN A 308 0.18 -7.45 59.77
C GLN A 308 -1.25 -7.99 59.70
N ARG A 309 -1.89 -8.16 60.86
CA ARG A 309 -3.26 -8.69 60.85
C ARG A 309 -4.17 -7.56 60.35
N PRO A 310 -5.24 -7.87 59.60
CA PRO A 310 -6.14 -6.82 59.12
C PRO A 310 -6.91 -6.12 60.24
N VAL A 311 -7.28 -4.88 59.98
CA VAL A 311 -7.69 -3.96 61.03
C VAL A 311 -9.16 -4.21 61.37
N PRO A 312 -9.54 -4.31 62.65
CA PRO A 312 -10.96 -4.55 63.00
C PRO A 312 -11.87 -3.37 62.74
N ASP A 313 -11.33 -2.18 62.44
CA ASP A 313 -12.14 -1.13 61.85
C ASP A 313 -12.75 -1.59 60.54
N TRP A 314 -11.95 -2.26 59.72
CA TRP A 314 -12.35 -2.62 58.38
C TRP A 314 -12.65 -4.11 58.25
N LEU A 315 -12.76 -4.80 59.38
CA LEU A 315 -13.22 -6.18 59.37
C LEU A 315 -14.73 -6.26 59.52
N ARG A 316 -15.29 -5.61 60.54
CA ARG A 316 -16.73 -5.57 60.69
C ARG A 316 -17.39 -4.59 59.74
N HIS A 317 -16.61 -3.70 59.12
CA HIS A 317 -17.13 -2.88 58.03
C HIS A 317 -17.39 -3.72 56.79
N LEU A 318 -16.65 -4.80 56.60
CA LEU A 318 -16.67 -5.52 55.35
C LEU A 318 -17.22 -6.93 55.48
N VAL A 319 -16.63 -7.75 56.35
CA VAL A 319 -16.96 -9.17 56.42
C VAL A 319 -18.33 -9.39 57.03
N LEU A 320 -18.64 -8.71 58.12
CA LEU A 320 -19.92 -8.87 58.79
C LEU A 320 -21.00 -7.95 58.25
N ASP A 321 -20.72 -7.20 57.18
CA ASP A 321 -21.73 -6.37 56.53
C ASP A 321 -22.16 -6.91 55.18
N ARG A 322 -21.19 -7.15 54.27
CA ARG A 322 -21.48 -7.42 52.87
C ARG A 322 -22.06 -8.82 52.62
N ILE A 323 -22.24 -9.64 53.66
CA ILE A 323 -23.00 -10.88 53.50
C ILE A 323 -24.50 -10.63 53.57
N ALA A 324 -24.93 -9.38 53.76
CA ALA A 324 -26.34 -9.04 53.76
C ALA A 324 -26.70 -7.84 52.90
N TRP A 325 -25.75 -7.02 52.49
CA TRP A 325 -26.04 -5.94 51.56
C TRP A 325 -26.39 -6.49 50.18
N ILE A 326 -25.44 -7.18 49.56
CA ILE A 326 -25.66 -7.73 48.22
C ILE A 326 -25.42 -9.23 48.22
N LEU A 327 -24.22 -9.65 48.60
CA LEU A 327 -23.86 -11.06 48.52
C LEU A 327 -24.38 -11.79 49.76
N CYS A 328 -23.94 -13.03 49.95
CA CYS A 328 -24.35 -13.82 51.09
C CYS A 328 -23.16 -14.57 51.69
N LEU A 385 16.79 -33.47 86.77
CA LEU A 385 17.11 -32.31 85.94
C LEU A 385 16.78 -32.58 84.49
N ALA A 386 16.70 -33.87 84.14
CA ALA A 386 16.50 -34.26 82.75
C ALA A 386 15.10 -33.93 82.24
N VAL A 387 14.13 -33.74 83.14
CA VAL A 387 12.80 -33.37 82.70
C VAL A 387 12.78 -31.93 82.21
N ARG A 388 13.41 -31.02 82.97
CA ARG A 388 13.42 -29.61 82.61
C ARG A 388 14.33 -29.35 81.42
N GLY A 389 15.33 -30.20 81.21
CA GLY A 389 16.20 -30.05 80.05
C GLY A 389 15.47 -30.34 78.76
N LEU A 390 14.67 -31.41 78.73
CA LEU A 390 13.86 -31.69 77.55
C LEU A 390 12.66 -30.75 77.44
N LEU A 391 12.19 -30.24 78.57
CA LEU A 391 11.12 -29.25 78.53
C LEU A 391 11.61 -27.95 77.91
N GLN A 392 12.87 -27.60 78.13
CA GLN A 392 13.48 -26.48 77.43
C GLN A 392 13.57 -26.76 75.93
N GLU A 393 13.80 -28.03 75.56
CA GLU A 393 13.93 -28.36 74.16
C GLU A 393 12.58 -28.45 73.46
N LEU A 394 11.58 -29.05 74.12
CA LEU A 394 10.30 -29.28 73.45
C LEU A 394 9.50 -28.00 73.28
N SER A 395 9.51 -27.13 74.29
CA SER A 395 8.77 -25.88 74.19
C SER A 395 9.37 -24.96 73.16
N SER A 396 10.68 -25.05 72.94
CA SER A 396 11.31 -24.28 71.88
C SER A 396 10.94 -24.82 70.50
N ILE A 397 10.64 -26.11 70.41
CA ILE A 397 10.16 -26.66 69.14
C ILE A 397 8.76 -26.14 68.85
N ARG A 398 7.89 -26.15 69.86
CA ARG A 398 6.52 -25.66 69.68
C ARG A 398 6.49 -24.18 69.36
N HIS A 399 7.44 -23.42 69.90
CA HIS A 399 7.53 -22.00 69.56
C HIS A 399 7.95 -21.80 68.12
N PHE A 400 8.72 -22.74 67.55
CA PHE A 400 9.08 -22.63 66.15
C PHE A 400 7.96 -23.05 65.21
N LEU A 401 6.97 -23.77 65.72
CA LEU A 401 5.84 -24.16 64.88
C LEU A 401 4.65 -23.22 65.03
N GLU A 402 4.42 -22.67 66.23
CA GLU A 402 3.23 -21.86 66.42
C GLU A 402 3.34 -20.51 65.75
N LYS A 403 4.55 -20.00 65.51
CA LYS A 403 4.66 -18.81 64.70
C LYS A 403 4.62 -19.12 63.22
N ARG A 404 4.87 -20.37 62.83
CA ARG A 404 4.55 -20.78 61.49
C ARG A 404 3.05 -20.89 61.29
N ASP A 405 2.34 -21.32 62.33
CA ASP A 405 0.88 -21.38 62.28
C ASP A 405 0.27 -19.98 62.25
N GLU A 406 0.87 -19.05 63.00
CA GLU A 406 0.29 -17.71 63.13
C GLU A 406 0.40 -16.93 61.82
N MET A 407 1.47 -17.16 61.06
CA MET A 407 1.64 -16.44 59.81
C MET A 407 0.70 -16.93 58.73
N ARG A 408 0.16 -18.14 58.85
CA ARG A 408 -0.82 -18.59 57.87
C ARG A 408 -2.24 -18.20 58.22
N GLU A 409 -2.55 -18.06 59.51
CA GLU A 409 -3.90 -17.63 59.88
C GLU A 409 -4.10 -16.15 59.61
N VAL A 410 -3.04 -15.35 59.64
CA VAL A 410 -3.14 -13.97 59.21
C VAL A 410 -3.40 -13.89 57.72
N ALA A 411 -2.69 -14.72 56.95
CA ALA A 411 -2.85 -14.71 55.51
C ALA A 411 -4.17 -15.30 55.05
N ARG A 412 -4.89 -16.01 55.92
CA ARG A 412 -6.24 -16.42 55.56
C ARG A 412 -7.21 -15.26 55.61
N ASP A 413 -6.98 -14.28 56.48
CA ASP A 413 -7.97 -13.25 56.71
C ASP A 413 -8.01 -12.21 55.59
N TRP A 414 -6.85 -11.77 55.11
CA TRP A 414 -6.82 -10.89 53.94
C TRP A 414 -7.37 -11.57 52.72
N LEU A 415 -7.01 -12.84 52.56
CA LEU A 415 -7.50 -13.71 51.52
C LEU A 415 -9.01 -13.90 51.60
N ARG A 416 -9.57 -13.84 52.80
CA ARG A 416 -11.02 -13.83 52.96
C ARG A 416 -11.61 -12.49 52.55
N VAL A 417 -10.93 -11.40 52.91
CA VAL A 417 -11.39 -10.07 52.50
C VAL A 417 -11.27 -9.90 50.99
N GLY A 418 -10.22 -10.49 50.41
CA GLY A 418 -9.96 -10.32 49.00
C GLY A 418 -10.96 -10.97 48.07
N TYR A 419 -11.70 -11.97 48.56
CA TYR A 419 -12.73 -12.56 47.70
C TYR A 419 -14.03 -11.80 47.78
N VAL A 420 -14.31 -11.14 48.90
CA VAL A 420 -15.56 -10.42 49.03
C VAL A 420 -15.53 -9.16 48.19
N LEU A 421 -14.39 -8.48 48.15
CA LEU A 421 -14.26 -7.33 47.26
C LEU A 421 -14.24 -7.73 45.80
N ASP A 422 -13.77 -8.94 45.49
CA ASP A 422 -13.74 -9.36 44.10
C ASP A 422 -15.13 -9.66 43.57
N ARG A 423 -16.01 -10.22 44.39
CA ARG A 423 -17.39 -10.41 43.95
C ARG A 423 -18.15 -9.10 43.92
N LEU A 424 -17.80 -8.16 44.79
CA LEU A 424 -18.50 -6.88 44.82
C LEU A 424 -18.12 -6.02 43.63
N LEU A 425 -16.83 -5.99 43.28
CA LEU A 425 -16.41 -5.28 42.08
C LEU A 425 -16.82 -6.01 40.81
N PHE A 426 -17.15 -7.29 40.89
CA PHE A 426 -17.61 -8.00 39.71
C PHE A 426 -19.03 -7.63 39.35
N ARG A 427 -19.86 -7.30 40.34
CA ARG A 427 -21.25 -6.94 40.05
C ARG A 427 -21.36 -5.55 39.46
N ILE A 428 -20.67 -4.56 40.03
CA ILE A 428 -20.82 -3.20 39.52
C ILE A 428 -20.06 -3.03 38.22
N TYR A 429 -19.10 -3.91 37.94
CA TYR A 429 -18.56 -3.94 36.60
C TYR A 429 -19.53 -4.59 35.63
N LEU A 430 -20.31 -5.56 36.10
CA LEU A 430 -21.30 -6.18 35.26
C LEU A 430 -22.49 -5.26 35.04
N LEU A 431 -22.78 -4.36 35.98
CA LEU A 431 -23.82 -3.36 35.76
C LEU A 431 -23.31 -2.18 34.94
N ALA A 432 -22.01 -1.89 34.97
CA ALA A 432 -21.50 -0.80 34.15
C ALA A 432 -21.48 -1.17 32.68
N VAL A 433 -21.22 -2.44 32.36
CA VAL A 433 -21.30 -2.87 30.96
C VAL A 433 -22.76 -2.96 30.52
N LEU A 434 -23.63 -3.40 31.42
CA LEU A 434 -25.04 -3.58 31.06
C LEU A 434 -25.74 -2.24 30.88
N ALA A 435 -25.43 -1.26 31.73
CA ALA A 435 -26.03 0.06 31.57
C ALA A 435 -25.43 0.85 30.42
N TYR A 436 -24.24 0.46 29.95
CA TYR A 436 -23.66 1.13 28.79
C TYR A 436 -24.14 0.52 27.48
N SER A 437 -24.38 -0.79 27.46
CA SER A 437 -24.80 -1.43 26.22
C SER A 437 -26.24 -1.14 25.87
N ILE A 438 -27.08 -0.81 26.85
CA ILE A 438 -28.45 -0.44 26.53
C ILE A 438 -28.54 0.99 26.01
N THR A 439 -27.61 1.85 26.42
CA THR A 439 -27.55 3.20 25.86
C THR A 439 -27.08 3.15 24.41
N LEU A 440 -26.24 2.16 24.08
CA LEU A 440 -25.79 2.01 22.70
C LEU A 440 -26.92 1.50 21.80
N VAL A 441 -27.80 0.66 22.33
CA VAL A 441 -28.88 0.12 21.51
C VAL A 441 -29.94 1.18 21.25
N THR A 442 -30.30 1.95 22.28
CA THR A 442 -31.39 2.91 22.12
C THR A 442 -31.01 4.11 21.25
N LEU A 443 -29.72 4.35 21.02
CA LEU A 443 -29.32 5.33 20.01
C LEU A 443 -29.27 4.74 18.63
N TRP A 444 -29.43 3.42 18.50
CA TRP A 444 -29.53 2.78 17.20
C TRP A 444 -30.98 2.58 16.76
N SER A 445 -31.90 2.42 17.71
CA SER A 445 -33.30 2.26 17.35
C SER A 445 -33.98 3.58 17.01
N ILE A 446 -33.48 4.70 17.54
CA ILE A 446 -34.04 6.00 17.18
C ILE A 446 -33.71 6.33 15.72
N TRP A 447 -32.47 6.07 15.30
CA TRP A 447 -32.12 6.33 13.92
C TRP A 447 -32.79 5.35 12.96
N HIS A 448 -32.86 4.07 13.35
CA HIS A 448 -33.43 3.06 12.47
C HIS A 448 -34.93 3.25 12.26
N TYR A 449 -35.62 3.72 13.28
CA TYR A 449 -37.04 4.03 13.14
C TYR A 449 -37.18 5.37 12.42
N SER A 450 -37.89 5.35 11.29
CA SER A 450 -38.12 6.50 10.41
C SER A 450 -36.83 7.17 9.94
N THR B 1 -8.71 7.47 -71.69
CA THR B 1 -7.97 7.41 -70.45
C THR B 1 -6.62 6.73 -70.62
N THR B 2 -5.86 6.64 -69.54
CA THR B 2 -4.57 5.98 -69.50
C THR B 2 -4.63 4.89 -68.44
N GLN B 3 -3.47 4.37 -68.07
CA GLN B 3 -3.37 3.35 -67.03
C GLN B 3 -2.35 3.78 -65.95
N PRO B 4 -2.71 4.75 -65.09
CA PRO B 4 -1.80 5.08 -63.99
C PRO B 4 -1.70 3.98 -62.96
N ALA B 5 -2.84 3.54 -62.41
CA ALA B 5 -2.88 2.55 -61.33
C ALA B 5 -4.29 2.07 -61.05
N LEU B 6 -4.46 1.41 -59.92
CA LEU B 6 -5.77 1.32 -59.29
C LEU B 6 -6.19 2.61 -58.62
N LEU B 7 -5.30 3.60 -58.49
CA LEU B 7 -5.61 4.79 -57.70
C LEU B 7 -6.64 5.68 -58.35
N ARG B 8 -6.87 5.54 -59.66
CA ARG B 8 -7.93 6.29 -60.28
C ARG B 8 -9.31 5.80 -59.87
N LEU B 9 -9.40 4.57 -59.36
CA LEU B 9 -10.59 4.19 -58.60
C LEU B 9 -10.68 5.00 -57.32
N SER B 10 -9.58 5.15 -56.60
CA SER B 10 -9.61 5.89 -55.35
C SER B 10 -9.84 7.38 -55.56
N ASP B 11 -9.59 7.88 -56.76
CA ASP B 11 -9.99 9.24 -57.08
C ASP B 11 -11.44 9.32 -57.49
N HIS B 12 -11.98 8.25 -58.08
CA HIS B 12 -13.35 8.26 -58.54
C HIS B 12 -14.34 8.25 -57.37
N LEU B 13 -13.96 7.65 -56.26
CA LEU B 13 -14.86 7.58 -55.13
C LEU B 13 -14.79 8.84 -54.28
N LEU B 14 -13.59 9.21 -53.85
CA LEU B 14 -13.41 10.24 -52.84
C LEU B 14 -13.22 11.63 -53.43
N ALA B 15 -13.75 11.89 -54.62
CA ALA B 15 -13.64 13.23 -55.18
C ALA B 15 -14.74 14.14 -54.63
N ASN B 16 -15.97 13.64 -54.57
CA ASN B 16 -17.09 14.44 -54.12
C ASN B 16 -17.79 13.81 -52.92
N TYR B 17 -17.17 12.85 -52.27
CA TYR B 17 -17.77 12.25 -51.09
C TYR B 17 -17.66 13.19 -49.92
N LYS B 18 -18.79 13.44 -49.26
CA LYS B 18 -18.84 14.34 -48.12
C LYS B 18 -18.90 13.52 -46.85
N LYS B 19 -18.06 13.89 -45.89
CA LYS B 19 -17.77 13.01 -44.77
C LYS B 19 -18.91 12.98 -43.76
N GLY B 20 -19.60 14.09 -43.58
CA GLY B 20 -20.55 14.19 -42.49
C GLY B 20 -21.95 13.72 -42.77
N VAL B 21 -22.36 13.71 -44.01
CA VAL B 21 -23.73 13.36 -44.35
C VAL B 21 -23.92 11.87 -44.25
N ARG B 22 -25.05 11.44 -43.70
CA ARG B 22 -25.32 10.01 -43.55
C ARG B 22 -25.58 9.41 -44.92
N PRO B 23 -24.88 8.37 -45.30
CA PRO B 23 -24.84 7.97 -46.70
C PRO B 23 -26.00 7.10 -47.16
N VAL B 24 -27.10 7.71 -47.59
CA VAL B 24 -28.22 6.95 -48.12
C VAL B 24 -28.92 7.78 -49.19
N ARG B 25 -29.50 7.11 -50.19
CA ARG B 25 -30.21 7.80 -51.25
C ARG B 25 -31.49 8.43 -50.74
N ASP B 26 -32.42 7.61 -50.26
CA ASP B 26 -33.66 8.09 -49.68
C ASP B 26 -33.49 8.17 -48.17
N TRP B 27 -33.95 9.27 -47.59
CA TRP B 27 -33.71 9.51 -46.18
C TRP B 27 -34.61 8.71 -45.25
N ARG B 28 -35.49 7.88 -45.80
CA ARG B 28 -36.40 7.11 -44.94
C ARG B 28 -35.84 5.73 -44.63
N LYS B 29 -34.97 5.21 -45.47
CA LYS B 29 -34.41 3.89 -45.25
C LYS B 29 -33.32 3.96 -44.20
N PRO B 30 -33.40 3.17 -43.14
CA PRO B 30 -32.38 3.23 -42.10
C PRO B 30 -31.12 2.47 -42.48
N THR B 31 -30.00 2.98 -41.99
CA THR B 31 -28.71 2.32 -42.16
C THR B 31 -28.56 1.23 -41.11
N THR B 32 -28.20 0.03 -41.54
CA THR B 32 -28.19 -1.14 -40.67
C THR B 32 -26.76 -1.61 -40.46
N VAL B 33 -26.22 -1.37 -39.28
CA VAL B 33 -24.91 -1.88 -38.93
C VAL B 33 -25.09 -3.26 -38.34
N SER B 34 -24.00 -4.03 -38.27
CA SER B 34 -24.08 -5.41 -37.81
C SER B 34 -22.81 -5.75 -37.06
N ILE B 35 -22.90 -6.01 -35.76
CA ILE B 35 -21.72 -6.11 -34.92
C ILE B 35 -21.44 -7.57 -34.58
N ASP B 36 -20.31 -7.80 -33.92
CA ASP B 36 -19.87 -9.10 -33.42
C ASP B 36 -18.71 -8.85 -32.46
N VAL B 37 -18.60 -9.69 -31.43
CA VAL B 37 -17.51 -9.55 -30.47
C VAL B 37 -16.91 -10.91 -30.14
N ILE B 38 -15.68 -10.87 -29.62
CA ILE B 38 -14.99 -12.03 -29.06
C ILE B 38 -14.27 -11.57 -27.80
N MET B 39 -14.51 -12.25 -26.67
CA MET B 39 -13.77 -11.98 -25.46
C MET B 39 -12.30 -12.35 -25.63
N TYR B 40 -11.42 -11.57 -25.05
CA TYR B 40 -10.01 -11.90 -25.09
C TYR B 40 -9.42 -12.11 -23.71
N ALA B 41 -9.58 -11.16 -22.80
CA ALA B 41 -9.03 -11.32 -21.47
C ALA B 41 -9.95 -10.62 -20.48
N ILE B 42 -9.76 -10.93 -19.21
CA ILE B 42 -10.49 -10.26 -18.13
C ILE B 42 -9.44 -9.71 -17.19
N LEU B 43 -9.25 -8.39 -17.24
CA LEU B 43 -8.08 -7.81 -16.60
C LEU B 43 -8.28 -7.67 -15.10
N ASN B 44 -9.43 -7.19 -14.67
CA ASN B 44 -9.62 -6.90 -13.25
C ASN B 44 -11.11 -6.91 -12.95
N VAL B 45 -11.47 -7.52 -11.84
CA VAL B 45 -12.83 -7.48 -11.32
C VAL B 45 -12.75 -6.88 -9.93
N ASP B 46 -13.12 -5.61 -9.81
CA ASP B 46 -13.03 -4.88 -8.55
C ASP B 46 -14.37 -5.03 -7.85
N GLU B 47 -14.40 -5.82 -6.77
CA GLU B 47 -15.66 -6.05 -6.07
C GLU B 47 -16.13 -4.82 -5.33
N LYS B 48 -15.19 -4.02 -4.80
CA LYS B 48 -15.56 -2.90 -3.95
C LYS B 48 -16.23 -1.79 -4.75
N ASN B 49 -15.70 -1.48 -5.92
CA ASN B 49 -16.22 -0.37 -6.71
C ASN B 49 -17.23 -0.80 -7.77
N GLN B 50 -17.51 -2.11 -7.86
CA GLN B 50 -18.44 -2.68 -8.85
C GLN B 50 -18.00 -2.38 -10.28
N VAL B 51 -16.69 -2.43 -10.54
CA VAL B 51 -16.11 -2.05 -11.82
C VAL B 51 -15.38 -3.25 -12.40
N LEU B 52 -15.68 -3.57 -13.66
CA LEU B 52 -15.12 -4.72 -14.36
C LEU B 52 -14.37 -4.24 -15.60
N THR B 53 -13.16 -4.76 -15.80
CA THR B 53 -12.26 -4.32 -16.86
C THR B 53 -12.04 -5.46 -17.84
N THR B 54 -12.18 -5.19 -19.14
CA THR B 54 -12.21 -6.26 -20.13
C THR B 54 -11.64 -5.74 -21.44
N TYR B 55 -10.80 -6.56 -22.09
CA TYR B 55 -10.29 -6.27 -23.42
C TYR B 55 -10.95 -7.23 -24.40
N ILE B 56 -11.62 -6.69 -25.43
CA ILE B 56 -12.31 -7.51 -26.42
C ILE B 56 -11.89 -7.11 -27.82
N TRP B 57 -12.23 -7.95 -28.78
CA TRP B 57 -12.08 -7.61 -30.19
C TRP B 57 -13.46 -7.34 -30.76
N TYR B 58 -13.51 -6.69 -31.92
CA TYR B 58 -14.77 -6.12 -32.35
C TYR B 58 -14.73 -5.89 -33.85
N ARG B 59 -15.85 -6.13 -34.52
CA ARG B 59 -15.94 -5.85 -35.94
C ARG B 59 -17.38 -5.52 -36.29
N GLN B 60 -17.58 -4.79 -37.38
CA GLN B 60 -18.91 -4.31 -37.75
C GLN B 60 -18.90 -3.97 -39.22
N TYR B 61 -20.08 -3.95 -39.84
CA TYR B 61 -20.15 -3.65 -41.26
C TYR B 61 -21.48 -3.02 -41.58
N TRP B 62 -21.50 -2.14 -42.58
CA TRP B 62 -22.72 -1.47 -43.00
C TRP B 62 -22.61 -1.14 -44.47
N THR B 63 -23.74 -0.88 -45.10
CA THR B 63 -23.78 -0.57 -46.52
C THR B 63 -24.01 0.91 -46.74
N ASP B 64 -23.57 1.41 -47.90
CA ASP B 64 -23.86 2.78 -48.31
C ASP B 64 -23.79 2.89 -49.83
N GLU B 65 -24.58 3.81 -50.36
CA GLU B 65 -24.79 3.90 -51.79
C GLU B 65 -23.87 4.90 -52.49
N PHE B 66 -22.90 5.45 -51.79
CA PHE B 66 -22.02 6.40 -52.46
C PHE B 66 -20.72 5.76 -52.89
N LEU B 67 -20.24 4.79 -52.13
CA LEU B 67 -19.02 4.08 -52.45
C LEU B 67 -19.39 2.81 -53.21
N GLN B 68 -19.60 2.97 -54.51
CA GLN B 68 -20.18 1.89 -55.29
C GLN B 68 -19.76 2.05 -56.74
N TRP B 69 -18.93 1.14 -57.22
CA TRP B 69 -18.41 1.20 -58.57
C TRP B 69 -18.76 -0.08 -59.30
N THR B 70 -18.42 -0.12 -60.56
CA THR B 70 -18.52 -1.41 -61.23
C THR B 70 -17.13 -2.04 -61.32
N PRO B 71 -16.98 -3.33 -60.96
CA PRO B 71 -15.64 -3.91 -60.90
C PRO B 71 -15.02 -4.09 -62.25
N GLU B 72 -15.82 -4.29 -63.28
CA GLU B 72 -15.32 -4.27 -64.65
C GLU B 72 -14.86 -2.85 -64.99
N ASP B 73 -13.86 -2.78 -65.86
CA ASP B 73 -13.18 -1.63 -66.47
C ASP B 73 -12.31 -0.84 -65.50
N PHE B 74 -12.23 -1.25 -64.23
CA PHE B 74 -11.20 -0.76 -63.33
C PHE B 74 -10.18 -1.85 -63.03
N ASP B 75 -9.89 -2.68 -64.03
CA ASP B 75 -8.99 -3.82 -63.95
C ASP B 75 -9.42 -4.77 -62.84
N ASN B 76 -10.73 -5.02 -62.77
CA ASN B 76 -11.35 -6.10 -62.00
C ASN B 76 -11.11 -5.98 -60.50
N VAL B 77 -10.99 -4.75 -60.00
CA VAL B 77 -10.73 -4.57 -58.58
C VAL B 77 -12.00 -4.84 -57.79
N THR B 78 -11.93 -5.77 -56.85
CA THR B 78 -13.09 -6.11 -56.05
C THR B 78 -13.12 -5.39 -54.71
N LYS B 79 -12.05 -5.47 -53.91
CA LYS B 79 -12.02 -4.77 -52.65
C LYS B 79 -10.89 -3.76 -52.65
N LEU B 80 -10.80 -2.99 -51.58
CA LEU B 80 -10.01 -1.78 -51.56
C LEU B 80 -9.78 -1.35 -50.12
N SER B 81 -8.66 -0.70 -49.87
CA SER B 81 -8.40 -0.08 -48.57
C SER B 81 -8.59 1.41 -48.69
N ILE B 82 -9.28 1.99 -47.71
CA ILE B 82 -9.55 3.43 -47.64
C ILE B 82 -9.30 3.85 -46.21
N PRO B 83 -8.67 4.99 -45.96
CA PRO B 83 -8.44 5.41 -44.57
C PRO B 83 -9.73 5.70 -43.85
N THR B 84 -9.70 5.50 -42.53
CA THR B 84 -10.90 5.58 -41.71
C THR B 84 -11.45 6.99 -41.62
N ASP B 85 -10.59 8.00 -41.82
CA ASP B 85 -11.02 9.38 -41.60
C ASP B 85 -12.02 9.84 -42.64
N SER B 86 -11.84 9.46 -43.89
CA SER B 86 -12.62 10.03 -44.98
C SER B 86 -13.93 9.29 -45.24
N ILE B 87 -14.44 8.54 -44.26
CA ILE B 87 -15.65 7.75 -44.40
C ILE B 87 -16.59 8.10 -43.26
N TRP B 88 -17.89 8.18 -43.54
CA TRP B 88 -18.89 8.24 -42.50
C TRP B 88 -18.82 6.99 -41.63
N VAL B 89 -18.64 7.17 -40.33
CA VAL B 89 -18.48 6.08 -39.39
C VAL B 89 -19.54 6.24 -38.30
N PRO B 90 -20.38 5.24 -38.06
CA PRO B 90 -21.41 5.39 -37.04
C PRO B 90 -20.86 5.34 -35.63
N ASP B 91 -21.58 5.96 -34.71
CA ASP B 91 -21.21 6.02 -33.30
C ASP B 91 -21.91 4.91 -32.53
N ILE B 92 -21.17 3.89 -32.16
CA ILE B 92 -21.71 2.77 -31.40
C ILE B 92 -20.94 2.72 -30.09
N LEU B 93 -21.64 2.97 -28.99
CA LEU B 93 -20.99 3.01 -27.69
C LEU B 93 -21.67 2.05 -26.73
N ILE B 94 -20.98 1.80 -25.62
CA ILE B 94 -21.48 0.94 -24.55
C ILE B 94 -22.18 1.84 -23.55
N ASN B 95 -23.37 1.45 -23.10
CA ASN B 95 -24.06 2.25 -22.10
C ASN B 95 -23.37 2.22 -20.74
N GLU B 96 -22.66 1.15 -20.42
CA GLU B 96 -22.13 0.98 -19.08
C GLU B 96 -20.74 1.56 -18.89
N PHE B 97 -20.31 2.52 -19.71
CA PHE B 97 -19.01 3.13 -19.49
C PHE B 97 -18.95 3.91 -18.19
N VAL B 98 -17.81 3.83 -17.51
CA VAL B 98 -17.48 4.77 -16.45
C VAL B 98 -16.15 5.46 -16.68
N ASP B 99 -15.39 5.04 -17.67
CA ASP B 99 -14.08 5.63 -17.97
C ASP B 99 -13.76 5.27 -19.41
N VAL B 100 -12.70 5.84 -19.95
CA VAL B 100 -12.27 5.58 -21.32
C VAL B 100 -11.03 4.73 -21.26
N GLY B 101 -11.12 3.50 -21.75
CA GLY B 101 -9.94 2.68 -21.88
C GLY B 101 -9.06 3.12 -23.04
N LYS B 102 -7.81 2.72 -22.94
CA LYS B 102 -6.77 3.08 -23.90
C LYS B 102 -6.64 1.92 -24.89
N SER B 103 -6.85 2.19 -26.17
CA SER B 103 -6.90 1.13 -27.16
C SER B 103 -6.25 1.62 -28.44
N PRO B 104 -5.65 0.74 -29.23
CA PRO B 104 -4.98 1.19 -30.45
C PRO B 104 -6.01 1.56 -31.51
N ASN B 105 -5.66 2.52 -32.35
CA ASN B 105 -6.54 2.88 -33.46
C ASN B 105 -6.09 2.23 -34.76
N ILE B 106 -7.07 1.86 -35.57
CA ILE B 106 -6.82 1.15 -36.82
C ILE B 106 -7.16 2.09 -37.96
N PRO B 107 -6.20 2.52 -38.75
CA PRO B 107 -6.47 3.58 -39.73
C PRO B 107 -6.95 3.10 -41.08
N TYR B 108 -7.48 1.89 -41.21
CA TYR B 108 -7.93 1.45 -42.52
C TYR B 108 -9.23 0.66 -42.41
N VAL B 109 -10.02 0.72 -43.47
CA VAL B 109 -11.21 -0.10 -43.63
C VAL B 109 -11.20 -0.73 -45.01
N TYR B 110 -12.01 -1.77 -45.18
CA TYR B 110 -12.26 -2.38 -46.48
C TYR B 110 -13.47 -1.74 -47.11
N VAL B 111 -13.57 -1.79 -48.43
CA VAL B 111 -14.76 -1.39 -49.17
C VAL B 111 -14.95 -2.37 -50.31
N HIS B 112 -16.06 -3.09 -50.32
CA HIS B 112 -16.35 -4.00 -51.42
C HIS B 112 -17.06 -3.24 -52.53
N HIS B 113 -17.32 -3.92 -53.65
CA HIS B 113 -17.82 -3.22 -54.82
C HIS B 113 -19.34 -3.13 -54.85
N ARG B 114 -20.01 -3.49 -53.78
CA ARG B 114 -21.44 -3.24 -53.65
C ARG B 114 -21.74 -2.09 -52.72
N GLY B 115 -20.78 -1.68 -51.91
CA GLY B 115 -20.98 -0.66 -50.91
C GLY B 115 -20.74 -1.15 -49.51
N GLU B 116 -20.52 -2.43 -49.33
CA GLU B 116 -20.31 -2.99 -48.01
C GLU B 116 -18.91 -2.67 -47.50
N VAL B 117 -18.81 -1.83 -46.47
CA VAL B 117 -17.53 -1.57 -45.85
C VAL B 117 -17.42 -2.50 -44.65
N GLN B 118 -16.21 -2.66 -44.13
CA GLN B 118 -15.97 -3.47 -42.95
C GLN B 118 -15.02 -2.71 -42.05
N ASN B 119 -15.03 -3.04 -40.76
CA ASN B 119 -14.24 -2.25 -39.82
C ASN B 119 -13.85 -3.12 -38.63
N TYR B 120 -12.58 -3.46 -38.54
CA TYR B 120 -12.05 -4.23 -37.43
C TYR B 120 -11.35 -3.28 -36.47
N LYS B 121 -11.64 -3.41 -35.17
CA LYS B 121 -10.90 -2.65 -34.18
C LYS B 121 -10.97 -3.33 -32.83
N PRO B 122 -9.89 -3.32 -32.06
CA PRO B 122 -9.96 -3.76 -30.67
C PRO B 122 -10.21 -2.59 -29.76
N LEU B 123 -10.77 -2.88 -28.58
CA LEU B 123 -11.09 -1.81 -27.66
C LEU B 123 -11.16 -2.32 -26.24
N GLN B 124 -10.40 -1.69 -25.35
CA GLN B 124 -10.47 -1.96 -23.92
C GLN B 124 -11.65 -1.23 -23.34
N LEU B 125 -12.42 -1.90 -22.49
CA LEU B 125 -13.60 -1.28 -21.91
C LEU B 125 -13.65 -1.51 -20.42
N VAL B 126 -13.98 -0.46 -19.67
CA VAL B 126 -14.21 -0.52 -18.24
C VAL B 126 -15.68 -0.23 -18.00
N THR B 127 -16.38 -1.20 -17.45
CA THR B 127 -17.81 -1.07 -17.27
C THR B 127 -18.15 -1.13 -15.79
N ALA B 128 -19.44 -1.07 -15.51
CA ALA B 128 -19.95 -1.07 -14.14
C ALA B 128 -21.10 -2.06 -14.06
N CYS B 129 -20.82 -3.28 -13.62
CA CYS B 129 -21.84 -4.28 -13.48
C CYS B 129 -22.02 -4.63 -12.02
N SER B 130 -23.18 -5.16 -11.69
CA SER B 130 -23.51 -5.48 -10.30
C SER B 130 -23.06 -6.89 -9.96
N LEU B 131 -22.27 -7.00 -8.89
CA LEU B 131 -21.67 -8.25 -8.46
C LEU B 131 -22.33 -8.70 -7.17
N ASP B 132 -22.37 -10.01 -6.94
CA ASP B 132 -22.84 -10.56 -5.67
C ASP B 132 -21.75 -11.43 -5.05
N ILE B 133 -21.52 -11.22 -3.75
CA ILE B 133 -20.43 -11.92 -3.07
C ILE B 133 -21.13 -12.81 -2.04
N TYR B 134 -22.30 -13.34 -2.42
CA TYR B 134 -23.08 -14.12 -1.47
C TYR B 134 -22.40 -15.42 -1.08
N ASN B 135 -21.67 -16.03 -2.00
CA ASN B 135 -20.90 -17.24 -1.73
C ASN B 135 -19.53 -17.10 -2.38
N PHE B 136 -18.53 -16.76 -1.55
CA PHE B 136 -17.34 -16.07 -2.07
C PHE B 136 -16.45 -16.93 -2.97
N PRO B 137 -15.97 -18.12 -2.59
CA PRO B 137 -15.11 -18.82 -3.55
C PRO B 137 -15.86 -19.49 -4.67
N PHE B 138 -17.16 -19.73 -4.54
CA PHE B 138 -17.93 -20.49 -5.53
C PHE B 138 -18.97 -19.52 -6.05
N ASP B 139 -18.64 -18.74 -7.08
CA ASP B 139 -19.60 -17.74 -7.54
C ASP B 139 -19.52 -17.55 -9.03
N VAL B 140 -20.67 -17.42 -9.67
CA VAL B 140 -20.75 -16.99 -11.05
C VAL B 140 -21.14 -15.52 -11.04
N GLN B 141 -20.83 -14.83 -12.12
CA GLN B 141 -21.19 -13.43 -12.26
C GLN B 141 -21.93 -13.26 -13.57
N ASN B 142 -22.75 -12.23 -13.65
CA ASN B 142 -23.59 -12.01 -14.82
C ASN B 142 -23.55 -10.52 -15.12
N CYS B 143 -22.54 -10.10 -15.86
CA CYS B 143 -22.37 -8.69 -16.20
C CYS B 143 -22.81 -8.46 -17.64
N SER B 144 -23.24 -7.23 -17.92
CA SER B 144 -23.85 -6.91 -19.20
C SER B 144 -23.00 -5.94 -19.99
N LEU B 145 -23.04 -6.09 -21.31
CA LEU B 145 -22.49 -5.13 -22.25
C LEU B 145 -23.59 -4.77 -23.21
N THR B 146 -23.84 -3.47 -23.38
CA THR B 146 -24.99 -3.01 -24.15
C THR B 146 -24.51 -2.08 -25.26
N PHE B 147 -24.47 -2.58 -26.48
CA PHE B 147 -24.07 -1.76 -27.61
C PHE B 147 -25.27 -1.02 -28.16
N THR B 148 -25.13 0.29 -28.30
CA THR B 148 -26.21 1.10 -28.82
C THR B 148 -25.66 2.30 -29.55
N SER B 149 -26.47 2.86 -30.42
CA SER B 149 -26.17 4.17 -30.95
C SER B 149 -26.39 5.19 -29.87
N TRP B 150 -25.62 6.26 -29.88
CA TRP B 150 -25.76 7.20 -28.78
C TRP B 150 -26.70 8.34 -29.13
N LEU B 151 -26.83 8.66 -30.40
CA LEU B 151 -27.66 9.77 -30.80
C LEU B 151 -28.83 9.37 -31.67
N HIS B 152 -28.59 8.56 -32.69
CA HIS B 152 -29.59 8.34 -33.73
C HIS B 152 -30.71 7.45 -33.25
N THR B 153 -31.91 7.66 -33.81
CA THR B 153 -33.07 6.88 -33.44
C THR B 153 -33.14 5.59 -34.25
N ILE B 154 -34.21 4.82 -34.05
CA ILE B 154 -34.28 3.50 -34.65
C ILE B 154 -34.74 3.56 -36.10
N GLN B 155 -35.27 4.67 -36.56
CA GLN B 155 -35.44 4.82 -38.00
C GLN B 155 -34.22 5.46 -38.63
N ASP B 156 -33.11 5.51 -37.92
CA ASP B 156 -31.89 6.11 -38.45
C ASP B 156 -30.73 5.12 -38.42
N ILE B 157 -30.52 4.42 -37.32
CA ILE B 157 -29.50 3.39 -37.19
C ILE B 157 -30.11 2.19 -36.49
N ASN B 158 -29.93 1.01 -37.07
CA ASN B 158 -30.50 -0.23 -36.58
C ASN B 158 -29.40 -1.26 -36.42
N ILE B 159 -29.51 -2.15 -35.44
CA ILE B 159 -28.41 -3.04 -35.08
C ILE B 159 -28.85 -4.50 -35.15
N THR B 160 -28.13 -5.31 -35.92
CA THR B 160 -28.33 -6.76 -35.97
C THR B 160 -27.01 -7.46 -35.71
N LEU B 161 -26.99 -8.78 -35.89
CA LEU B 161 -25.77 -9.54 -35.63
C LEU B 161 -25.09 -9.99 -36.92
N TRP B 162 -23.76 -10.13 -36.86
CA TRP B 162 -23.01 -10.68 -37.98
C TRP B 162 -23.34 -12.15 -38.17
N ARG B 163 -23.14 -12.95 -37.12
CA ARG B 163 -23.29 -14.39 -37.17
C ARG B 163 -24.60 -14.77 -36.50
N SER B 164 -24.93 -16.06 -36.58
CA SER B 164 -26.07 -16.56 -35.86
C SER B 164 -25.79 -16.52 -34.36
N PRO B 165 -26.80 -16.32 -33.51
CA PRO B 165 -26.53 -16.22 -32.07
C PRO B 165 -26.11 -17.52 -31.43
N GLU B 166 -26.38 -18.65 -32.07
CA GLU B 166 -25.93 -19.93 -31.52
C GLU B 166 -24.43 -20.09 -31.69
N GLU B 167 -23.86 -19.40 -32.66
CA GLU B 167 -22.44 -19.54 -32.92
C GLU B 167 -21.63 -18.61 -32.03
N VAL B 168 -22.26 -17.54 -31.54
CA VAL B 168 -21.56 -16.61 -30.67
C VAL B 168 -21.42 -17.18 -29.26
N ARG B 169 -22.39 -17.99 -28.82
CA ARG B 169 -22.40 -18.47 -27.44
C ARG B 169 -21.23 -19.42 -27.17
N SER B 170 -20.86 -20.21 -28.16
CA SER B 170 -19.87 -21.24 -27.92
C SER B 170 -18.55 -20.85 -28.57
N ASP B 171 -18.20 -19.57 -28.49
CA ASP B 171 -16.96 -19.08 -29.08
C ASP B 171 -16.00 -18.77 -27.94
N LYS B 172 -15.32 -19.83 -27.49
CA LYS B 172 -14.23 -19.72 -26.54
C LYS B 172 -13.00 -20.16 -27.31
N SER B 173 -12.41 -19.23 -28.04
CA SER B 173 -11.38 -19.58 -29.00
C SER B 173 -10.02 -19.00 -28.68
N ILE B 174 -9.97 -17.73 -28.30
CA ILE B 174 -8.71 -17.05 -28.04
C ILE B 174 -8.60 -16.59 -26.60
N PHE B 175 -9.51 -17.02 -25.74
CA PHE B 175 -9.56 -16.51 -24.38
C PHE B 175 -8.36 -16.99 -23.58
N ILE B 176 -7.78 -16.09 -22.80
CA ILE B 176 -6.61 -16.40 -21.99
C ILE B 176 -7.07 -17.11 -20.71
N ASN B 177 -6.70 -18.37 -20.56
CA ASN B 177 -6.96 -19.07 -19.32
C ASN B 177 -5.85 -18.81 -18.32
N GLN B 178 -5.82 -19.64 -17.28
CA GLN B 178 -4.86 -19.56 -16.17
C GLN B 178 -4.87 -18.20 -15.48
N GLY B 179 -6.05 -17.59 -15.37
CA GLY B 179 -6.13 -16.21 -14.95
C GLY B 179 -7.28 -15.83 -14.03
N GLU B 180 -7.60 -16.66 -13.02
CA GLU B 180 -8.56 -16.41 -11.93
C GLU B 180 -10.02 -16.43 -12.39
N TRP B 181 -10.31 -16.32 -13.69
CA TRP B 181 -11.68 -16.27 -14.14
C TRP B 181 -11.85 -17.15 -15.36
N GLU B 182 -12.86 -18.01 -15.33
CA GLU B 182 -13.15 -18.92 -16.42
C GLU B 182 -14.39 -18.44 -17.16
N LEU B 183 -14.26 -18.29 -18.48
CA LEU B 183 -15.37 -17.82 -19.29
C LEU B 183 -16.30 -18.97 -19.63
N LEU B 184 -17.59 -18.77 -19.43
CA LEU B 184 -18.57 -19.81 -19.71
C LEU B 184 -19.36 -19.57 -20.98
N GLU B 185 -19.90 -18.38 -21.17
CA GLU B 185 -20.90 -18.16 -22.21
C GLU B 185 -20.98 -16.68 -22.52
N VAL B 186 -21.19 -16.34 -23.78
CA VAL B 186 -21.43 -14.97 -24.21
C VAL B 186 -22.76 -15.00 -24.97
N PHE B 187 -23.81 -14.47 -24.34
CA PHE B 187 -25.15 -14.66 -24.85
C PHE B 187 -25.72 -13.35 -25.38
N PRO B 188 -26.10 -13.26 -26.64
CA PRO B 188 -26.64 -12.01 -27.18
C PRO B 188 -28.15 -11.94 -27.06
N GLN B 189 -28.66 -10.71 -27.12
CA GLN B 189 -30.08 -10.47 -27.02
C GLN B 189 -30.40 -9.11 -27.63
N PHE B 190 -31.41 -9.05 -28.48
CA PHE B 190 -31.87 -7.80 -29.05
C PHE B 190 -33.05 -7.27 -28.24
N LYS B 191 -33.13 -5.95 -28.13
CA LYS B 191 -34.20 -5.32 -27.39
C LYS B 191 -34.31 -3.87 -27.83
N GLU B 192 -35.54 -3.41 -27.99
CA GLU B 192 -35.84 -2.03 -28.36
C GLU B 192 -36.48 -1.32 -27.19
N PHE B 193 -35.97 -0.16 -26.82
CA PHE B 193 -36.58 0.60 -25.74
C PHE B 193 -36.82 2.02 -26.20
N SER B 194 -37.82 2.65 -25.59
CA SER B 194 -38.20 4.02 -25.91
C SER B 194 -38.26 4.83 -24.63
N ILE B 195 -37.51 5.92 -24.58
CA ILE B 195 -37.57 6.83 -23.43
C ILE B 195 -38.67 7.87 -23.57
N ASP B 196 -39.31 7.94 -24.73
CA ASP B 196 -40.31 8.95 -25.02
C ASP B 196 -41.10 8.44 -26.20
N ILE B 197 -42.28 9.04 -26.41
CA ILE B 197 -43.03 8.78 -27.63
C ILE B 197 -42.27 9.34 -28.82
N SER B 198 -42.31 8.61 -29.95
CA SER B 198 -41.65 8.93 -31.21
C SER B 198 -40.13 9.06 -31.10
N ASN B 199 -39.53 8.43 -30.10
CA ASN B 199 -38.08 8.39 -29.95
C ASN B 199 -37.70 7.01 -29.46
N SER B 200 -37.43 6.11 -30.39
CA SER B 200 -37.03 4.76 -30.06
C SER B 200 -35.56 4.57 -30.36
N TYR B 201 -34.89 3.78 -29.53
CA TYR B 201 -33.46 3.58 -29.62
C TYR B 201 -33.17 2.08 -29.62
N ALA B 202 -32.57 1.61 -30.69
CA ALA B 202 -32.21 0.20 -30.76
C ALA B 202 -31.00 -0.07 -29.88
N GLU B 203 -30.93 -1.29 -29.35
CA GLU B 203 -29.75 -1.69 -28.61
C GLU B 203 -29.58 -3.18 -28.71
N MET B 204 -28.40 -3.65 -28.31
CA MET B 204 -28.02 -5.05 -28.41
C MET B 204 -27.28 -5.40 -27.13
N LYS B 205 -27.77 -6.38 -26.39
CA LYS B 205 -27.18 -6.73 -25.12
C LYS B 205 -26.41 -8.03 -25.22
N PHE B 206 -25.15 -7.99 -24.82
CA PHE B 206 -24.35 -9.19 -24.64
C PHE B 206 -24.24 -9.47 -23.15
N TYR B 207 -24.54 -10.70 -22.76
CA TYR B 207 -24.36 -11.13 -21.38
C TYR B 207 -23.12 -12.00 -21.31
N VAL B 208 -22.17 -11.62 -20.47
CA VAL B 208 -21.04 -12.49 -20.20
C VAL B 208 -21.30 -13.19 -18.87
N ILE B 209 -20.82 -14.43 -18.76
CA ILE B 209 -20.98 -15.22 -17.55
C ILE B 209 -19.63 -15.81 -17.21
N ILE B 210 -19.07 -15.41 -16.08
CA ILE B 210 -17.75 -15.83 -15.67
C ILE B 210 -17.83 -16.51 -14.32
N ARG B 211 -16.91 -17.43 -14.07
CA ARG B 211 -16.89 -18.20 -12.82
C ARG B 211 -15.51 -18.15 -12.23
N ARG B 212 -15.41 -17.85 -10.95
CA ARG B 212 -14.12 -17.77 -10.28
C ARG B 212 -13.56 -19.16 -10.02
N ARG B 213 -12.27 -19.32 -10.24
CA ARG B 213 -11.61 -20.57 -9.87
C ARG B 213 -11.30 -20.53 -8.38
N PRO B 214 -11.85 -21.44 -7.57
CA PRO B 214 -11.72 -21.32 -6.13
C PRO B 214 -10.43 -21.87 -5.56
N LEU B 215 -9.51 -22.33 -6.41
CA LEU B 215 -8.33 -23.03 -5.93
C LEU B 215 -7.36 -22.09 -5.22
N PHE B 216 -7.41 -20.79 -5.49
CA PHE B 216 -6.39 -19.89 -4.96
C PHE B 216 -6.65 -19.60 -3.50
N TYR B 217 -7.88 -19.80 -3.05
CA TYR B 217 -8.30 -19.40 -1.73
C TYR B 217 -8.44 -20.59 -0.79
N ALA B 218 -8.27 -21.81 -1.28
CA ALA B 218 -8.23 -22.96 -0.40
C ALA B 218 -6.90 -23.11 0.32
N VAL B 219 -5.90 -22.30 -0.01
CA VAL B 219 -4.64 -22.30 0.70
C VAL B 219 -4.45 -20.99 1.48
N SER B 220 -5.21 -19.95 1.17
CA SER B 220 -5.00 -18.67 1.81
C SER B 220 -5.93 -18.44 2.99
N LEU B 221 -7.01 -19.19 3.10
CA LEU B 221 -7.90 -19.05 4.25
C LEU B 221 -8.36 -20.36 4.83
N LEU B 222 -8.20 -21.48 4.15
CA LEU B 222 -8.58 -22.74 4.76
C LEU B 222 -7.45 -23.30 5.63
N LEU B 223 -6.20 -23.08 5.21
CA LEU B 223 -5.08 -23.71 5.90
C LEU B 223 -4.81 -23.12 7.29
N PRO B 224 -4.75 -21.79 7.51
CA PRO B 224 -4.59 -21.34 8.90
C PRO B 224 -5.83 -21.49 9.74
N SER B 225 -7.00 -21.74 9.14
CA SER B 225 -8.20 -21.87 9.95
C SER B 225 -8.24 -23.22 10.66
N ILE B 226 -7.94 -24.30 9.96
CA ILE B 226 -7.89 -25.61 10.59
C ILE B 226 -6.62 -25.82 11.37
N PHE B 227 -5.60 -24.99 11.13
CA PHE B 227 -4.34 -25.18 11.83
C PHE B 227 -4.42 -24.71 13.27
N LEU B 228 -5.23 -23.70 13.56
CA LEU B 228 -5.45 -23.29 14.93
C LEU B 228 -6.62 -24.02 15.58
N MET B 229 -6.96 -25.20 15.06
CA MET B 229 -7.74 -26.18 15.79
C MET B 229 -6.91 -27.39 16.18
N VAL B 230 -5.89 -27.72 15.40
CA VAL B 230 -5.02 -28.85 15.76
C VAL B 230 -4.05 -28.47 16.87
N VAL B 231 -3.91 -27.19 17.18
CA VAL B 231 -3.09 -26.80 18.31
C VAL B 231 -3.87 -26.96 19.62
N ASP B 232 -5.16 -26.63 19.61
CA ASP B 232 -5.96 -26.73 20.83
C ASP B 232 -6.30 -28.18 21.19
N ILE B 233 -6.22 -29.09 20.24
CA ILE B 233 -6.33 -30.49 20.61
C ILE B 233 -5.07 -30.92 21.35
N VAL B 234 -3.92 -30.36 20.96
CA VAL B 234 -2.70 -30.56 21.74
C VAL B 234 -2.79 -29.77 23.04
N GLY B 235 -3.51 -28.66 23.03
CA GLY B 235 -3.50 -27.75 24.17
C GLY B 235 -4.20 -28.25 25.40
N PHE B 236 -5.19 -29.13 25.25
CA PHE B 236 -5.87 -29.66 26.41
C PHE B 236 -5.06 -30.73 27.16
N CYS B 237 -3.97 -31.22 26.59
CA CYS B 237 -3.24 -32.26 27.27
C CYS B 237 -2.37 -31.74 28.42
N LEU B 238 -2.23 -30.43 28.56
CA LEU B 238 -1.59 -29.88 29.74
C LEU B 238 -2.47 -30.11 30.96
N PRO B 239 -1.90 -30.50 32.09
CA PRO B 239 -2.67 -30.60 33.32
C PRO B 239 -3.04 -29.21 33.82
N PRO B 240 -4.26 -29.03 34.33
CA PRO B 240 -4.78 -27.67 34.55
C PRO B 240 -4.14 -26.94 35.71
N ASP B 241 -3.62 -27.65 36.70
CA ASP B 241 -3.04 -27.02 37.87
C ASP B 241 -1.61 -26.57 37.68
N SER B 242 -1.08 -26.66 36.45
CA SER B 242 0.31 -26.29 36.22
C SER B 242 0.48 -24.78 36.24
N GLY B 243 -0.31 -24.07 35.43
CA GLY B 243 -0.30 -22.63 35.48
C GLY B 243 -0.17 -21.98 34.13
N GLU B 244 0.40 -22.72 33.17
CA GLU B 244 0.58 -22.23 31.82
C GLU B 244 -0.59 -22.53 30.91
N ARG B 245 -1.55 -23.34 31.36
CA ARG B 245 -2.68 -23.69 30.52
C ARG B 245 -3.57 -22.49 30.27
N VAL B 246 -3.67 -21.57 31.22
CA VAL B 246 -4.38 -20.33 30.98
C VAL B 246 -3.57 -19.43 30.05
N SER B 247 -2.25 -19.40 30.24
CA SER B 247 -1.38 -18.60 29.40
C SER B 247 -1.24 -19.19 28.00
N PHE B 248 -1.49 -20.49 27.84
CA PHE B 248 -1.41 -21.09 26.51
C PHE B 248 -2.62 -20.70 25.68
N LYS B 249 -3.81 -20.83 26.24
CA LYS B 249 -5.05 -20.62 25.50
C LYS B 249 -5.33 -19.15 25.22
N ILE B 250 -4.59 -18.22 25.80
CA ILE B 250 -4.77 -16.82 25.46
C ILE B 250 -3.80 -16.37 24.37
N THR B 251 -2.66 -17.05 24.22
CA THR B 251 -1.68 -16.65 23.22
C THR B 251 -2.19 -16.93 21.82
N LEU B 252 -2.75 -18.11 21.58
CA LEU B 252 -3.24 -18.43 20.25
C LEU B 252 -4.56 -17.75 19.95
N LEU B 253 -5.34 -17.41 20.98
CA LEU B 253 -6.53 -16.61 20.77
C LEU B 253 -6.16 -15.20 20.33
N LEU B 254 -5.09 -14.65 20.91
CA LEU B 254 -4.47 -13.46 20.35
C LEU B 254 -3.95 -13.72 18.95
N GLY B 255 -3.38 -14.90 18.73
CA GLY B 255 -2.82 -15.22 17.43
C GLY B 255 -3.84 -15.40 16.33
N TYR B 256 -5.07 -15.74 16.68
CA TYR B 256 -6.11 -15.85 15.66
C TYR B 256 -6.84 -14.54 15.45
N SER B 257 -6.87 -13.67 16.46
CA SER B 257 -7.50 -12.37 16.30
C SER B 257 -6.69 -11.46 15.39
N VAL B 258 -5.37 -11.70 15.31
CA VAL B 258 -4.56 -11.03 14.29
C VAL B 258 -4.94 -11.55 12.91
N PHE B 259 -5.26 -12.84 12.82
CA PHE B 259 -5.52 -13.46 11.53
C PHE B 259 -6.83 -12.99 10.92
N LEU B 260 -7.85 -12.72 11.73
CA LEU B 260 -9.13 -12.28 11.20
C LEU B 260 -9.04 -10.89 10.59
N ILE B 261 -8.12 -10.06 11.09
CA ILE B 261 -8.03 -8.69 10.63
C ILE B 261 -7.11 -8.57 9.42
N ILE B 262 -6.01 -9.32 9.39
CA ILE B 262 -5.06 -9.21 8.29
C ILE B 262 -5.56 -9.87 7.01
N VAL B 263 -6.65 -10.62 7.08
CA VAL B 263 -7.24 -11.26 5.91
C VAL B 263 -8.44 -10.48 5.38
N SER B 264 -9.23 -9.89 6.27
CA SER B 264 -10.49 -9.23 5.95
C SER B 264 -10.34 -8.03 5.03
N ASP B 265 -9.13 -7.48 4.89
CA ASP B 265 -8.92 -6.43 3.91
C ASP B 265 -8.79 -6.98 2.49
N THR B 266 -8.30 -8.21 2.35
CA THR B 266 -8.15 -8.83 1.04
C THR B 266 -9.38 -9.63 0.61
N LEU B 267 -10.41 -9.69 1.46
CA LEU B 267 -11.66 -10.37 1.16
C LEU B 267 -12.80 -9.35 1.23
N PRO B 268 -13.48 -9.06 0.13
CA PRO B 268 -14.44 -7.95 0.12
C PRO B 268 -15.78 -8.35 0.69
N ALA B 269 -16.49 -7.35 1.20
CA ALA B 269 -17.84 -7.51 1.75
C ALA B 269 -18.66 -6.31 1.29
N THR B 270 -19.30 -6.45 0.14
CA THR B 270 -20.11 -5.40 -0.46
C THR B 270 -21.58 -5.58 -0.07
N ALA B 271 -22.48 -5.03 -0.90
CA ALA B 271 -23.89 -4.88 -0.57
C ALA B 271 -24.60 -6.22 -0.43
N ILE B 272 -25.92 -6.12 -0.22
CA ILE B 272 -26.73 -6.87 0.73
C ILE B 272 -26.35 -8.34 0.89
N GLY B 273 -26.18 -8.75 2.13
CA GLY B 273 -25.67 -10.07 2.46
C GLY B 273 -24.17 -10.04 2.69
N THR B 274 -23.76 -10.81 3.70
CA THR B 274 -22.37 -11.10 3.99
C THR B 274 -21.96 -12.38 3.25
N PRO B 275 -20.69 -12.53 2.88
CA PRO B 275 -20.26 -13.81 2.32
C PRO B 275 -20.36 -14.93 3.33
N LEU B 276 -20.73 -16.11 2.83
CA LEU B 276 -21.03 -17.25 3.69
C LEU B 276 -19.82 -17.86 4.35
N ILE B 277 -18.59 -17.43 4.01
CA ILE B 277 -17.46 -17.87 4.81
C ILE B 277 -17.32 -17.03 6.07
N GLY B 278 -17.93 -15.84 6.11
CA GLY B 278 -17.88 -15.04 7.31
C GLY B 278 -18.68 -15.63 8.45
N VAL B 279 -19.70 -16.42 8.13
CA VAL B 279 -20.38 -17.19 9.17
C VAL B 279 -19.49 -18.32 9.65
N TYR B 280 -18.74 -18.94 8.74
CA TYR B 280 -17.90 -20.06 9.10
C TYR B 280 -16.59 -19.65 9.75
N PHE B 281 -16.36 -18.37 9.99
CA PHE B 281 -15.28 -17.92 10.86
C PHE B 281 -15.78 -17.50 12.23
N VAL B 282 -17.04 -17.16 12.37
CA VAL B 282 -17.59 -16.87 13.69
C VAL B 282 -17.76 -18.16 14.48
N VAL B 283 -18.13 -19.25 13.79
CA VAL B 283 -18.20 -20.55 14.44
C VAL B 283 -16.80 -21.04 14.82
N CYS B 284 -15.77 -20.57 14.11
CA CYS B 284 -14.40 -20.85 14.52
C CYS B 284 -14.04 -20.14 15.82
N MET B 285 -14.72 -19.04 16.15
CA MET B 285 -14.49 -18.41 17.44
C MET B 285 -15.26 -19.09 18.56
N ALA B 286 -16.47 -19.55 18.28
CA ALA B 286 -17.28 -20.19 19.31
C ALA B 286 -16.75 -21.56 19.70
N LEU B 287 -15.93 -22.18 18.87
CA LEU B 287 -15.18 -23.34 19.34
C LEU B 287 -13.85 -22.96 19.95
N LEU B 288 -13.61 -21.67 20.17
CA LEU B 288 -12.35 -21.21 20.70
C LEU B 288 -12.50 -20.40 21.97
N VAL B 289 -13.61 -19.69 22.13
CA VAL B 289 -13.92 -19.05 23.41
C VAL B 289 -14.47 -20.06 24.40
N ILE B 290 -15.26 -21.02 23.92
CA ILE B 290 -15.75 -22.10 24.78
C ILE B 290 -14.60 -23.00 25.21
N SER B 291 -13.60 -23.16 24.34
CA SER B 291 -12.37 -23.82 24.78
C SER B 291 -11.60 -22.99 25.79
N LEU B 292 -11.74 -21.67 25.73
CA LEU B 292 -11.12 -20.82 26.74
C LEU B 292 -11.96 -20.77 28.00
N ALA B 293 -13.29 -20.72 27.87
CA ALA B 293 -14.14 -20.55 29.03
C ALA B 293 -14.42 -21.86 29.77
N GLU B 294 -13.74 -22.95 29.44
CA GLU B 294 -13.84 -24.12 30.29
C GLU B 294 -12.57 -24.36 31.09
N THR B 295 -11.40 -23.95 30.58
CA THR B 295 -10.20 -24.01 31.41
C THR B 295 -10.23 -22.98 32.51
N ILE B 296 -10.99 -21.90 32.34
CA ILE B 296 -11.23 -20.99 33.45
C ILE B 296 -12.08 -21.67 34.50
N PHE B 297 -12.99 -22.55 34.08
CA PHE B 297 -13.81 -23.25 35.05
C PHE B 297 -13.04 -24.31 35.82
N ILE B 298 -12.02 -24.91 35.20
CA ILE B 298 -11.27 -25.96 35.90
C ILE B 298 -10.25 -25.34 36.85
N VAL B 299 -9.58 -24.27 36.44
CA VAL B 299 -8.58 -23.61 37.28
C VAL B 299 -9.23 -23.01 38.53
N ARG B 300 -10.44 -22.47 38.37
CA ARG B 300 -11.22 -22.04 39.52
C ARG B 300 -11.62 -23.22 40.40
N LEU B 301 -11.78 -24.40 39.80
CA LEU B 301 -12.24 -25.55 40.55
C LEU B 301 -11.09 -26.27 41.25
N VAL B 302 -9.87 -26.18 40.72
CA VAL B 302 -8.72 -26.86 41.28
C VAL B 302 -7.72 -25.80 41.71
N HIS B 303 -7.68 -25.51 43.01
CA HIS B 303 -6.82 -24.46 43.54
C HIS B 303 -6.76 -24.64 45.05
N LYS B 304 -5.74 -24.07 45.66
CA LYS B 304 -5.55 -24.13 47.12
C LYS B 304 -5.87 -22.75 47.70
N GLN B 305 -7.09 -22.61 48.21
CA GLN B 305 -7.62 -21.34 48.68
C GLN B 305 -8.45 -21.51 49.94
N ASP B 306 -7.91 -22.30 50.89
CA ASP B 306 -8.48 -22.80 52.15
C ASP B 306 -9.97 -23.13 52.08
N LEU B 307 -10.35 -23.84 51.03
CA LEU B 307 -11.71 -24.14 50.69
C LEU B 307 -12.25 -25.30 51.53
N GLN B 308 -13.56 -25.54 51.42
CA GLN B 308 -14.23 -26.55 52.23
C GLN B 308 -14.17 -27.91 51.53
N ARG B 309 -14.61 -28.97 52.23
CA ARG B 309 -14.55 -30.29 51.62
C ARG B 309 -15.66 -30.35 50.56
N PRO B 310 -15.44 -31.05 49.43
CA PRO B 310 -16.49 -31.14 48.40
C PRO B 310 -17.72 -31.91 48.86
N VAL B 311 -18.84 -31.57 48.25
CA VAL B 311 -20.16 -31.93 48.78
C VAL B 311 -20.49 -33.36 48.37
N PRO B 312 -20.95 -34.21 49.29
CA PRO B 312 -21.30 -35.60 48.92
C PRO B 312 -22.53 -35.74 48.05
N ASP B 313 -23.32 -34.67 47.88
CA ASP B 313 -24.31 -34.63 46.81
C ASP B 313 -23.62 -34.82 45.46
N TRP B 314 -22.50 -34.12 45.27
CA TRP B 314 -21.84 -34.07 43.97
C TRP B 314 -20.56 -34.89 43.97
N LEU B 315 -20.37 -35.74 44.98
CA LEU B 315 -19.28 -36.70 44.96
C LEU B 315 -19.72 -38.02 44.33
N ARG B 316 -20.81 -38.59 44.83
CA ARG B 316 -21.35 -39.81 44.23
C ARG B 316 -22.08 -39.54 42.93
N HIS B 317 -22.43 -38.28 42.66
CA HIS B 317 -22.93 -37.93 41.34
C HIS B 317 -21.84 -38.00 40.28
N LEU B 318 -20.60 -37.78 40.67
CA LEU B 318 -19.52 -37.62 39.70
C LEU B 318 -18.48 -38.72 39.77
N VAL B 319 -17.88 -38.94 40.93
CA VAL B 319 -16.74 -39.85 41.05
C VAL B 319 -17.17 -41.30 40.92
N LEU B 320 -18.24 -41.69 41.59
CA LEU B 320 -18.72 -43.06 41.53
C LEU B 320 -19.68 -43.32 40.38
N ASP B 321 -19.89 -42.35 39.50
CA ASP B 321 -20.70 -42.56 38.32
C ASP B 321 -19.89 -42.59 37.03
N ARG B 322 -19.08 -41.56 36.78
CA ARG B 322 -18.43 -41.36 35.49
C ARG B 322 -17.28 -42.32 35.21
N ILE B 323 -16.96 -43.23 36.14
CA ILE B 323 -16.05 -44.32 35.82
C ILE B 323 -16.73 -45.46 35.09
N ALA B 324 -18.04 -45.35 34.83
CA ALA B 324 -18.78 -46.35 34.08
C ALA B 324 -19.64 -45.79 32.96
N TRP B 325 -19.95 -44.48 32.97
CA TRP B 325 -20.68 -43.89 31.84
C TRP B 325 -19.82 -43.86 30.59
N ILE B 326 -18.70 -43.15 30.65
CA ILE B 326 -17.82 -43.01 29.49
C ILE B 326 -16.42 -43.48 29.86
N LEU B 327 -15.81 -42.84 30.84
CA LEU B 327 -14.42 -43.11 31.19
C LEU B 327 -14.36 -44.34 32.10
N CYS B 328 -13.18 -44.60 32.66
CA CYS B 328 -12.99 -45.73 33.57
C CYS B 328 -12.18 -45.32 34.79
N LEU B 385 4.57 -35.01 87.67
CA LEU B 385 3.93 -33.91 86.95
C LEU B 385 4.57 -33.72 85.59
N ALA B 386 5.80 -34.20 85.46
CA ALA B 386 6.57 -33.99 84.24
C ALA B 386 6.03 -34.77 83.06
N VAL B 387 5.26 -35.84 83.29
CA VAL B 387 4.67 -36.59 82.20
C VAL B 387 3.56 -35.77 81.54
N ARG B 388 2.69 -35.18 82.36
CA ARG B 388 1.56 -34.43 81.83
C ARG B 388 2.01 -33.10 81.23
N GLY B 389 3.14 -32.57 81.69
CA GLY B 389 3.68 -31.35 81.12
C GLY B 389 4.16 -31.54 79.69
N LEU B 390 4.87 -32.64 79.44
CA LEU B 390 5.28 -32.95 78.08
C LEU B 390 4.14 -33.47 77.24
N LEU B 391 3.13 -34.10 77.88
CA LEU B 391 1.95 -34.51 77.16
C LEU B 391 1.15 -33.31 76.66
N GLN B 392 1.15 -32.23 77.43
CA GLN B 392 0.58 -30.97 76.96
C GLN B 392 1.39 -30.42 75.78
N GLU B 393 2.70 -30.64 75.77
CA GLU B 393 3.53 -30.12 74.70
C GLU B 393 3.44 -30.98 73.45
N LEU B 394 3.44 -32.30 73.60
CA LEU B 394 3.49 -33.17 72.43
C LEU B 394 2.17 -33.20 71.68
N SER B 395 1.06 -33.23 72.40
CA SER B 395 -0.25 -33.24 71.75
C SER B 395 -0.53 -31.95 71.02
N SER B 396 0.02 -30.84 71.51
CA SER B 396 -0.09 -29.58 70.80
C SER B 396 0.74 -29.56 69.53
N ILE B 397 1.83 -30.32 69.50
CA ILE B 397 2.60 -30.45 68.27
C ILE B 397 1.83 -31.24 67.24
N ARG B 398 1.21 -32.36 67.66
CA ARG B 398 0.43 -33.18 66.75
C ARG B 398 -0.78 -32.44 66.22
N HIS B 399 -1.36 -31.56 67.04
CA HIS B 399 -2.47 -30.74 66.57
C HIS B 399 -2.02 -29.73 65.51
N PHE B 400 -0.77 -29.30 65.56
CA PHE B 400 -0.27 -28.40 64.53
C PHE B 400 0.10 -29.12 63.25
N LEU B 401 0.25 -30.44 63.29
CA LEU B 401 0.54 -31.18 62.08
C LEU B 401 -0.70 -31.80 61.47
N GLU B 402 -1.66 -32.23 62.28
CA GLU B 402 -2.82 -32.92 61.72
C GLU B 402 -3.75 -31.98 60.98
N LYS B 403 -3.75 -30.69 61.31
CA LYS B 403 -4.50 -29.77 60.48
C LYS B 403 -3.72 -29.34 59.25
N ARG B 404 -2.41 -29.53 59.25
CA ARG B 404 -1.67 -29.42 58.01
C ARG B 404 -1.95 -30.61 57.11
N ASP B 405 -2.15 -31.79 57.71
CA ASP B 405 -2.52 -32.97 56.94
C ASP B 405 -3.94 -32.85 56.39
N GLU B 406 -4.84 -32.26 57.16
CA GLU B 406 -6.25 -32.21 56.77
C GLU B 406 -6.46 -31.27 55.60
N MET B 407 -5.67 -30.19 55.53
CA MET B 407 -5.82 -29.25 54.43
C MET B 407 -5.29 -29.79 53.11
N ARG B 408 -4.44 -30.80 53.14
CA ARG B 408 -3.98 -31.40 51.89
C ARG B 408 -4.89 -32.51 51.41
N GLU B 409 -5.55 -33.23 52.33
CA GLU B 409 -6.47 -34.27 51.91
C GLU B 409 -7.75 -33.71 51.33
N VAL B 410 -8.15 -32.50 51.77
CA VAL B 410 -9.27 -31.83 51.13
C VAL B 410 -8.89 -31.40 49.71
N ALA B 411 -7.67 -30.88 49.55
CA ALA B 411 -7.23 -30.43 48.24
C ALA B 411 -6.96 -31.58 47.29
N ARG B 412 -6.83 -32.81 47.78
CA ARG B 412 -6.75 -33.94 46.86
C ARG B 412 -8.11 -34.25 46.23
N ASP B 413 -9.20 -33.98 46.93
CA ASP B 413 -10.49 -34.43 46.46
C ASP B 413 -11.04 -33.57 45.33
N TRP B 414 -10.90 -32.24 45.42
CA TRP B 414 -11.29 -31.38 44.31
C TRP B 414 -10.42 -31.65 43.11
N LEU B 415 -9.14 -31.83 43.36
CA LEU B 415 -8.15 -32.19 42.35
C LEU B 415 -8.47 -33.53 41.70
N ARG B 416 -9.10 -34.44 42.43
CA ARG B 416 -9.60 -35.67 41.84
C ARG B 416 -10.84 -35.42 40.99
N VAL B 417 -11.73 -34.53 41.45
CA VAL B 417 -12.90 -34.17 40.66
C VAL B 417 -12.49 -33.40 39.41
N GLY B 418 -11.45 -32.57 39.53
CA GLY B 418 -11.04 -31.72 38.44
C GLY B 418 -10.44 -32.46 37.26
N TYR B 419 -9.94 -33.67 37.46
CA TYR B 419 -9.43 -34.42 36.31
C TYR B 419 -10.54 -35.18 35.60
N VAL B 420 -11.59 -35.56 36.32
CA VAL B 420 -12.66 -36.32 35.68
C VAL B 420 -13.48 -35.43 34.78
N LEU B 421 -13.71 -34.18 35.21
CA LEU B 421 -14.39 -33.23 34.33
C LEU B 421 -13.52 -32.81 33.16
N ASP B 422 -12.20 -32.84 33.33
CA ASP B 422 -11.33 -32.43 32.23
C ASP B 422 -11.31 -33.48 31.12
N ARG B 423 -11.36 -34.76 31.47
CA ARG B 423 -11.45 -35.79 30.44
C ARG B 423 -12.84 -35.82 29.82
N LEU B 424 -13.87 -35.48 30.59
CA LEU B 424 -15.22 -35.51 30.06
C LEU B 424 -15.47 -34.35 29.10
N LEU B 425 -14.98 -33.16 29.44
CA LEU B 425 -15.07 -32.04 28.52
C LEU B 425 -14.11 -32.18 27.35
N PHE B 426 -13.09 -33.03 27.46
CA PHE B 426 -12.20 -33.24 26.33
C PHE B 426 -12.84 -34.09 25.25
N ARG B 427 -13.72 -35.02 25.63
CA ARG B 427 -14.36 -35.87 24.63
C ARG B 427 -15.43 -35.13 23.84
N ILE B 428 -16.29 -34.37 24.51
CA ILE B 428 -17.37 -33.71 23.79
C ILE B 428 -16.85 -32.48 23.04
N TYR B 429 -15.68 -31.98 23.43
CA TYR B 429 -15.01 -31.02 22.56
C TYR B 429 -14.40 -31.71 21.36
N LEU B 430 -13.94 -32.95 21.53
CA LEU B 430 -13.39 -33.69 20.40
C LEU B 430 -14.50 -34.16 19.47
N LEU B 431 -15.71 -34.38 19.99
CA LEU B 431 -16.82 -34.70 19.12
C LEU B 431 -17.46 -33.47 18.50
N ALA B 432 -17.32 -32.30 19.12
CA ALA B 432 -17.84 -31.09 18.51
C ALA B 432 -17.00 -30.65 17.32
N VAL B 433 -15.69 -30.85 17.38
CA VAL B 433 -14.84 -30.55 16.23
C VAL B 433 -15.06 -31.60 15.14
N LEU B 434 -15.24 -32.85 15.53
CA LEU B 434 -15.39 -33.93 14.55
C LEU B 434 -16.72 -33.84 13.83
N ALA B 435 -17.80 -33.50 14.55
CA ALA B 435 -19.09 -33.36 13.91
C ALA B 435 -19.21 -32.08 13.10
N TYR B 436 -18.35 -31.10 13.35
CA TYR B 436 -18.36 -29.88 12.55
C TYR B 436 -17.51 -30.02 11.31
N SER B 437 -16.41 -30.76 11.37
CA SER B 437 -15.54 -30.89 10.22
C SER B 437 -16.13 -31.78 9.14
N ILE B 438 -17.02 -32.71 9.51
CA ILE B 438 -17.64 -33.55 8.48
C ILE B 438 -18.75 -32.79 7.77
N THR B 439 -19.38 -31.83 8.44
CA THR B 439 -20.36 -30.98 7.77
C THR B 439 -19.68 -30.04 6.80
N LEU B 440 -18.44 -29.65 7.09
CA LEU B 440 -17.68 -28.81 6.17
C LEU B 440 -17.26 -29.58 4.92
N VAL B 441 -16.96 -30.87 5.06
CA VAL B 441 -16.53 -31.66 3.91
C VAL B 441 -17.70 -31.96 2.99
N THR B 442 -18.86 -32.32 3.56
CA THR B 442 -19.98 -32.73 2.72
C THR B 442 -20.62 -31.56 1.99
N LEU B 443 -20.37 -30.32 2.39
CA LEU B 443 -20.77 -29.18 1.59
C LEU B 443 -19.75 -28.84 0.52
N TRP B 444 -18.59 -29.49 0.54
CA TRP B 444 -17.60 -29.33 -0.50
C TRP B 444 -17.71 -30.41 -1.57
N SER B 445 -18.17 -31.61 -1.20
CA SER B 445 -18.33 -32.67 -2.19
C SER B 445 -19.58 -32.51 -3.03
N ILE B 446 -20.62 -31.84 -2.51
CA ILE B 446 -21.81 -31.58 -3.30
C ILE B 446 -21.51 -30.60 -4.42
N TRP B 447 -20.76 -29.54 -4.12
CA TRP B 447 -20.40 -28.58 -5.16
C TRP B 447 -19.40 -29.18 -6.15
N HIS B 448 -18.42 -29.94 -5.65
CA HIS B 448 -17.39 -30.48 -6.53
C HIS B 448 -17.95 -31.53 -7.48
N TYR B 449 -18.93 -32.31 -7.04
CA TYR B 449 -19.58 -33.26 -7.93
C TYR B 449 -20.56 -32.51 -8.82
N SER B 450 -20.36 -32.65 -10.14
CA SER B 450 -21.16 -32.00 -11.19
C SER B 450 -21.21 -30.47 -11.05
N THR C 1 15.46 24.28 -66.57
CA THR C 1 15.30 24.37 -65.12
C THR C 1 16.38 25.24 -64.50
N THR C 2 16.32 25.37 -63.18
CA THR C 2 17.29 26.11 -62.40
C THR C 2 17.87 25.18 -61.35
N GLN C 3 18.56 25.74 -60.37
CA GLN C 3 19.13 24.96 -59.27
C GLN C 3 18.69 25.54 -57.92
N PRO C 4 17.42 25.34 -57.51
CA PRO C 4 17.03 25.79 -56.18
C PRO C 4 17.69 24.97 -55.07
N ALA C 5 17.53 23.65 -55.11
CA ALA C 5 18.01 22.76 -54.05
C ALA C 5 17.90 21.29 -54.45
N LEU C 6 18.03 20.43 -53.46
CA LEU C 6 17.50 19.09 -53.56
C LEU C 6 15.98 19.04 -53.42
N LEU C 7 15.35 20.15 -53.01
CA LEU C 7 13.93 20.10 -52.68
C LEU C 7 13.05 19.91 -53.90
N ARG C 8 13.55 20.19 -55.09
CA ARG C 8 12.77 19.90 -56.28
C ARG C 8 12.64 18.42 -56.54
N LEU C 9 13.52 17.59 -55.97
CA LEU C 9 13.22 16.18 -55.85
C LEU C 9 12.03 15.94 -54.93
N SER C 10 11.99 16.63 -53.80
CA SER C 10 10.89 16.43 -52.86
C SER C 10 9.58 16.97 -53.39
N ASP C 11 9.62 17.87 -54.37
CA ASP C 11 8.41 18.27 -55.06
C ASP C 11 8.03 17.29 -56.15
N HIS C 12 9.02 16.63 -56.74
CA HIS C 12 8.75 15.69 -57.83
C HIS C 12 8.05 14.44 -57.32
N LEU C 13 8.31 14.05 -56.09
CA LEU C 13 7.69 12.83 -55.58
C LEU C 13 6.31 13.11 -55.01
N LEU C 14 6.20 14.07 -54.11
CA LEU C 14 5.00 14.28 -53.32
C LEU C 14 4.02 15.27 -53.94
N ALA C 15 4.05 15.42 -55.27
CA ALA C 15 3.09 16.32 -55.90
C ALA C 15 1.76 15.61 -56.12
N ASN C 16 1.80 14.38 -56.62
CA ASN C 16 0.59 13.63 -56.92
C ASN C 16 0.50 12.32 -56.15
N TYR C 17 1.32 12.15 -55.13
CA TYR C 17 1.26 10.94 -54.33
C TYR C 17 0.04 10.98 -53.42
N LYS C 18 -0.75 9.92 -53.47
CA LYS C 18 -1.96 9.82 -52.67
C LYS C 18 -1.70 8.91 -51.48
N LYS C 19 -2.09 9.37 -50.31
CA LYS C 19 -1.62 8.78 -49.07
C LYS C 19 -2.30 7.45 -48.78
N GLY C 20 -3.55 7.31 -49.16
CA GLY C 20 -4.31 6.16 -48.70
C GLY C 20 -4.24 4.92 -49.57
N VAL C 21 -3.92 5.08 -50.84
CA VAL C 21 -3.92 3.96 -51.76
C VAL C 21 -2.69 3.10 -51.53
N ARG C 22 -2.86 1.78 -51.56
CA ARG C 22 -1.73 0.90 -51.33
C ARG C 22 -0.79 0.95 -52.54
N PRO C 23 0.47 1.21 -52.35
CA PRO C 23 1.33 1.62 -53.46
C PRO C 23 1.89 0.48 -54.29
N VAL C 24 1.17 0.03 -55.31
CA VAL C 24 1.68 -1.00 -56.19
C VAL C 24 1.09 -0.78 -57.59
N ARG C 25 1.85 -1.15 -58.62
CA ARG C 25 1.39 -1.00 -59.99
C ARG C 25 0.26 -1.97 -60.29
N ASP C 26 0.54 -3.26 -60.22
CA ASP C 26 -0.47 -4.29 -60.42
C ASP C 26 -1.02 -4.70 -59.07
N TRP C 27 -2.34 -4.82 -58.98
CA TRP C 27 -2.97 -5.08 -57.70
C TRP C 27 -2.86 -6.52 -57.23
N ARG C 28 -2.21 -7.39 -58.00
CA ARG C 28 -2.11 -8.78 -57.61
C ARG C 28 -0.82 -9.07 -56.85
N LYS C 29 0.19 -8.26 -57.03
CA LYS C 29 1.47 -8.47 -56.37
C LYS C 29 1.38 -7.97 -54.93
N PRO C 30 1.69 -8.80 -53.94
CA PRO C 30 1.58 -8.36 -52.56
C PRO C 30 2.78 -7.53 -52.13
N THR C 31 2.51 -6.58 -51.23
CA THR C 31 3.56 -5.77 -50.63
C THR C 31 4.20 -6.54 -49.49
N THR C 32 5.52 -6.60 -49.48
CA THR C 32 6.25 -7.45 -48.55
C THR C 32 7.03 -6.58 -47.59
N VAL C 33 6.58 -6.50 -46.35
CA VAL C 33 7.32 -5.80 -45.32
C VAL C 33 8.29 -6.79 -44.69
N SER C 34 9.28 -6.27 -43.95
CA SER C 34 10.31 -7.12 -43.38
C SER C 34 10.75 -6.53 -42.05
N ILE C 35 10.49 -7.24 -40.95
CA ILE C 35 10.65 -6.66 -39.63
C ILE C 35 11.92 -7.21 -38.97
N ASP C 36 12.24 -6.64 -37.81
CA ASP C 36 13.35 -7.06 -36.95
C ASP C 36 13.17 -6.39 -35.60
N VAL C 37 13.58 -7.08 -34.53
CA VAL C 37 13.46 -6.52 -33.18
C VAL C 37 14.74 -6.75 -32.39
N ILE C 38 14.90 -5.95 -31.34
CA ILE C 38 15.94 -6.12 -30.33
C ILE C 38 15.33 -5.83 -28.97
N MET C 39 15.46 -6.76 -28.04
CA MET C 39 15.03 -6.52 -26.66
C MET C 39 15.87 -5.43 -26.03
N TYR C 40 15.24 -4.60 -25.21
CA TYR C 40 15.99 -3.60 -24.48
C TYR C 40 15.89 -3.75 -22.98
N ALA C 41 14.68 -3.83 -22.44
CA ALA C 41 14.52 -3.98 -21.00
C ALA C 41 13.28 -4.79 -20.73
N ILE C 42 13.17 -5.29 -19.51
CA ILE C 42 11.98 -6.01 -19.07
C ILE C 42 11.48 -5.29 -17.82
N LEU C 43 10.40 -4.53 -17.98
CA LEU C 43 10.02 -3.59 -16.95
C LEU C 43 9.31 -4.27 -15.79
N ASN C 44 8.38 -5.17 -16.07
CA ASN C 44 7.57 -5.76 -15.02
C ASN C 44 7.02 -7.07 -15.49
N VAL C 45 7.06 -8.08 -14.62
CA VAL C 45 6.42 -9.36 -14.88
C VAL C 45 5.44 -9.58 -13.74
N ASP C 46 4.16 -9.36 -14.03
CA ASP C 46 3.10 -9.48 -13.04
C ASP C 46 2.57 -10.91 -13.09
N GLU C 47 2.88 -11.69 -12.06
CA GLU C 47 2.46 -13.09 -12.05
C GLU C 47 0.97 -13.22 -11.85
N LYS C 48 0.37 -12.33 -11.06
CA LYS C 48 -1.04 -12.47 -10.70
C LYS C 48 -1.95 -12.20 -11.89
N ASN C 49 -1.65 -11.19 -12.68
CA ASN C 49 -2.52 -10.81 -13.78
C ASN C 49 -2.09 -11.39 -15.11
N GLN C 50 -0.99 -12.15 -15.14
CA GLN C 50 -0.42 -12.77 -16.35
C GLN C 50 -0.05 -11.71 -17.39
N VAL C 51 0.47 -10.57 -16.95
CA VAL C 51 0.77 -9.44 -17.81
C VAL C 51 2.26 -9.16 -17.75
N LEU C 52 2.89 -9.03 -18.92
CA LEU C 52 4.32 -8.80 -19.05
C LEU C 52 4.57 -7.51 -19.81
N THR C 53 5.46 -6.67 -19.29
CA THR C 53 5.72 -5.33 -19.81
C THR C 53 7.15 -5.28 -20.35
N THR C 54 7.32 -4.76 -21.56
CA THR C 54 8.59 -4.86 -22.26
C THR C 54 8.77 -3.65 -23.17
N TYR C 55 9.98 -3.09 -23.17
CA TYR C 55 10.34 -2.02 -24.10
C TYR C 55 11.33 -2.59 -25.12
N ILE C 56 11.00 -2.49 -26.41
CA ILE C 56 11.85 -3.01 -27.46
C ILE C 56 12.12 -1.95 -28.51
N TRP C 57 13.09 -2.21 -29.36
CA TRP C 57 13.33 -1.38 -30.54
C TRP C 57 12.86 -2.15 -31.76
N TYR C 58 12.67 -1.45 -32.87
CA TYR C 58 11.93 -2.05 -33.96
C TYR C 58 12.25 -1.34 -35.26
N ARG C 59 12.36 -2.08 -36.35
CA ARG C 59 12.57 -1.47 -37.65
C ARG C 59 11.95 -2.34 -38.72
N GLN C 60 11.62 -1.77 -39.86
CA GLN C 60 10.92 -2.49 -40.91
C GLN C 60 11.13 -1.76 -42.22
N TYR C 61 10.96 -2.45 -43.34
CA TYR C 61 11.17 -1.81 -44.63
C TYR C 61 10.31 -2.49 -45.66
N TRP C 62 9.87 -1.73 -46.66
CA TRP C 62 9.04 -2.25 -47.74
C TRP C 62 9.30 -1.45 -48.99
N THR C 63 8.94 -2.00 -50.14
CA THR C 63 9.15 -1.34 -51.40
C THR C 63 7.84 -0.78 -51.95
N ASP C 64 7.94 0.24 -52.79
CA ASP C 64 6.79 0.77 -53.50
C ASP C 64 7.23 1.47 -54.78
N GLU C 65 6.35 1.46 -55.78
CA GLU C 65 6.71 1.89 -57.11
C GLU C 65 6.36 3.33 -57.40
N PHE C 66 5.92 4.09 -56.42
CA PHE C 66 5.58 5.48 -56.69
C PHE C 66 6.71 6.42 -56.31
N LEU C 67 7.46 6.08 -55.26
CA LEU C 67 8.58 6.89 -54.81
C LEU C 67 9.84 6.33 -55.45
N GLN C 68 10.07 6.73 -56.68
CA GLN C 68 11.13 6.11 -57.47
C GLN C 68 11.62 7.08 -58.51
N TRP C 69 12.85 7.55 -58.36
CA TRP C 69 13.43 8.54 -59.26
C TRP C 69 14.72 7.97 -59.86
N THR C 70 15.29 8.73 -60.76
CA THR C 70 16.64 8.35 -61.16
C THR C 70 17.66 9.22 -60.45
N PRO C 71 18.71 8.64 -59.86
CA PRO C 71 19.62 9.45 -59.05
C PRO C 71 20.44 10.41 -59.86
N GLU C 72 20.73 10.08 -61.10
CA GLU C 72 21.35 11.02 -62.02
C GLU C 72 20.36 12.15 -62.31
N ASP C 73 20.90 13.34 -62.55
CA ASP C 73 20.30 14.63 -62.92
C ASP C 73 19.54 15.29 -61.78
N PHE C 74 19.48 14.68 -60.60
CA PHE C 74 19.05 15.37 -59.39
C PHE C 74 20.23 15.60 -58.46
N ASP C 75 21.40 15.87 -59.03
CA ASP C 75 22.67 16.07 -58.33
C ASP C 75 22.98 14.86 -57.44
N ASN C 76 22.78 13.67 -58.00
CA ASN C 76 23.28 12.39 -57.48
C ASN C 76 22.71 12.05 -56.11
N VAL C 77 21.49 12.48 -55.81
CA VAL C 77 20.92 12.22 -54.51
C VAL C 77 20.49 10.76 -54.43
N THR C 78 21.01 10.04 -53.45
CA THR C 78 20.67 8.64 -53.29
C THR C 78 19.56 8.41 -52.27
N LYS C 79 19.69 8.92 -51.05
CA LYS C 79 18.63 8.75 -50.08
C LYS C 79 18.10 10.11 -49.68
N LEU C 80 17.07 10.09 -48.83
CA LEU C 80 16.25 11.26 -48.62
C LEU C 80 15.44 11.06 -47.35
N SER C 81 15.10 12.16 -46.67
CA SER C 81 14.19 12.13 -45.53
C SER C 81 12.85 12.67 -45.97
N ILE C 82 11.78 11.97 -45.58
CA ILE C 82 10.41 12.36 -45.89
C ILE C 82 9.62 12.19 -44.61
N PRO C 83 8.71 13.09 -44.25
CA PRO C 83 7.93 12.92 -43.03
C PRO C 83 7.01 11.72 -43.10
N THR C 84 6.75 11.13 -41.93
CA THR C 84 6.02 9.87 -41.85
C THR C 84 4.58 10.02 -42.28
N ASP C 85 4.02 11.23 -42.18
CA ASP C 85 2.59 11.41 -42.41
C ASP C 85 2.23 11.21 -43.88
N SER C 86 3.06 11.68 -44.80
CA SER C 86 2.69 11.72 -46.19
C SER C 86 3.02 10.44 -46.96
N ILE C 87 3.19 9.32 -46.27
CA ILE C 87 3.57 8.05 -46.87
C ILE C 87 2.57 6.99 -46.42
N TRP C 88 2.20 6.09 -47.32
CA TRP C 88 1.46 4.89 -46.95
C TRP C 88 2.30 4.07 -45.97
N VAL C 89 1.74 3.78 -44.80
CA VAL C 89 2.43 3.05 -43.75
C VAL C 89 1.58 1.84 -43.38
N PRO C 90 2.12 0.63 -43.43
CA PRO C 90 1.31 -0.54 -43.11
C PRO C 90 1.04 -0.66 -41.62
N ASP C 91 -0.05 -1.35 -41.31
CA ASP C 91 -0.48 -1.57 -39.93
C ASP C 91 0.01 -2.93 -39.45
N ILE C 92 1.02 -2.93 -38.59
CA ILE C 92 1.59 -4.14 -38.04
C ILE C 92 1.40 -4.07 -36.54
N LEU C 93 0.59 -4.95 -35.99
CA LEU C 93 0.30 -4.93 -34.56
C LEU C 93 0.61 -6.27 -33.93
N ILE C 94 0.66 -6.27 -32.61
CA ILE C 94 0.88 -7.46 -31.81
C ILE C 94 -0.47 -8.01 -31.45
N ASN C 95 -0.65 -9.33 -31.60
CA ASN C 95 -1.91 -9.94 -31.22
C ASN C 95 -2.15 -9.92 -29.72
N GLU C 96 -1.10 -9.94 -28.91
CA GLU C 96 -1.24 -10.12 -27.48
C GLU C 96 -1.40 -8.83 -26.71
N PHE C 97 -1.82 -7.74 -27.35
CA PHE C 97 -2.05 -6.49 -26.62
C PHE C 97 -3.17 -6.62 -25.60
N VAL C 98 -2.98 -6.00 -24.45
CA VAL C 98 -4.07 -5.74 -23.52
C VAL C 98 -4.20 -4.27 -23.16
N ASP C 99 -3.25 -3.45 -23.55
CA ASP C 99 -3.26 -2.02 -23.25
C ASP C 99 -2.33 -1.35 -24.26
N VAL C 100 -2.33 -0.03 -24.29
CA VAL C 100 -1.49 0.74 -25.19
C VAL C 100 -0.37 1.36 -24.38
N GLY C 101 0.86 0.94 -24.64
CA GLY C 101 1.99 1.58 -24.03
C GLY C 101 2.29 2.93 -24.66
N LYS C 102 2.98 3.74 -23.87
CA LYS C 102 3.33 5.11 -24.23
C LYS C 102 4.74 5.10 -24.82
N SER C 103 4.88 5.55 -26.06
CA SER C 103 6.14 5.44 -26.76
C SER C 103 6.35 6.68 -27.60
N PRO C 104 7.61 7.09 -27.82
CA PRO C 104 7.83 8.30 -28.61
C PRO C 104 7.55 8.06 -30.08
N ASN C 105 7.11 9.09 -30.78
CA ASN C 105 6.89 8.98 -32.21
C ASN C 105 8.06 9.56 -33.00
N ILE C 106 8.37 8.93 -34.12
CA ILE C 106 9.52 9.32 -34.94
C ILE C 106 8.97 9.90 -36.24
N PRO C 107 9.16 11.18 -36.48
CA PRO C 107 8.48 11.80 -37.62
C PRO C 107 9.22 11.74 -38.95
N TYR C 108 10.18 10.83 -39.13
CA TYR C 108 10.89 10.80 -40.39
C TYR C 108 11.13 9.36 -40.82
N VAL C 109 11.21 9.15 -42.14
CA VAL C 109 11.62 7.89 -42.74
C VAL C 109 12.66 8.18 -43.80
N TYR C 110 13.39 7.13 -44.19
CA TYR C 110 14.30 7.18 -45.32
C TYR C 110 13.57 6.72 -46.57
N VAL C 111 14.05 7.14 -47.73
CA VAL C 111 13.59 6.64 -49.02
C VAL C 111 14.80 6.51 -49.93
N HIS C 112 15.09 5.30 -50.39
CA HIS C 112 16.19 5.10 -51.31
C HIS C 112 15.69 5.30 -52.74
N HIS C 113 16.59 5.22 -53.72
CA HIS C 113 16.22 5.59 -55.07
C HIS C 113 15.68 4.43 -55.87
N ARG C 114 15.43 3.30 -55.24
CA ARG C 114 14.72 2.21 -55.88
C ARG C 114 13.28 2.09 -55.43
N GLY C 115 12.92 2.74 -54.32
CA GLY C 115 11.61 2.62 -53.73
C GLY C 115 11.64 2.05 -52.34
N GLU C 116 12.78 1.60 -51.87
CA GLU C 116 12.87 1.01 -50.56
C GLU C 116 12.86 2.07 -49.48
N VAL C 117 11.79 2.11 -48.69
CA VAL C 117 11.75 3.02 -47.55
C VAL C 117 12.17 2.23 -46.34
N GLN C 118 12.51 2.94 -45.26
CA GLN C 118 12.90 2.30 -44.00
C GLN C 118 12.21 3.04 -42.88
N ASN C 119 12.04 2.40 -41.74
CA ASN C 119 11.27 3.01 -40.67
C ASN C 119 11.73 2.48 -39.32
N TYR C 120 12.40 3.32 -38.56
CA TYR C 120 12.87 2.97 -37.22
C TYR C 120 11.91 3.57 -36.21
N LYS C 121 11.48 2.78 -35.23
CA LYS C 121 10.69 3.31 -34.13
C LYS C 121 10.80 2.43 -32.91
N PRO C 122 10.86 3.00 -31.72
CA PRO C 122 10.75 2.20 -30.50
C PRO C 122 9.30 2.15 -30.04
N LEU C 123 8.99 1.11 -29.27
CA LEU C 123 7.62 0.96 -28.81
C LEU C 123 7.56 0.12 -27.55
N GLN C 124 6.93 0.66 -26.52
CA GLN C 124 6.65 -0.08 -25.30
C GLN C 124 5.43 -0.95 -25.51
N LEU C 125 5.49 -2.19 -25.07
CA LEU C 125 4.37 -3.09 -25.26
C LEU C 125 4.05 -3.83 -23.97
N VAL C 126 2.76 -3.93 -23.68
CA VAL C 126 2.24 -4.71 -22.56
C VAL C 126 1.45 -5.87 -23.13
N THR C 127 1.89 -7.08 -22.86
CA THR C 127 1.28 -8.24 -23.45
C THR C 127 0.70 -9.13 -22.36
N ALA C 128 0.15 -10.26 -22.78
CA ALA C 128 -0.47 -11.20 -21.87
C ALA C 128 0.02 -12.60 -22.22
N CYS C 129 1.02 -13.07 -21.50
CA CYS C 129 1.56 -14.40 -21.74
C CYS C 129 1.29 -15.27 -20.53
N SER C 130 1.30 -16.58 -20.74
CA SER C 130 0.98 -17.52 -19.69
C SER C 130 2.25 -17.90 -18.94
N LEU C 131 2.23 -17.74 -17.61
CA LEU C 131 3.37 -17.97 -16.75
C LEU C 131 3.12 -19.21 -15.90
N ASP C 132 4.18 -19.91 -15.53
CA ASP C 132 4.09 -21.02 -14.60
C ASP C 132 4.96 -20.77 -13.38
N ILE C 133 4.42 -21.00 -12.20
CA ILE C 133 5.12 -20.70 -10.96
C ILE C 133 5.35 -22.05 -10.30
N TYR C 134 5.58 -23.09 -11.11
CA TYR C 134 5.70 -24.44 -10.57
C TYR C 134 6.93 -24.60 -9.69
N ASN C 135 8.01 -23.92 -10.02
CA ASN C 135 9.22 -23.94 -9.21
C ASN C 135 9.75 -22.50 -9.10
N PHE C 136 9.47 -21.88 -7.95
CA PHE C 136 9.42 -20.42 -7.90
C PHE C 136 10.75 -19.70 -8.09
N PRO C 137 11.82 -19.98 -7.34
CA PRO C 137 13.06 -19.23 -7.60
C PRO C 137 13.81 -19.69 -8.84
N PHE C 138 13.57 -20.90 -9.32
CA PHE C 138 14.34 -21.45 -10.44
C PHE C 138 13.34 -21.67 -11.56
N ASP C 139 13.11 -20.67 -12.39
CA ASP C 139 12.09 -20.82 -13.42
C ASP C 139 12.47 -20.07 -14.68
N VAL C 140 12.21 -20.70 -15.82
CA VAL C 140 12.28 -20.04 -17.11
C VAL C 140 10.86 -19.71 -17.52
N GLN C 141 10.73 -18.73 -18.40
CA GLN C 141 9.42 -18.35 -18.91
C GLN C 141 9.50 -18.35 -20.43
N ASN C 142 8.35 -18.54 -21.07
CA ASN C 142 8.31 -18.67 -22.52
C ASN C 142 7.11 -17.86 -23.00
N CYS C 143 7.31 -16.57 -23.19
CA CYS C 143 6.24 -15.68 -23.62
C CYS C 143 6.39 -15.37 -25.10
N SER C 144 5.27 -15.06 -25.75
CA SER C 144 5.24 -14.92 -27.19
C SER C 144 4.91 -13.49 -27.60
N LEU C 145 5.50 -13.08 -28.71
CA LEU C 145 5.16 -11.84 -29.39
C LEU C 145 4.82 -12.19 -30.82
N THR C 146 3.66 -11.76 -31.29
CA THR C 146 3.16 -12.18 -32.59
C THR C 146 2.87 -10.95 -33.43
N PHE C 147 3.75 -10.66 -34.38
CA PHE C 147 3.55 -9.53 -35.27
C PHE C 147 2.70 -9.96 -36.46
N THR C 148 1.64 -9.22 -36.71
CA THR C 148 0.77 -9.54 -37.84
C THR C 148 0.13 -8.27 -38.36
N SER C 149 -0.32 -8.34 -39.61
CA SER C 149 -1.20 -7.31 -40.12
C SER C 149 -2.55 -7.48 -39.47
N TRP C 150 -3.25 -6.38 -39.26
CA TRP C 150 -4.51 -6.53 -38.55
C TRP C 150 -5.68 -6.64 -39.50
N LEU C 151 -5.56 -6.10 -40.69
CA LEU C 151 -6.67 -6.13 -41.61
C LEU C 151 -6.37 -6.91 -42.88
N HIS C 152 -5.22 -6.67 -43.51
CA HIS C 152 -4.98 -7.16 -44.86
C HIS C 152 -4.71 -8.66 -44.87
N THR C 153 -5.06 -9.30 -45.97
CA THR C 153 -4.87 -10.73 -46.12
C THR C 153 -3.47 -11.03 -46.64
N ILE C 154 -3.19 -12.31 -46.87
CA ILE C 154 -1.83 -12.71 -47.22
C ILE C 154 -1.52 -12.48 -48.69
N GLN C 155 -2.52 -12.24 -49.52
CA GLN C 155 -2.19 -11.75 -50.86
C GLN C 155 -2.16 -10.24 -50.89
N ASP C 156 -2.12 -9.59 -49.74
CA ASP C 156 -2.07 -8.15 -49.66
C ASP C 156 -0.86 -7.64 -48.91
N ILE C 157 -0.56 -8.22 -47.75
CA ILE C 157 0.63 -7.90 -46.97
C ILE C 157 1.26 -9.18 -46.48
N ASN C 158 2.56 -9.33 -46.69
CA ASN C 158 3.31 -10.54 -46.37
C ASN C 158 4.51 -10.15 -45.52
N ILE C 159 4.93 -11.02 -44.60
CA ILE C 159 5.93 -10.65 -43.60
C ILE C 159 7.10 -11.62 -43.65
N THR C 160 8.31 -11.09 -43.81
CA THR C 160 9.55 -11.87 -43.74
C THR C 160 10.49 -11.21 -42.73
N LEU C 161 11.72 -11.69 -42.68
CA LEU C 161 12.69 -11.15 -41.72
C LEU C 161 13.75 -10.30 -42.40
N TRP C 162 14.25 -9.31 -41.67
CA TRP C 162 15.36 -8.50 -42.16
C TRP C 162 16.63 -9.34 -42.24
N ARG C 163 17.04 -9.92 -41.13
CA ARG C 163 18.28 -10.66 -41.02
C ARG C 163 17.99 -12.15 -41.04
N SER C 164 19.04 -12.95 -41.07
CA SER C 164 18.88 -14.38 -40.95
C SER C 164 18.41 -14.73 -39.53
N PRO C 165 17.64 -15.79 -39.35
CA PRO C 165 17.12 -16.09 -38.01
C PRO C 165 18.18 -16.57 -37.04
N GLU C 166 19.32 -17.04 -37.54
CA GLU C 166 20.40 -17.45 -36.65
C GLU C 166 21.06 -16.24 -36.01
N GLU C 167 20.97 -15.09 -36.67
CA GLU C 167 21.63 -13.90 -36.16
C GLU C 167 20.75 -13.19 -35.13
N VAL C 168 19.44 -13.43 -35.20
CA VAL C 168 18.52 -12.79 -34.26
C VAL C 168 18.58 -13.48 -32.90
N ARG C 169 18.84 -14.79 -32.88
CA ARG C 169 18.80 -15.55 -31.64
C ARG C 169 19.89 -15.14 -30.68
N SER C 170 21.06 -14.80 -31.20
CA SER C 170 22.19 -14.54 -30.35
C SER C 170 22.48 -13.05 -30.31
N ASP C 171 21.42 -12.24 -30.26
CA ASP C 171 21.57 -10.79 -30.22
C ASP C 171 21.22 -10.33 -28.81
N LYS C 172 22.19 -10.42 -27.92
CA LYS C 172 22.11 -9.86 -26.58
C LYS C 172 23.15 -8.75 -26.55
N SER C 173 22.76 -7.58 -27.03
CA SER C 173 23.73 -6.52 -27.28
C SER C 173 23.52 -5.31 -26.41
N ILE C 174 22.28 -4.85 -26.27
CA ILE C 174 21.98 -3.64 -25.52
C ILE C 174 21.10 -3.91 -24.32
N PHE C 175 20.90 -5.18 -23.97
CA PHE C 175 19.97 -5.54 -22.92
C PHE C 175 20.48 -5.08 -21.56
N ILE C 176 19.60 -4.53 -20.75
CA ILE C 176 19.96 -4.04 -19.43
C ILE C 176 19.99 -5.21 -18.46
N ASN C 177 21.17 -5.53 -17.95
CA ASN C 177 21.28 -6.55 -16.91
C ASN C 177 21.04 -5.93 -15.54
N GLN C 178 21.42 -6.68 -14.50
CA GLN C 178 21.27 -6.30 -13.10
C GLN C 178 19.82 -5.99 -12.73
N GLY C 179 18.88 -6.71 -13.33
CA GLY C 179 17.49 -6.34 -13.23
C GLY C 179 16.48 -7.46 -13.08
N GLU C 180 16.76 -8.48 -12.25
CA GLU C 180 15.86 -9.58 -11.84
C GLU C 180 15.59 -10.59 -12.96
N TRP C 181 15.85 -10.26 -14.22
CA TRP C 181 15.54 -11.17 -15.31
C TRP C 181 16.69 -11.21 -16.29
N GLU C 182 17.12 -12.41 -16.64
CA GLU C 182 18.22 -12.63 -17.56
C GLU C 182 17.67 -13.12 -18.89
N LEU C 183 18.03 -12.44 -19.97
CA LEU C 183 17.55 -12.81 -21.29
C LEU C 183 18.41 -13.92 -21.86
N LEU C 184 17.76 -14.96 -22.37
CA LEU C 184 18.47 -16.09 -22.93
C LEU C 184 18.46 -16.14 -24.44
N GLU C 185 17.30 -15.96 -25.07
CA GLU C 185 17.17 -16.27 -26.49
C GLU C 185 15.93 -15.57 -27.03
N VAL C 186 16.01 -15.09 -28.26
CA VAL C 186 14.86 -14.52 -28.96
C VAL C 186 14.74 -15.31 -30.27
N PHE C 187 13.73 -16.16 -30.35
CA PHE C 187 13.66 -17.14 -31.42
C PHE C 187 12.51 -16.82 -32.36
N PRO C 188 12.75 -16.58 -33.64
CA PRO C 188 11.67 -16.27 -34.57
C PRO C 188 11.09 -17.50 -35.23
N GLN C 189 9.87 -17.35 -35.74
CA GLN C 189 9.17 -18.44 -36.41
C GLN C 189 8.09 -17.86 -37.30
N PHE C 190 8.03 -18.31 -38.53
CA PHE C 190 6.97 -17.92 -39.45
C PHE C 190 5.86 -18.95 -39.43
N LYS C 191 4.62 -18.48 -39.59
CA LYS C 191 3.47 -19.37 -39.60
C LYS C 191 2.31 -18.66 -40.26
N GLU C 192 1.57 -19.38 -41.09
CA GLU C 192 0.40 -18.86 -41.77
C GLU C 192 -0.84 -19.55 -41.21
N PHE C 193 -1.84 -18.76 -40.81
CA PHE C 193 -3.07 -19.35 -40.33
C PHE C 193 -4.25 -18.74 -41.05
N SER C 194 -5.33 -19.51 -41.14
CA SER C 194 -6.55 -19.09 -41.83
C SER C 194 -7.72 -19.30 -40.89
N ILE C 195 -8.48 -18.23 -40.64
CA ILE C 195 -9.70 -18.33 -39.84
C ILE C 195 -10.91 -18.71 -40.68
N ASP C 196 -10.77 -18.73 -41.99
CA ASP C 196 -11.87 -18.99 -42.90
C ASP C 196 -11.25 -19.39 -44.23
N ILE C 197 -12.07 -19.99 -45.09
CA ILE C 197 -11.65 -20.24 -46.45
C ILE C 197 -11.50 -18.91 -47.18
N SER C 198 -10.47 -18.82 -48.04
CA SER C 198 -10.12 -17.64 -48.85
C SER C 198 -9.81 -16.41 -48.00
N ASN C 199 -9.40 -16.59 -46.75
CA ASN C 199 -8.98 -15.48 -45.89
C ASN C 199 -7.80 -15.98 -45.06
N SER C 200 -6.60 -15.79 -45.57
CA SER C 200 -5.39 -16.19 -44.89
C SER C 200 -4.66 -14.96 -44.38
N TYR C 201 -4.04 -15.10 -43.22
CA TYR C 201 -3.39 -14.00 -42.53
C TYR C 201 -1.99 -14.41 -42.15
N ALA C 202 -1.00 -13.72 -42.68
CA ALA C 202 0.38 -14.02 -42.34
C ALA C 202 0.69 -13.51 -40.94
N GLU C 203 1.60 -14.19 -40.26
CA GLU C 203 2.06 -13.69 -38.98
C GLU C 203 3.48 -14.17 -38.75
N MET C 204 4.11 -13.59 -37.74
CA MET C 204 5.51 -13.86 -37.42
C MET C 204 5.60 -13.90 -35.90
N LYS C 205 6.06 -15.02 -35.36
CA LYS C 205 6.10 -15.20 -33.91
C LYS C 205 7.53 -15.11 -33.41
N PHE C 206 7.75 -14.23 -32.46
CA PHE C 206 9.00 -14.18 -31.70
C PHE C 206 8.76 -14.79 -30.34
N TYR C 207 9.62 -15.73 -29.96
CA TYR C 207 9.58 -16.32 -28.63
C TYR C 207 10.70 -15.73 -27.81
N VAL C 208 10.38 -15.12 -26.69
CA VAL C 208 11.40 -14.70 -25.74
C VAL C 208 11.47 -15.74 -24.63
N ILE C 209 12.68 -15.93 -24.11
CA ILE C 209 12.91 -16.89 -23.03
C ILE C 209 13.74 -16.19 -21.97
N ILE C 210 13.15 -16.00 -20.79
CA ILE C 210 13.79 -15.27 -19.71
C ILE C 210 13.90 -16.18 -18.50
N ARG C 211 14.92 -15.95 -17.68
CA ARG C 211 15.17 -16.75 -16.49
C ARG C 211 15.36 -15.84 -15.30
N ARG C 212 14.68 -16.14 -14.20
CA ARG C 212 14.76 -15.32 -13.01
C ARG C 212 16.07 -15.58 -12.28
N ARG C 213 16.70 -14.52 -11.80
CA ARG C 213 17.87 -14.68 -10.96
C ARG C 213 17.43 -15.00 -9.53
N PRO C 214 17.78 -16.15 -8.99
CA PRO C 214 17.21 -16.57 -7.71
C PRO C 214 17.90 -15.99 -6.49
N LEU C 215 18.89 -15.12 -6.68
CA LEU C 215 19.70 -14.65 -5.56
C LEU C 215 18.92 -13.74 -4.62
N PHE C 216 17.85 -13.10 -5.10
CA PHE C 216 17.19 -12.10 -4.28
C PHE C 216 16.35 -12.75 -3.20
N TYR C 217 15.98 -14.00 -3.41
CA TYR C 217 15.05 -14.70 -2.55
C TYR C 217 15.72 -15.70 -1.64
N ALA C 218 17.02 -15.91 -1.78
CA ALA C 218 17.75 -16.73 -0.82
C ALA C 218 18.04 -16.00 0.47
N VAL C 219 17.76 -14.71 0.56
CA VAL C 219 17.89 -13.97 1.81
C VAL C 219 16.53 -13.55 2.36
N SER C 220 15.48 -13.57 1.55
CA SER C 220 14.18 -13.10 1.98
C SER C 220 13.29 -14.21 2.50
N LEU C 221 13.58 -15.46 2.17
CA LEU C 221 12.78 -16.57 2.67
C LEU C 221 13.58 -17.75 3.15
N LEU C 222 14.87 -17.85 2.83
CA LEU C 222 15.66 -18.94 3.36
C LEU C 222 16.20 -18.61 4.75
N LEU C 223 16.53 -17.35 4.99
CA LEU C 223 17.19 -16.99 6.23
C LEU C 223 16.28 -17.05 7.46
N PRO C 224 15.05 -16.51 7.47
CA PRO C 224 14.21 -16.73 8.66
C PRO C 224 13.66 -18.14 8.77
N SER C 225 13.73 -18.95 7.73
CA SER C 225 13.20 -20.30 7.82
C SER C 225 14.13 -21.20 8.63
N ILE C 226 15.43 -21.14 8.35
CA ILE C 226 16.38 -21.94 9.12
C ILE C 226 16.69 -21.30 10.46
N PHE C 227 16.37 -20.02 10.62
CA PHE C 227 16.67 -19.36 11.88
C PHE C 227 15.72 -19.79 13.00
N LEU C 228 14.48 -20.12 12.67
CA LEU C 228 13.57 -20.66 13.66
C LEU C 228 13.64 -22.18 13.75
N MET C 229 14.75 -22.76 13.33
CA MET C 229 15.13 -24.11 13.71
C MET C 229 16.32 -24.12 14.65
N VAL C 230 17.20 -23.13 14.55
CA VAL C 230 18.34 -23.07 15.47
C VAL C 230 17.92 -22.55 16.84
N VAL C 231 16.72 -22.00 16.96
CA VAL C 231 16.23 -21.61 18.28
C VAL C 231 15.68 -22.82 19.03
N ASP C 232 15.00 -23.73 18.32
CA ASP C 232 14.42 -24.90 18.98
C ASP C 232 15.46 -25.93 19.35
N ILE C 233 16.63 -25.91 18.72
CA ILE C 233 17.70 -26.75 19.21
C ILE C 233 18.21 -26.20 20.54
N VAL C 234 18.21 -24.88 20.69
CA VAL C 234 18.49 -24.30 21.99
C VAL C 234 17.32 -24.52 22.93
N GLY C 235 16.11 -24.63 22.38
CA GLY C 235 14.92 -24.66 23.22
C GLY C 235 14.72 -25.94 23.99
N PHE C 236 15.24 -27.06 23.50
CA PHE C 236 15.10 -28.30 24.25
C PHE C 236 16.03 -28.40 25.45
N CYS C 237 17.00 -27.51 25.59
CA CYS C 237 17.92 -27.65 26.70
C CYS C 237 17.32 -27.18 28.03
N LEU C 238 16.15 -26.54 28.01
CA LEU C 238 15.46 -26.25 29.26
C LEU C 238 14.95 -27.54 29.88
N PRO C 239 15.09 -27.69 31.20
CA PRO C 239 14.51 -28.84 31.86
C PRO C 239 13.00 -28.73 31.89
N PRO C 240 12.28 -29.84 31.69
CA PRO C 240 10.85 -29.76 31.40
C PRO C 240 9.99 -29.38 32.59
N ASP C 241 10.43 -29.65 33.81
CA ASP C 241 9.64 -29.37 34.99
C ASP C 241 9.76 -27.93 35.46
N SER C 242 10.44 -27.07 34.71
CA SER C 242 10.61 -25.69 35.15
C SER C 242 9.32 -24.91 35.00
N GLY C 243 8.74 -24.91 33.80
CA GLY C 243 7.44 -24.30 33.62
C GLY C 243 7.39 -23.37 32.44
N GLU C 244 8.54 -22.86 32.03
CA GLU C 244 8.63 -21.96 30.89
C GLU C 244 8.86 -22.68 29.57
N ARG C 245 9.12 -23.98 29.62
CA ARG C 245 9.37 -24.72 28.39
C ARG C 245 8.11 -24.82 27.52
N VAL C 246 6.95 -24.87 28.15
CA VAL C 246 5.70 -24.81 27.39
C VAL C 246 5.49 -23.39 26.86
N SER C 247 5.81 -22.39 27.68
CA SER C 247 5.66 -21.01 27.27
C SER C 247 6.71 -20.59 26.25
N PHE C 248 7.84 -21.30 26.19
CA PHE C 248 8.85 -20.99 25.19
C PHE C 248 8.43 -21.46 23.82
N LYS C 249 7.98 -22.71 23.72
CA LYS C 249 7.66 -23.32 22.43
C LYS C 249 6.37 -22.80 21.82
N ILE C 250 5.58 -22.02 22.55
CA ILE C 250 4.40 -21.41 21.94
C ILE C 250 4.69 -20.01 21.42
N THR C 251 5.70 -19.33 21.97
CA THR C 251 5.98 -17.97 21.55
C THR C 251 6.56 -17.94 20.14
N LEU C 252 7.52 -18.82 19.86
CA LEU C 252 8.11 -18.83 18.53
C LEU C 252 7.20 -19.48 17.51
N LEU C 253 6.31 -20.37 17.94
CA LEU C 253 5.30 -20.90 17.04
C LEU C 253 4.32 -19.81 16.63
N LEU C 254 3.96 -18.93 17.56
CA LEU C 254 3.29 -17.69 17.21
C LEU C 254 4.17 -16.84 16.31
N GLY C 255 5.47 -16.79 16.60
CA GLY C 255 6.38 -15.97 15.83
C GLY C 255 6.60 -16.45 14.41
N TYR C 256 6.40 -17.73 14.15
CA TYR C 256 6.54 -18.21 12.78
C TYR C 256 5.22 -18.15 12.02
N SER C 257 4.09 -18.19 12.73
CA SER C 257 2.79 -18.06 12.08
C SER C 257 2.57 -16.65 11.56
N VAL C 258 3.20 -15.66 12.19
CA VAL C 258 3.21 -14.32 11.62
C VAL C 258 4.05 -14.30 10.34
N PHE C 259 5.12 -15.09 10.31
CA PHE C 259 6.04 -15.07 9.17
C PHE C 259 5.43 -15.68 7.92
N LEU C 260 4.59 -16.70 8.07
CA LEU C 260 4.00 -17.34 6.89
C LEU C 260 2.99 -16.43 6.21
N ILE C 261 2.39 -15.52 6.95
CA ILE C 261 1.36 -14.65 6.40
C ILE C 261 1.95 -13.39 5.81
N ILE C 262 2.97 -12.81 6.45
CA ILE C 262 3.55 -11.55 5.97
C ILE C 262 4.42 -11.75 4.74
N VAL C 263 4.72 -12.99 4.37
CA VAL C 263 5.51 -13.27 3.18
C VAL C 263 4.64 -13.70 2.01
N SER C 264 3.56 -14.44 2.28
CA SER C 264 2.70 -15.04 1.27
C SER C 264 2.00 -14.02 0.36
N ASP C 265 1.92 -12.75 0.77
CA ASP C 265 1.41 -11.73 -0.13
C ASP C 265 2.43 -11.32 -1.18
N THR C 266 3.73 -11.40 -0.87
CA THR C 266 4.78 -11.03 -1.82
C THR C 266 5.24 -12.21 -2.65
N LEU C 267 4.68 -13.40 -2.44
CA LEU C 267 5.00 -14.59 -3.22
C LEU C 267 3.73 -15.10 -3.88
N PRO C 268 3.64 -15.09 -5.20
CA PRO C 268 2.37 -15.37 -5.87
C PRO C 268 2.11 -16.86 -6.00
N ALA C 269 0.81 -17.19 -6.08
CA ALA C 269 0.36 -18.57 -6.27
C ALA C 269 -0.81 -18.54 -7.25
N THR C 270 -0.48 -18.65 -8.54
CA THR C 270 -1.45 -18.62 -9.62
C THR C 270 -1.88 -20.03 -9.99
N ALA C 271 -2.36 -20.19 -11.23
CA ALA C 271 -3.04 -21.40 -11.69
C ALA C 271 -2.13 -22.61 -11.70
N ILE C 272 -2.70 -23.72 -12.20
CA ILE C 272 -2.61 -25.08 -11.67
C ILE C 272 -1.25 -25.46 -11.12
N GLY C 273 -1.26 -26.01 -9.91
CA GLY C 273 -0.06 -26.30 -9.18
C GLY C 273 0.30 -25.17 -8.23
N THR C 274 0.77 -25.56 -7.04
CA THR C 274 1.35 -24.68 -6.05
C THR C 274 2.86 -24.63 -6.28
N PRO C 275 3.51 -23.53 -5.93
CA PRO C 275 4.98 -23.50 -5.99
C PRO C 275 5.59 -24.48 -5.00
N LEU C 276 6.69 -25.11 -5.42
CA LEU C 276 7.30 -26.18 -4.66
C LEU C 276 8.00 -25.72 -3.39
N ILE C 277 8.12 -24.42 -3.13
CA ILE C 277 8.57 -24.00 -1.82
C ILE C 277 7.44 -24.02 -0.81
N GLY C 278 6.19 -24.00 -1.27
CA GLY C 278 5.07 -24.09 -0.35
C GLY C 278 4.95 -25.44 0.31
N VAL C 279 5.45 -26.48 -0.34
CA VAL C 279 5.54 -27.77 0.32
C VAL C 279 6.66 -27.75 1.35
N TYR C 280 7.75 -27.06 1.05
CA TYR C 280 8.89 -27.02 1.96
C TYR C 280 8.71 -26.02 3.11
N PHE C 281 7.55 -25.38 3.22
CA PHE C 281 7.19 -24.65 4.43
C PHE C 281 6.20 -25.40 5.28
N VAL C 282 5.44 -26.33 4.71
CA VAL C 282 4.56 -27.18 5.51
C VAL C 282 5.38 -28.18 6.31
N VAL C 283 6.47 -28.68 5.71
CA VAL C 283 7.37 -29.56 6.43
C VAL C 283 8.11 -28.80 7.53
N CYS C 284 8.26 -27.49 7.37
CA CYS C 284 8.78 -26.67 8.45
C CYS C 284 7.82 -26.56 9.63
N MET C 285 6.51 -26.76 9.39
CA MET C 285 5.58 -26.81 10.50
C MET C 285 5.57 -28.17 11.17
N ALA C 286 5.70 -29.25 10.40
CA ALA C 286 5.64 -30.58 10.98
C ALA C 286 6.89 -30.91 11.79
N LEU C 287 7.98 -30.19 11.60
CA LEU C 287 9.07 -30.28 12.55
C LEU C 287 8.94 -29.28 13.68
N LEU C 288 7.80 -28.61 13.78
CA LEU C 288 7.59 -27.59 14.79
C LEU C 288 6.39 -27.86 15.68
N VAL C 289 5.36 -28.51 15.14
CA VAL C 289 4.25 -28.97 15.97
C VAL C 289 4.64 -30.26 16.70
N ILE C 290 5.41 -31.13 16.05
CA ILE C 290 5.91 -32.33 16.71
C ILE C 290 6.91 -31.96 17.79
N SER C 291 7.66 -30.89 17.58
CA SER C 291 8.48 -30.35 18.67
C SER C 291 7.62 -29.77 19.78
N LEU C 292 6.44 -29.28 19.45
CA LEU C 292 5.53 -28.80 20.48
C LEU C 292 4.79 -29.96 21.13
N ALA C 293 4.39 -30.96 20.34
CA ALA C 293 3.56 -32.03 20.87
C ALA C 293 4.37 -33.11 21.58
N GLU C 294 5.65 -32.91 21.81
CA GLU C 294 6.37 -33.84 22.67
C GLU C 294 6.71 -33.24 24.02
N THR C 295 6.87 -31.92 24.11
CA THR C 295 7.02 -31.30 25.43
C THR C 295 5.70 -31.29 26.18
N ILE C 296 4.58 -31.37 25.48
CA ILE C 296 3.31 -31.60 26.16
C ILE C 296 3.28 -33.01 26.75
N PHE C 297 3.93 -33.96 26.08
CA PHE C 297 3.96 -35.32 26.60
C PHE C 297 4.87 -35.45 27.80
N ILE C 298 5.93 -34.65 27.89
CA ILE C 298 6.84 -34.77 29.02
C ILE C 298 6.29 -34.06 30.25
N VAL C 299 5.68 -32.88 30.06
CA VAL C 299 5.12 -32.12 31.17
C VAL C 299 3.96 -32.88 31.80
N ARG C 300 3.16 -33.56 30.98
CA ARG C 300 2.14 -34.45 31.51
C ARG C 300 2.75 -35.64 32.24
N LEU C 301 3.95 -36.04 31.84
CA LEU C 301 4.57 -37.21 32.43
C LEU C 301 5.32 -36.88 33.71
N VAL C 302 5.79 -35.65 33.86
CA VAL C 302 6.57 -35.23 35.03
C VAL C 302 5.79 -34.13 35.72
N HIS C 303 5.08 -34.48 36.79
CA HIS C 303 4.24 -33.54 37.51
C HIS C 303 3.89 -34.17 38.86
N LYS C 304 3.49 -33.32 39.80
CA LYS C 304 3.10 -33.77 41.14
C LYS C 304 1.58 -33.66 41.27
N GLN C 305 0.90 -34.78 41.06
CA GLN C 305 -0.56 -34.83 40.99
C GLN C 305 -1.09 -36.08 41.68
N ASP C 306 -0.57 -36.36 42.88
CA ASP C 306 -0.74 -37.55 43.76
C ASP C 306 -0.88 -38.86 42.99
N LEU C 307 0.00 -39.06 42.03
CA LEU C 307 -0.05 -40.17 41.10
C LEU C 307 0.52 -41.44 41.73
N GLN C 308 0.37 -42.56 41.02
CA GLN C 308 0.77 -43.87 41.52
C GLN C 308 2.24 -44.14 41.18
N ARG C 309 2.80 -45.23 41.72
CA ARG C 309 4.20 -45.52 41.44
C ARG C 309 4.27 -46.03 39.99
N PRO C 310 5.35 -45.71 39.25
CA PRO C 310 5.47 -46.19 37.87
C PRO C 310 5.61 -47.70 37.77
N VAL C 311 5.17 -48.22 36.64
CA VAL C 311 4.89 -49.65 36.49
C VAL C 311 6.20 -50.39 36.20
N PRO C 312 6.49 -51.50 36.89
CA PRO C 312 7.75 -52.23 36.62
C PRO C 312 7.79 -52.95 35.27
N ASP C 313 6.66 -53.05 34.57
CA ASP C 313 6.70 -53.41 33.16
C ASP C 313 7.53 -52.40 32.38
N TRP C 314 7.33 -51.12 32.67
CA TRP C 314 7.94 -50.06 31.90
C TRP C 314 9.07 -49.38 32.66
N LEU C 315 9.53 -49.99 33.74
CA LEU C 315 10.72 -49.53 34.44
C LEU C 315 11.96 -50.22 33.89
N ARG C 316 11.96 -51.54 33.85
CA ARG C 316 13.08 -52.27 33.27
C ARG C 316 13.08 -52.23 31.75
N HIS C 317 11.95 -51.85 31.15
CA HIS C 317 11.93 -51.58 29.72
C HIS C 317 12.71 -50.32 29.38
N LEU C 318 12.77 -49.37 30.29
CA LEU C 318 13.29 -48.05 29.99
C LEU C 318 14.56 -47.71 30.74
N VAL C 319 14.54 -47.78 32.06
CA VAL C 319 15.65 -47.31 32.88
C VAL C 319 16.85 -48.24 32.78
N LEU C 320 16.63 -49.54 32.88
CA LEU C 320 17.72 -50.50 32.82
C LEU C 320 18.05 -50.94 31.39
N ASP C 321 17.43 -50.34 30.38
CA ASP C 321 17.78 -50.62 28.99
C ASP C 321 18.51 -49.47 28.31
N ARG C 322 17.93 -48.27 28.34
CA ARG C 322 18.40 -47.15 27.54
C ARG C 322 19.70 -46.53 28.03
N ILE C 323 20.29 -47.03 29.12
CA ILE C 323 21.65 -46.64 29.48
C ILE C 323 22.70 -47.41 28.70
N ALA C 324 22.28 -48.32 27.80
CA ALA C 324 23.20 -49.06 26.95
C ALA C 324 22.82 -49.08 25.48
N TRP C 325 21.57 -48.74 25.12
CA TRP C 325 21.20 -48.64 23.71
C TRP C 325 21.89 -47.44 23.07
N ILE C 326 21.58 -46.24 23.57
CA ILE C 326 22.14 -45.02 23.00
C ILE C 326 22.86 -44.24 24.09
N LEU C 327 22.13 -43.84 25.14
CA LEU C 327 22.70 -42.98 26.16
C LEU C 327 23.49 -43.82 27.16
N CYS C 328 23.87 -43.21 28.27
CA CYS C 328 24.62 -43.91 29.32
C CYS C 328 24.08 -43.55 30.70
N LEU C 385 1.77 -46.32 82.45
CA LEU C 385 0.86 -46.08 81.34
C LEU C 385 1.35 -44.94 80.47
N ALA C 386 2.22 -44.10 81.05
CA ALA C 386 2.68 -42.91 80.36
C ALA C 386 3.62 -43.22 79.21
N VAL C 387 4.24 -44.40 79.20
CA VAL C 387 5.10 -44.77 78.08
C VAL C 387 4.27 -45.06 76.85
N ARG C 388 3.18 -45.83 77.01
CA ARG C 388 2.35 -46.20 75.88
C ARG C 388 1.53 -45.01 75.38
N GLY C 389 1.25 -44.06 76.26
CA GLY C 389 0.53 -42.87 75.84
C GLY C 389 1.34 -41.99 74.90
N LEU C 390 2.63 -41.80 75.22
CA LEU C 390 3.50 -41.07 74.31
C LEU C 390 3.90 -41.89 73.10
N LEU C 391 3.92 -43.22 73.24
CA LEU C 391 4.18 -44.08 72.10
C LEU C 391 3.03 -44.00 71.09
N GLN C 392 1.81 -43.83 71.57
CA GLN C 392 0.69 -43.55 70.69
C GLN C 392 0.85 -42.21 70.00
N GLU C 393 1.46 -41.24 70.69
CA GLU C 393 1.62 -39.92 70.11
C GLU C 393 2.79 -39.87 69.13
N LEU C 394 3.91 -40.51 69.48
CA LEU C 394 5.11 -40.39 68.65
C LEU C 394 4.98 -41.17 67.34
N SER C 395 4.41 -42.37 67.40
CA SER C 395 4.25 -43.18 66.20
C SER C 395 3.27 -42.55 65.23
N SER C 396 2.30 -41.81 65.75
CA SER C 396 1.38 -41.07 64.89
C SER C 396 2.06 -39.89 64.23
N ILE C 397 3.09 -39.33 64.87
CA ILE C 397 3.87 -38.27 64.23
C ILE C 397 4.68 -38.85 63.08
N ARG C 398 5.34 -39.99 63.32
CA ARG C 398 6.15 -40.63 62.28
C ARG C 398 5.29 -41.08 61.10
N HIS C 399 4.05 -41.48 61.37
CA HIS C 399 3.14 -41.83 60.29
C HIS C 399 2.76 -40.62 59.45
N PHE C 400 2.74 -39.44 60.05
CA PHE C 400 2.46 -38.23 59.29
C PHE C 400 3.65 -37.75 58.49
N LEU C 401 4.85 -38.20 58.82
CA LEU C 401 6.04 -37.83 58.04
C LEU C 401 6.41 -38.86 57.00
N GLU C 402 6.20 -40.15 57.27
CA GLU C 402 6.66 -41.16 56.33
C GLU C 402 5.79 -41.21 55.08
N LYS C 403 4.53 -40.77 55.16
CA LYS C 403 3.77 -40.65 53.93
C LYS C 403 4.07 -39.36 53.21
N ARG C 404 4.63 -38.37 53.89
CA ARG C 404 5.20 -37.24 53.19
C ARG C 404 6.48 -37.64 52.47
N ASP C 405 7.25 -38.55 53.07
CA ASP C 405 8.46 -39.07 52.42
C ASP C 405 8.10 -39.94 51.22
N GLU C 406 7.03 -40.72 51.34
CA GLU C 406 6.68 -41.68 50.29
C GLU C 406 6.19 -40.96 49.04
N MET C 407 5.51 -39.84 49.20
CA MET C 407 5.00 -39.10 48.04
C MET C 407 6.11 -38.41 47.27
N ARG C 408 7.26 -38.16 47.89
CA ARG C 408 8.36 -37.56 47.14
C ARG C 408 9.23 -38.60 46.46
N GLU C 409 9.34 -39.81 47.03
CA GLU C 409 10.13 -40.84 46.37
C GLU C 409 9.43 -41.40 45.15
N VAL C 410 8.09 -41.36 45.13
CA VAL C 410 7.37 -41.72 43.92
C VAL C 410 7.60 -40.68 42.84
N ALA C 411 7.58 -39.40 43.22
CA ALA C 411 7.77 -38.33 42.26
C ALA C 411 9.20 -38.23 41.77
N ARG C 412 10.16 -38.87 42.44
CA ARG C 412 11.50 -38.94 41.88
C ARG C 412 11.57 -39.92 40.71
N ASP C 413 10.75 -40.97 40.73
CA ASP C 413 10.92 -42.02 39.74
C ASP C 413 10.39 -41.64 38.37
N TRP C 414 9.22 -40.99 38.31
CA TRP C 414 8.72 -40.49 37.04
C TRP C 414 9.64 -39.42 36.49
N LEU C 415 10.11 -38.56 37.37
CA LEU C 415 11.09 -37.52 37.07
C LEU C 415 12.40 -38.11 36.56
N ARG C 416 12.75 -39.31 37.01
CA ARG C 416 13.90 -40.03 36.45
C ARG C 416 13.58 -40.58 35.07
N VAL C 417 12.36 -41.08 34.87
CA VAL C 417 11.96 -41.57 33.56
C VAL C 417 11.84 -40.40 32.59
N GLY C 418 11.37 -39.26 33.07
CA GLY C 418 11.13 -38.11 32.21
C GLY C 418 12.38 -37.49 31.63
N TYR C 419 13.55 -37.69 32.24
CA TYR C 419 14.76 -37.16 31.64
C TYR C 419 15.34 -38.10 30.60
N VAL C 420 15.11 -39.40 30.74
CA VAL C 420 15.67 -40.35 29.79
C VAL C 420 14.92 -40.26 28.46
N LEU C 421 13.61 -40.08 28.51
CA LEU C 421 12.86 -39.87 27.27
C LEU C 421 13.16 -38.52 26.66
N ASP C 422 13.54 -37.53 27.46
CA ASP C 422 13.83 -36.22 26.89
C ASP C 422 15.15 -36.22 26.14
N ARG C 423 16.14 -36.96 26.61
CA ARG C 423 17.39 -37.08 25.85
C ARG C 423 17.20 -37.97 24.63
N LEU C 424 16.31 -38.96 24.72
CA LEU C 424 16.11 -39.86 23.59
C LEU C 424 15.34 -39.17 22.47
N LEU C 425 14.32 -38.38 22.81
CA LEU C 425 13.62 -37.60 21.80
C LEU C 425 14.44 -36.43 21.31
N PHE C 426 15.47 -36.03 22.04
CA PHE C 426 16.32 -34.95 21.57
C PHE C 426 17.26 -35.41 20.47
N ARG C 427 17.67 -36.68 20.49
CA ARG C 427 18.57 -37.18 19.46
C ARG C 427 17.86 -37.40 18.14
N ILE C 428 16.68 -38.04 18.17
CA ILE C 428 16.02 -38.34 16.90
C ILE C 428 15.36 -37.09 16.33
N TYR C 429 15.15 -36.07 17.16
CA TYR C 429 14.80 -34.77 16.60
C TYR C 429 16.02 -34.10 15.99
N LEU C 430 17.20 -34.34 16.56
CA LEU C 430 18.41 -33.77 16.00
C LEU C 430 18.82 -34.51 14.73
N LEU C 431 18.45 -35.78 14.60
CA LEU C 431 18.70 -36.49 13.35
C LEU C 431 17.62 -36.21 12.31
N ALA C 432 16.41 -35.84 12.72
CA ALA C 432 15.39 -35.49 11.74
C ALA C 432 15.67 -34.15 11.09
N VAL C 433 16.24 -33.21 11.83
CA VAL C 433 16.64 -31.94 11.22
C VAL C 433 17.88 -32.14 10.35
N LEU C 434 18.81 -32.99 10.80
CA LEU C 434 20.04 -33.19 10.06
C LEU C 434 19.80 -33.95 8.76
N ALA C 435 18.92 -34.95 8.79
CA ALA C 435 18.62 -35.69 7.57
C ALA C 435 17.73 -34.90 6.62
N TYR C 436 17.05 -33.87 7.12
CA TYR C 436 16.24 -33.04 6.24
C TYR C 436 17.05 -31.92 5.62
N SER C 437 18.03 -31.38 6.34
CA SER C 437 18.81 -30.28 5.81
C SER C 437 19.80 -30.73 4.74
N ILE C 438 20.22 -31.99 4.76
CA ILE C 438 21.11 -32.46 3.71
C ILE C 438 20.35 -32.74 2.43
N THR C 439 19.07 -33.09 2.53
CA THR C 439 18.24 -33.25 1.34
C THR C 439 17.97 -31.90 0.69
N LEU C 440 17.91 -30.85 1.50
CA LEU C 440 17.72 -29.51 0.96
C LEU C 440 18.97 -29.01 0.24
N VAL C 441 20.15 -29.39 0.71
CA VAL C 441 21.38 -28.94 0.07
C VAL C 441 21.60 -29.65 -1.25
N THR C 442 21.37 -30.96 -1.29
CA THR C 442 21.67 -31.72 -2.49
C THR C 442 20.69 -31.44 -3.64
N LEU C 443 19.53 -30.86 -3.36
CA LEU C 443 18.67 -30.36 -4.42
C LEU C 443 19.06 -28.96 -4.88
N TRP C 444 19.99 -28.33 -4.17
CA TRP C 444 20.53 -27.03 -4.59
C TRP C 444 21.81 -27.18 -5.38
N SER C 445 22.61 -28.22 -5.12
CA SER C 445 23.84 -28.43 -5.85
C SER C 445 23.60 -29.04 -7.23
N ILE C 446 22.50 -29.79 -7.41
CA ILE C 446 22.18 -30.33 -8.72
C ILE C 446 21.79 -29.21 -9.68
N TRP C 447 20.99 -28.26 -9.22
CA TRP C 447 20.61 -27.15 -10.07
C TRP C 447 21.79 -26.20 -10.32
N HIS C 448 22.60 -25.95 -9.29
CA HIS C 448 23.70 -25.00 -9.42
C HIS C 448 24.79 -25.54 -10.35
N TYR C 449 25.02 -26.85 -10.35
CA TYR C 449 25.96 -27.44 -11.27
C TYR C 449 25.31 -27.55 -12.65
N SER C 450 25.94 -26.94 -13.64
CA SER C 450 25.49 -26.88 -15.04
C SER C 450 24.08 -26.31 -15.18
N THR D 1 6.88 49.27 -52.87
CA THR D 1 6.25 48.64 -51.71
C THR D 1 5.64 49.66 -50.78
N THR D 2 5.04 49.17 -49.70
CA THR D 2 4.45 49.99 -48.66
C THR D 2 5.11 49.62 -47.34
N GLN D 3 4.51 50.07 -46.24
CA GLN D 3 4.99 49.75 -44.90
C GLN D 3 3.87 49.16 -44.05
N PRO D 4 3.48 47.89 -44.30
CA PRO D 4 2.49 47.27 -43.40
C PRO D 4 3.05 47.00 -42.02
N ALA D 5 4.16 46.27 -41.93
CA ALA D 5 4.74 45.86 -40.66
C ALA D 5 6.12 45.25 -40.83
N LEU D 6 6.58 44.57 -39.79
CA LEU D 6 7.61 43.57 -39.93
C LEU D 6 7.09 42.28 -40.55
N LEU D 7 5.76 42.12 -40.69
CA LEU D 7 5.21 40.83 -41.09
C LEU D 7 5.50 40.50 -42.55
N ARG D 8 5.85 41.49 -43.36
CA ARG D 8 6.23 41.19 -44.72
C ARG D 8 7.59 40.49 -44.79
N LEU D 9 8.41 40.61 -43.74
CA LEU D 9 9.50 39.67 -43.57
C LEU D 9 9.00 38.26 -43.34
N SER D 10 7.99 38.10 -42.48
CA SER D 10 7.47 36.77 -42.19
C SER D 10 6.72 36.18 -43.38
N ASP D 11 6.30 37.00 -44.33
CA ASP D 11 5.78 36.47 -45.57
C ASP D 11 6.88 36.14 -46.55
N HIS D 12 8.01 36.85 -46.48
CA HIS D 12 9.11 36.60 -47.39
C HIS D 12 9.80 35.28 -47.12
N LEU D 13 9.80 34.83 -45.87
CA LEU D 13 10.47 33.59 -45.55
C LEU D 13 9.57 32.39 -45.81
N LEU D 14 8.38 32.40 -45.22
CA LEU D 14 7.52 31.23 -45.17
C LEU D 14 6.54 31.16 -46.33
N ALA D 15 6.87 31.74 -47.47
CA ALA D 15 5.99 31.62 -48.62
C ALA D 15 6.23 30.31 -49.36
N ASN D 16 7.49 29.96 -49.58
CA ASN D 16 7.84 28.77 -50.33
C ASN D 16 8.69 27.81 -49.51
N TYR D 17 8.76 28.00 -48.21
CA TYR D 17 9.54 27.09 -47.37
C TYR D 17 8.77 25.79 -47.21
N LYS D 18 9.45 24.68 -47.47
CA LYS D 18 8.84 23.35 -47.37
C LYS D 18 9.33 22.69 -46.09
N LYS D 19 8.37 22.14 -45.34
CA LYS D 19 8.62 21.78 -43.96
C LYS D 19 9.46 20.52 -43.84
N GLY D 20 9.30 19.58 -44.77
CA GLY D 20 9.88 18.27 -44.58
C GLY D 20 11.29 18.09 -45.10
N VAL D 21 11.70 18.91 -46.05
CA VAL D 21 12.99 18.74 -46.69
C VAL D 21 14.09 19.24 -45.74
N ARG D 22 15.19 18.52 -45.66
CA ARG D 22 16.27 18.92 -44.77
C ARG D 22 16.95 20.16 -45.36
N PRO D 23 17.08 21.22 -44.60
CA PRO D 23 17.41 22.52 -45.20
C PRO D 23 18.88 22.77 -45.46
N VAL D 24 19.39 22.36 -46.63
CA VAL D 24 20.77 22.64 -46.98
C VAL D 24 20.85 22.80 -48.50
N ARG D 25 21.78 23.64 -48.95
CA ARG D 25 21.98 23.85 -50.38
C ARG D 25 22.55 22.61 -51.05
N ASP D 26 23.76 22.21 -50.66
CA ASP D 26 24.38 21.01 -51.18
C ASP D 26 24.09 19.87 -50.22
N TRP D 27 23.73 18.72 -50.78
CA TRP D 27 23.28 17.60 -49.96
C TRP D 27 24.43 16.86 -49.29
N ARG D 28 25.67 17.27 -49.49
CA ARG D 28 26.79 16.56 -48.90
C ARG D 28 27.21 17.16 -47.57
N LYS D 29 26.91 18.43 -47.35
CA LYS D 29 27.29 19.10 -46.11
C LYS D 29 26.32 18.71 -45.00
N PRO D 30 26.81 18.20 -43.88
CA PRO D 30 25.91 17.79 -42.81
C PRO D 30 25.43 18.97 -41.99
N THR D 31 24.21 18.85 -41.49
CA THR D 31 23.64 19.83 -40.58
C THR D 31 24.15 19.56 -39.17
N THR D 32 24.65 20.59 -38.50
CA THR D 32 25.30 20.44 -37.21
C THR D 32 24.48 21.09 -36.13
N VAL D 33 23.83 20.30 -35.30
CA VAL D 33 23.10 20.81 -34.17
C VAL D 33 24.08 20.90 -32.99
N SER D 34 23.71 21.65 -31.97
CA SER D 34 24.60 21.87 -30.83
C SER D 34 23.77 21.98 -29.57
N ILE D 35 23.91 21.04 -28.64
CA ILE D 35 23.01 20.93 -27.51
C ILE D 35 23.69 21.44 -26.25
N ASP D 36 22.90 21.51 -25.18
CA ASP D 36 23.34 21.89 -23.83
C ASP D 36 22.23 21.53 -22.86
N VAL D 37 22.59 21.15 -21.64
CA VAL D 37 21.60 20.80 -20.62
C VAL D 37 21.96 21.41 -19.28
N ILE D 38 20.96 21.51 -18.42
CA ILE D 38 21.10 21.88 -17.02
C ILE D 38 20.17 21.01 -16.20
N MET D 39 20.71 20.32 -15.19
CA MET D 39 19.88 19.57 -14.26
C MET D 39 18.99 20.50 -13.47
N TYR D 40 17.76 20.07 -13.20
CA TYR D 40 16.88 20.85 -12.36
C TYR D 40 16.46 20.13 -11.10
N ALA D 41 15.93 18.91 -11.22
CA ALA D 41 15.52 18.18 -10.04
C ALA D 41 15.72 16.71 -10.30
N ILE D 42 15.69 15.92 -9.24
CA ILE D 42 15.76 14.46 -9.32
C ILE D 42 14.54 13.93 -8.62
N LEU D 43 13.57 13.46 -9.40
CA LEU D 43 12.25 13.20 -8.84
C LEU D 43 12.21 11.88 -8.09
N ASN D 44 12.79 10.83 -8.66
CA ASN D 44 12.65 9.51 -8.06
C ASN D 44 13.78 8.63 -8.55
N VAL D 45 14.38 7.88 -7.64
CA VAL D 45 15.37 6.87 -7.98
C VAL D 45 14.84 5.55 -7.46
N ASP D 46 14.32 4.73 -8.36
CA ASP D 46 13.72 3.45 -8.01
C ASP D 46 14.80 2.39 -8.10
N GLU D 47 15.24 1.89 -6.95
CA GLU D 47 16.32 0.90 -6.95
C GLU D 47 15.86 -0.44 -7.49
N LYS D 48 14.60 -0.80 -7.24
CA LYS D 48 14.13 -2.14 -7.61
C LYS D 48 14.00 -2.30 -9.11
N ASN D 49 13.48 -1.28 -9.79
CA ASN D 49 13.24 -1.39 -11.22
C ASN D 49 14.36 -0.80 -12.06
N GLN D 50 15.41 -0.25 -11.43
CA GLN D 50 16.55 0.37 -12.09
C GLN D 50 16.12 1.55 -12.96
N VAL D 51 15.16 2.33 -12.50
CA VAL D 51 14.56 3.41 -13.26
C VAL D 51 14.78 4.73 -12.52
N LEU D 52 15.29 5.73 -13.23
CA LEU D 52 15.62 7.03 -12.67
C LEU D 52 14.83 8.12 -13.38
N THR D 53 14.23 9.02 -12.63
CA THR D 53 13.33 10.04 -13.15
C THR D 53 13.94 11.42 -12.92
N THR D 54 13.96 12.25 -13.96
CA THR D 54 14.72 13.49 -13.91
C THR D 54 14.04 14.54 -14.77
N TYR D 55 13.96 15.77 -14.28
CA TYR D 55 13.46 16.91 -15.04
C TYR D 55 14.64 17.82 -15.35
N ILE D 56 14.89 18.10 -16.63
CA ILE D 56 16.01 18.94 -17.04
C ILE D 56 15.52 20.05 -17.96
N TRP D 57 16.38 21.03 -18.18
CA TRP D 57 16.14 22.05 -19.19
C TRP D 57 17.08 21.78 -20.35
N TYR D 58 16.79 22.37 -21.50
CA TYR D 58 17.44 21.91 -22.71
C TYR D 58 17.38 23.00 -23.77
N ARG D 59 18.44 23.15 -24.55
CA ARG D 59 18.43 24.10 -25.65
C ARG D 59 19.35 23.61 -26.74
N GLN D 60 19.14 24.05 -27.96
CA GLN D 60 19.89 23.55 -29.10
C GLN D 60 19.78 24.55 -30.23
N TYR D 61 20.71 24.53 -31.17
CA TYR D 61 20.67 25.48 -32.27
C TYR D 61 21.34 24.87 -33.49
N TRP D 62 20.87 25.25 -34.67
CA TRP D 62 21.42 24.76 -35.92
C TRP D 62 21.23 25.80 -36.98
N THR D 63 22.00 25.70 -38.07
CA THR D 63 21.92 26.66 -39.15
C THR D 63 21.17 26.07 -40.34
N ASP D 64 20.61 26.94 -41.16
CA ASP D 64 20.01 26.53 -42.42
C ASP D 64 19.99 27.69 -43.41
N GLU D 65 20.05 27.36 -44.70
CA GLU D 65 20.26 28.36 -45.72
C GLU D 65 18.97 28.85 -46.36
N PHE D 66 17.81 28.47 -45.85
CA PHE D 66 16.58 28.94 -46.46
C PHE D 66 16.01 30.14 -45.71
N LEU D 67 16.20 30.18 -44.40
CA LEU D 67 15.71 31.28 -43.58
C LEU D 67 16.84 32.28 -43.42
N GLN D 68 17.00 33.13 -44.42
CA GLN D 68 18.18 33.98 -44.48
C GLN D 68 17.84 35.23 -45.29
N TRP D 69 17.80 36.37 -44.62
CA TRP D 69 17.45 37.63 -45.25
C TRP D 69 18.57 38.61 -45.04
N THR D 70 18.43 39.77 -45.64
CA THR D 70 19.36 40.83 -45.27
C THR D 70 18.68 41.78 -44.28
N PRO D 71 19.34 42.13 -43.18
CA PRO D 71 18.66 42.93 -42.15
C PRO D 71 18.38 44.34 -42.59
N GLU D 72 19.21 44.89 -43.46
CA GLU D 72 18.89 46.16 -44.08
C GLU D 72 17.68 45.99 -44.99
N ASP D 73 16.90 47.08 -45.10
CA ASP D 73 15.70 47.33 -45.91
C ASP D 73 14.46 46.59 -45.41
N PHE D 74 14.57 45.81 -44.34
CA PHE D 74 13.42 45.32 -43.61
C PHE D 74 13.28 46.01 -42.26
N ASP D 75 13.64 47.30 -42.22
CA ASP D 75 13.65 48.14 -41.03
C ASP D 75 14.51 47.50 -39.93
N ASN D 76 15.67 47.01 -40.34
CA ASN D 76 16.78 46.62 -39.46
C ASN D 76 16.42 45.48 -38.50
N VAL D 77 15.52 44.59 -38.91
CA VAL D 77 15.10 43.51 -38.03
C VAL D 77 16.21 42.47 -37.96
N THR D 78 16.68 42.17 -36.76
CA THR D 78 17.74 41.20 -36.58
C THR D 78 17.22 39.83 -36.21
N LYS D 79 16.38 39.70 -35.20
CA LYS D 79 15.83 38.40 -34.85
C LYS D 79 14.32 38.44 -34.97
N LEU D 80 13.70 37.29 -34.75
CA LEU D 80 12.33 37.08 -35.15
C LEU D 80 11.79 35.86 -34.42
N SER D 81 10.48 35.84 -34.17
CA SER D 81 9.81 34.66 -33.64
C SER D 81 9.02 34.00 -34.75
N ILE D 82 9.14 32.68 -34.84
CA ILE D 82 8.45 31.86 -35.84
C ILE D 82 7.89 30.67 -35.10
N PRO D 83 6.67 30.22 -35.39
CA PRO D 83 6.13 29.05 -34.70
C PRO D 83 6.90 27.79 -35.03
N THR D 84 6.91 26.87 -34.07
CA THR D 84 7.74 25.67 -34.17
C THR D 84 7.27 24.73 -35.27
N ASP D 85 6.00 24.81 -35.64
CA ASP D 85 5.44 23.83 -36.58
C ASP D 85 5.99 24.01 -37.98
N SER D 86 6.18 25.24 -38.43
CA SER D 86 6.51 25.49 -39.82
C SER D 86 8.01 25.46 -40.11
N ILE D 87 8.81 24.83 -39.27
CA ILE D 87 10.26 24.76 -39.41
C ILE D 87 10.69 23.31 -39.35
N TRP D 88 11.66 22.94 -40.18
CA TRP D 88 12.34 21.66 -40.03
C TRP D 88 13.00 21.57 -38.68
N VAL D 89 12.66 20.55 -37.89
CA VAL D 89 13.17 20.37 -36.55
C VAL D 89 13.80 18.99 -36.47
N PRO D 90 15.06 18.88 -36.06
CA PRO D 90 15.70 17.57 -36.01
C PRO D 90 15.21 16.74 -34.86
N ASP D 91 15.33 15.42 -35.03
CA ASP D 91 14.90 14.45 -34.02
C ASP D 91 16.09 14.05 -33.16
N ILE D 92 16.14 14.52 -31.93
CA ILE D 92 17.20 14.20 -30.99
C ILE D 92 16.55 13.53 -29.80
N LEU D 93 16.85 12.26 -29.60
CA LEU D 93 16.24 11.50 -28.53
C LEU D 93 17.30 10.88 -27.63
N ILE D 94 16.86 10.43 -26.48
CA ILE D 94 17.70 9.75 -25.51
C ILE D 94 17.61 8.26 -25.78
N ASN D 95 18.76 7.58 -25.80
CA ASN D 95 18.73 6.13 -26.01
C ASN D 95 18.11 5.38 -24.84
N GLU D 96 18.21 5.91 -23.63
CA GLU D 96 17.81 5.17 -22.44
C GLU D 96 16.37 5.35 -22.06
N PHE D 97 15.49 5.75 -22.97
CA PHE D 97 14.08 5.87 -22.63
C PHE D 97 13.45 4.52 -22.30
N VAL D 98 12.58 4.52 -21.31
CA VAL D 98 11.66 3.40 -21.09
C VAL D 98 10.21 3.85 -21.06
N ASP D 99 9.93 5.14 -21.05
CA ASP D 99 8.59 5.67 -21.01
C ASP D 99 8.66 7.10 -21.53
N VAL D 100 7.51 7.72 -21.74
CA VAL D 100 7.43 9.10 -22.22
C VAL D 100 6.99 9.97 -21.07
N GLY D 101 7.87 10.86 -20.62
CA GLY D 101 7.47 11.84 -19.63
C GLY D 101 6.61 12.93 -20.23
N LYS D 102 5.86 13.57 -19.34
CA LYS D 102 4.91 14.60 -19.68
C LYS D 102 5.59 15.96 -19.49
N SER D 103 5.68 16.74 -20.55
CA SER D 103 6.44 17.98 -20.51
C SER D 103 5.72 19.05 -21.31
N PRO D 104 5.85 20.31 -20.95
CA PRO D 104 5.14 21.35 -21.69
C PRO D 104 5.78 21.57 -23.06
N ASN D 105 4.96 21.96 -24.02
CA ASN D 105 5.48 22.29 -25.34
C ASN D 105 5.64 23.79 -25.52
N ILE D 106 6.68 24.17 -26.24
CA ILE D 106 7.02 25.57 -26.44
C ILE D 106 6.77 25.91 -27.91
N PRO D 107 5.80 26.73 -28.22
CA PRO D 107 5.42 26.92 -29.62
C PRO D 107 6.18 27.98 -30.38
N TYR D 108 7.36 28.41 -29.94
CA TYR D 108 8.08 29.44 -30.66
C TYR D 108 9.57 29.14 -30.69
N VAL D 109 10.22 29.61 -31.75
CA VAL D 109 11.67 29.58 -31.88
C VAL D 109 12.15 30.95 -32.31
N TYR D 110 13.44 31.20 -32.14
CA TYR D 110 14.10 32.39 -32.67
C TYR D 110 14.69 32.07 -34.02
N VAL D 111 14.89 33.09 -34.85
CA VAL D 111 15.62 32.99 -36.11
C VAL D 111 16.45 34.24 -36.27
N HIS D 112 17.76 34.08 -36.34
CA HIS D 112 18.63 35.23 -36.57
C HIS D 112 18.78 35.46 -38.06
N HIS D 113 19.49 36.52 -38.44
CA HIS D 113 19.52 36.91 -39.84
C HIS D 113 20.63 36.25 -40.62
N ARG D 114 21.31 35.28 -40.04
CA ARG D 114 22.25 34.46 -40.78
C ARG D 114 21.71 33.07 -41.07
N GLY D 115 20.65 32.67 -40.40
CA GLY D 115 20.10 31.33 -40.52
C GLY D 115 20.13 30.56 -39.23
N GLU D 116 20.74 31.10 -38.20
CA GLU D 116 20.84 30.40 -36.94
C GLU D 116 19.52 30.46 -36.18
N VAL D 117 18.85 29.32 -36.03
CA VAL D 117 17.65 29.28 -35.21
C VAL D 117 18.06 28.79 -33.84
N GLN D 118 17.19 28.98 -32.87
CA GLN D 118 17.44 28.51 -31.50
C GLN D 118 16.17 27.88 -30.99
N ASN D 119 16.28 27.01 -30.00
CA ASN D 119 15.12 26.26 -29.55
C ASN D 119 15.28 25.89 -28.09
N TYR D 120 14.50 26.51 -27.22
CA TYR D 120 14.49 26.22 -25.80
C TYR D 120 13.29 25.34 -25.49
N LYS D 121 13.50 24.26 -24.75
CA LYS D 121 12.39 23.45 -24.28
C LYS D 121 12.78 22.67 -23.03
N PRO D 122 11.89 22.53 -22.07
CA PRO D 122 12.13 21.60 -20.96
C PRO D 122 11.52 20.25 -21.27
N LEU D 123 12.05 19.23 -20.61
CA LEU D 123 11.57 17.88 -20.87
C LEU D 123 11.85 16.97 -19.69
N GLN D 124 10.81 16.32 -19.20
CA GLN D 124 10.93 15.29 -18.18
C GLN D 124 11.36 13.99 -18.83
N LEU D 125 12.31 13.30 -18.24
CA LEU D 125 12.80 12.06 -18.82
C LEU D 125 12.88 10.97 -17.77
N VAL D 126 12.43 9.78 -18.14
CA VAL D 126 12.56 8.59 -17.32
C VAL D 126 13.50 7.63 -18.02
N THR D 127 14.62 7.33 -17.39
CA THR D 127 15.63 6.52 -18.03
C THR D 127 15.82 5.24 -17.24
N ALA D 128 16.78 4.44 -17.70
CA ALA D 128 17.08 3.16 -17.08
C ALA D 128 18.58 3.04 -16.93
N CYS D 129 19.09 3.36 -15.76
CA CYS D 129 20.52 3.26 -15.50
C CYS D 129 20.76 2.19 -14.46
N SER D 130 21.99 1.67 -14.45
CA SER D 130 22.35 0.59 -13.55
C SER D 130 22.85 1.14 -12.23
N LEU D 131 22.24 0.70 -11.13
CA LEU D 131 22.52 1.17 -9.80
C LEU D 131 23.24 0.08 -9.01
N ASP D 132 24.07 0.47 -8.05
CA ASP D 132 24.69 -0.47 -7.14
C ASP D 132 24.35 -0.11 -5.70
N ILE D 133 23.96 -1.12 -4.92
CA ILE D 133 23.50 -0.88 -3.56
C ILE D 133 24.53 -1.57 -2.67
N TYR D 134 25.80 -1.54 -3.10
CA TYR D 134 26.83 -2.29 -2.39
C TYR D 134 27.08 -1.71 -1.01
N ASN D 135 26.97 -0.40 -0.84
CA ASN D 135 27.10 0.26 0.45
C ASN D 135 25.99 1.29 0.58
N PHE D 136 24.96 0.93 1.34
CA PHE D 136 23.64 1.53 1.14
C PHE D 136 23.54 3.00 1.53
N PRO D 137 23.89 3.45 2.75
CA PRO D 137 23.72 4.88 3.01
C PRO D 137 24.80 5.74 2.38
N PHE D 138 25.96 5.18 2.04
CA PHE D 138 27.08 5.97 1.54
C PHE D 138 27.33 5.49 0.12
N ASP D 139 26.66 6.09 -0.86
CA ASP D 139 26.82 5.59 -2.22
C ASP D 139 26.73 6.73 -3.23
N VAL D 140 27.58 6.66 -4.23
CA VAL D 140 27.48 7.51 -5.40
C VAL D 140 26.85 6.68 -6.51
N GLN D 141 26.24 7.36 -7.47
CA GLN D 141 25.66 6.68 -8.61
C GLN D 141 26.21 7.32 -9.88
N ASN D 142 26.21 6.56 -10.95
CA ASN D 142 26.81 7.01 -12.21
C ASN D 142 25.86 6.60 -13.33
N CYS D 143 24.86 7.43 -13.59
CA CYS D 143 23.87 7.14 -14.62
C CYS D 143 24.16 7.97 -15.85
N SER D 144 23.74 7.46 -17.00
CA SER D 144 24.11 8.05 -18.28
C SER D 144 22.89 8.60 -19.00
N LEU D 145 23.11 9.69 -19.73
CA LEU D 145 22.14 10.24 -20.67
C LEU D 145 22.84 10.35 -22.01
N THR D 146 22.23 9.80 -23.05
CA THR D 146 22.87 9.70 -24.35
C THR D 146 21.99 10.36 -25.40
N PHE D 147 22.36 11.55 -25.82
CA PHE D 147 21.62 12.25 -26.86
C PHE D 147 22.12 11.83 -28.22
N THR D 148 21.20 11.41 -29.08
CA THR D 148 21.57 10.99 -30.42
C THR D 148 20.43 11.26 -31.38
N SER D 149 20.77 11.34 -32.65
CA SER D 149 19.76 11.30 -33.68
C SER D 149 19.21 9.89 -33.76
N TRP D 150 17.94 9.76 -34.09
CA TRP D 150 17.40 8.42 -34.08
C TRP D 150 17.44 7.78 -35.45
N LEU D 151 17.42 8.58 -36.49
CA LEU D 151 17.39 8.04 -37.83
C LEU D 151 18.60 8.40 -38.66
N HIS D 152 19.00 9.67 -38.66
CA HIS D 152 19.98 10.15 -39.63
C HIS D 152 21.38 9.69 -39.28
N THR D 153 22.21 9.52 -40.29
CA THR D 153 23.58 9.08 -40.12
C THR D 153 24.49 10.26 -39.83
N ILE D 154 25.80 9.98 -39.70
CA ILE D 154 26.72 11.02 -39.26
C ILE D 154 27.13 11.94 -40.40
N GLN D 155 26.88 11.57 -41.65
CA GLN D 155 27.02 12.56 -42.70
C GLN D 155 25.72 13.29 -42.95
N ASP D 156 24.77 13.19 -42.02
CA ASP D 156 23.49 13.86 -42.17
C ASP D 156 23.20 14.78 -41.00
N ILE D 157 23.40 14.31 -39.76
CA ILE D 157 23.24 15.11 -38.56
C ILE D 157 24.43 14.84 -37.64
N ASN D 158 25.07 15.90 -37.16
CA ASN D 158 26.27 15.82 -36.33
C ASN D 158 26.02 16.64 -35.07
N ILE D 159 26.61 16.23 -33.95
CA ILE D 159 26.29 16.81 -32.65
C ILE D 159 27.55 17.33 -31.98
N THR D 160 27.55 18.61 -31.60
CA THR D 160 28.61 19.21 -30.80
C THR D 160 28.01 19.87 -29.57
N LEU D 161 28.84 20.64 -28.84
CA LEU D 161 28.35 21.30 -27.64
C LEU D 161 28.19 22.79 -27.83
N TRP D 162 27.25 23.38 -27.08
CA TRP D 162 27.08 24.83 -27.08
C TRP D 162 28.27 25.49 -26.41
N ARG D 163 28.55 25.12 -25.16
CA ARG D 163 29.58 25.74 -24.35
C ARG D 163 30.78 24.83 -24.30
N SER D 164 31.84 25.32 -23.68
CA SER D 164 33.00 24.48 -23.44
C SER D 164 32.66 23.41 -22.40
N PRO D 165 33.27 22.23 -22.47
CA PRO D 165 32.88 21.17 -21.53
C PRO D 165 33.32 21.43 -20.11
N GLU D 166 34.30 22.31 -19.90
CA GLU D 166 34.71 22.65 -18.55
C GLU D 166 33.66 23.50 -17.85
N GLU D 167 32.85 24.20 -18.64
CA GLU D 167 31.85 25.08 -18.05
C GLU D 167 30.58 24.31 -17.71
N VAL D 168 30.37 23.18 -18.38
CA VAL D 168 29.18 22.38 -18.12
C VAL D 168 29.33 21.59 -16.83
N ARG D 169 30.55 21.19 -16.49
CA ARG D 169 30.77 20.33 -15.33
C ARG D 169 30.46 21.04 -14.03
N SER D 170 30.72 22.32 -13.95
CA SER D 170 30.59 23.03 -12.70
C SER D 170 29.36 23.93 -12.74
N ASP D 171 28.29 23.45 -13.34
CA ASP D 171 27.05 24.22 -13.45
C ASP D 171 26.04 23.60 -12.49
N LYS D 172 26.13 24.00 -11.23
CA LYS D 172 25.16 23.69 -10.21
C LYS D 172 24.53 25.02 -9.83
N SER D 173 23.54 25.42 -10.61
CA SER D 173 23.03 26.77 -10.50
C SER D 173 21.59 26.85 -10.05
N ILE D 174 20.72 26.01 -10.60
CA ILE D 174 19.31 26.04 -10.29
C ILE D 174 18.82 24.74 -9.65
N PHE D 175 19.75 23.87 -9.26
CA PHE D 175 19.39 22.56 -8.76
C PHE D 175 18.69 22.67 -7.42
N ILE D 176 17.63 21.90 -7.24
CA ILE D 176 16.86 21.91 -6.00
C ILE D 176 17.57 21.03 -4.99
N ASN D 177 18.06 21.63 -3.92
CA ASN D 177 18.63 20.86 -2.82
C ASN D 177 17.53 20.43 -1.85
N GLN D 178 17.96 19.99 -0.67
CA GLN D 178 17.09 19.51 0.41
C GLN D 178 16.20 18.36 -0.04
N GLY D 179 16.72 17.50 -0.90
CA GLY D 179 15.90 16.51 -1.55
C GLY D 179 16.48 15.12 -1.77
N GLU D 180 17.18 14.56 -0.76
CA GLU D 180 17.69 13.19 -0.69
C GLU D 180 18.88 12.93 -1.64
N TRP D 181 19.12 13.77 -2.64
CA TRP D 181 20.18 13.52 -3.59
C TRP D 181 20.95 14.80 -3.85
N GLU D 182 22.27 14.72 -3.75
CA GLU D 182 23.14 15.86 -3.98
C GLU D 182 23.84 15.70 -5.31
N LEU D 183 23.75 16.71 -6.15
CA LEU D 183 24.37 16.65 -7.47
C LEU D 183 25.83 17.04 -7.38
N LEU D 184 26.69 16.24 -7.99
CA LEU D 184 28.13 16.50 -7.93
C LEU D 184 28.68 17.06 -9.24
N GLU D 185 28.36 16.44 -10.37
CA GLU D 185 29.06 16.73 -11.60
C GLU D 185 28.22 16.27 -12.78
N VAL D 186 28.26 17.02 -13.86
CA VAL D 186 27.62 16.63 -15.12
C VAL D 186 28.72 16.66 -16.18
N PHE D 187 29.16 15.50 -16.62
CA PHE D 187 30.36 15.40 -17.43
C PHE D 187 30.01 14.99 -18.84
N PRO D 188 30.34 15.77 -19.87
CA PRO D 188 30.01 15.40 -21.24
C PRO D 188 31.12 14.62 -21.91
N GLN D 189 30.75 13.90 -22.96
CA GLN D 189 31.71 13.09 -23.72
C GLN D 189 31.13 12.83 -25.10
N PHE D 190 31.95 13.04 -26.14
CA PHE D 190 31.56 12.73 -27.50
C PHE D 190 32.08 11.36 -27.88
N LYS D 191 31.31 10.64 -28.68
CA LYS D 191 31.70 9.31 -29.12
C LYS D 191 30.91 8.96 -30.37
N GLU D 192 31.59 8.35 -31.34
CA GLU D 192 30.97 7.90 -32.58
C GLU D 192 30.95 6.39 -32.60
N PHE D 193 29.79 5.80 -32.87
CA PHE D 193 29.72 4.35 -32.98
C PHE D 193 29.05 3.96 -34.27
N SER D 194 29.39 2.77 -34.77
CA SER D 194 28.85 2.25 -36.02
C SER D 194 28.31 0.85 -35.76
N ILE D 195 27.03 0.65 -36.08
CA ILE D 195 26.44 -0.68 -35.98
C ILE D 195 26.64 -1.51 -37.23
N ASP D 196 27.16 -0.91 -38.29
CA ASP D 196 27.33 -1.56 -39.57
C ASP D 196 28.35 -0.75 -40.34
N ILE D 197 28.90 -1.35 -41.40
CA ILE D 197 29.74 -0.61 -42.33
C ILE D 197 28.87 0.40 -43.07
N SER D 198 29.43 1.59 -43.31
CA SER D 198 28.81 2.72 -44.00
C SER D 198 27.54 3.22 -43.32
N ASN D 199 27.40 2.99 -42.02
CA ASN D 199 26.28 3.50 -41.23
C ASN D 199 26.82 3.91 -39.87
N SER D 200 27.24 5.16 -39.75
CA SER D 200 27.76 5.68 -38.50
C SER D 200 26.75 6.63 -37.88
N TYR D 201 26.67 6.63 -36.56
CA TYR D 201 25.69 7.40 -35.82
C TYR D 201 26.40 8.18 -34.75
N ALA D 202 26.31 9.50 -34.82
CA ALA D 202 26.92 10.34 -33.80
C ALA D 202 26.09 10.28 -32.53
N GLU D 203 26.76 10.45 -31.40
CA GLU D 203 26.04 10.55 -30.14
C GLU D 203 26.86 11.38 -29.17
N MET D 204 26.21 11.78 -28.08
CA MET D 204 26.80 12.65 -27.08
C MET D 204 26.36 12.13 -25.72
N LYS D 205 27.30 11.78 -24.87
CA LYS D 205 26.98 11.17 -23.59
C LYS D 205 27.20 12.17 -22.47
N PHE D 206 26.17 12.39 -21.67
CA PHE D 206 26.28 13.13 -20.42
C PHE D 206 26.28 12.14 -19.27
N TYR D 207 27.25 12.25 -18.38
CA TYR D 207 27.30 11.44 -17.17
C TYR D 207 26.87 12.30 -16.00
N VAL D 208 25.85 11.89 -15.29
CA VAL D 208 25.49 12.54 -14.05
C VAL D 208 26.04 11.71 -12.90
N ILE D 209 26.44 12.38 -11.82
CA ILE D 209 26.97 11.72 -10.64
C ILE D 209 26.27 12.30 -9.43
N ILE D 210 25.51 11.47 -8.74
CA ILE D 210 24.71 11.91 -7.61
C ILE D 210 25.12 11.11 -6.37
N ARG D 211 24.98 11.73 -5.21
CA ARG D 211 25.35 11.10 -3.95
C ARG D 211 24.21 11.23 -2.97
N ARG D 212 23.86 10.12 -2.32
CA ARG D 212 22.76 10.11 -1.38
C ARG D 212 23.18 10.77 -0.07
N ARG D 213 22.29 11.57 0.50
CA ARG D 213 22.54 12.12 1.82
C ARG D 213 22.17 11.07 2.87
N PRO D 214 23.11 10.62 3.68
CA PRO D 214 22.84 9.48 4.56
C PRO D 214 22.15 9.83 5.86
N LEU D 215 21.78 11.10 6.06
CA LEU D 215 21.27 11.54 7.34
C LEU D 215 19.88 10.98 7.63
N PHE D 216 19.12 10.59 6.60
CA PHE D 216 17.73 10.22 6.83
C PHE D 216 17.65 8.83 7.43
N TYR D 217 18.70 8.04 7.26
CA TYR D 217 18.69 6.65 7.64
C TYR D 217 19.48 6.37 8.90
N ALA D 218 20.14 7.38 9.46
CA ALA D 218 20.78 7.23 10.76
C ALA D 218 19.78 7.30 11.92
N VAL D 219 18.52 7.63 11.64
CA VAL D 219 17.49 7.60 12.67
C VAL D 219 16.48 6.49 12.40
N SER D 220 16.43 5.96 11.20
CA SER D 220 15.42 4.96 10.87
C SER D 220 15.92 3.54 11.02
N LEU D 221 17.23 3.32 11.07
CA LEU D 221 17.74 1.98 11.28
C LEU D 221 18.89 1.89 12.27
N LEU D 222 19.52 3.01 12.64
CA LEU D 222 20.56 2.93 13.65
C LEU D 222 19.98 2.99 15.05
N LEU D 223 18.90 3.76 15.23
CA LEU D 223 18.37 3.97 16.58
C LEU D 223 17.71 2.74 17.18
N PRO D 224 16.80 2.00 16.50
CA PRO D 224 16.30 0.78 17.14
C PRO D 224 17.30 -0.36 17.19
N SER D 225 18.41 -0.27 16.44
CA SER D 225 19.37 -1.36 16.47
C SER D 225 20.19 -1.33 17.74
N ILE D 226 20.68 -0.16 18.14
CA ILE D 226 21.43 -0.07 19.39
C ILE D 226 20.51 -0.03 20.59
N PHE D 227 19.23 0.23 20.38
CA PHE D 227 18.31 0.31 21.52
C PHE D 227 17.98 -1.07 22.07
N LEU D 228 17.97 -2.10 21.23
CA LEU D 228 17.79 -3.45 21.71
C LEU D 228 19.10 -4.13 22.04
N MET D 229 20.14 -3.34 22.31
CA MET D 229 21.31 -3.81 23.03
C MET D 229 21.40 -3.22 24.43
N VAL D 230 20.87 -2.02 24.63
CA VAL D 230 20.89 -1.43 25.97
C VAL D 230 19.82 -2.05 26.86
N VAL D 231 18.89 -2.81 26.29
CA VAL D 231 17.93 -3.51 27.13
C VAL D 231 18.53 -4.80 27.67
N ASP D 232 19.35 -5.49 26.86
CA ASP D 232 19.95 -6.75 27.31
C ASP D 232 21.08 -6.53 28.30
N ILE D 233 21.67 -5.33 28.33
CA ILE D 233 22.59 -5.06 29.41
C ILE D 233 21.83 -4.89 30.71
N VAL D 234 20.62 -4.34 30.64
CA VAL D 234 19.76 -4.34 31.82
C VAL D 234 19.24 -5.75 32.08
N GLY D 235 19.10 -6.56 31.03
CA GLY D 235 18.44 -7.85 31.16
C GLY D 235 19.23 -8.89 31.92
N PHE D 236 20.55 -8.80 31.92
CA PHE D 236 21.32 -9.77 32.68
C PHE D 236 21.32 -9.53 34.17
N CYS D 237 20.81 -8.40 34.64
CA CYS D 237 20.85 -8.15 36.08
C CYS D 237 19.79 -8.92 36.84
N LEU D 238 18.84 -9.55 36.16
CA LEU D 238 17.92 -10.45 36.83
C LEU D 238 18.67 -11.68 37.32
N PRO D 239 18.39 -12.15 38.54
CA PRO D 239 18.97 -13.39 38.99
C PRO D 239 18.35 -14.56 38.26
N PRO D 240 19.15 -15.57 37.90
CA PRO D 240 18.69 -16.58 36.93
C PRO D 240 17.65 -17.54 37.47
N ASP D 241 17.62 -17.77 38.77
CA ASP D 241 16.70 -18.73 39.36
C ASP D 241 15.32 -18.15 39.61
N SER D 242 15.06 -16.93 39.16
CA SER D 242 13.76 -16.32 39.42
C SER D 242 12.68 -16.93 38.54
N GLY D 243 12.90 -16.96 37.23
CA GLY D 243 11.99 -17.64 36.35
C GLY D 243 11.57 -16.80 35.16
N GLU D 244 11.65 -15.49 35.30
CA GLU D 244 11.29 -14.57 34.24
C GLU D 244 12.45 -14.22 33.34
N ARG D 245 13.68 -14.63 33.69
CA ARG D 245 14.83 -14.30 32.87
C ARG D 245 14.79 -15.02 31.52
N VAL D 246 14.22 -16.22 31.49
CA VAL D 246 14.01 -16.89 30.22
C VAL D 246 12.88 -16.23 29.46
N SER D 247 11.83 -15.82 30.17
CA SER D 247 10.71 -15.14 29.52
C SER D 247 11.06 -13.71 29.11
N PHE D 248 12.08 -13.12 29.72
CA PHE D 248 12.49 -11.78 29.32
C PHE D 248 13.24 -11.81 28.00
N LYS D 249 14.21 -12.72 27.88
CA LYS D 249 15.08 -12.76 26.71
C LYS D 249 14.41 -13.31 25.48
N ILE D 250 13.20 -13.86 25.59
CA ILE D 250 12.50 -14.31 24.40
C ILE D 250 11.53 -13.23 23.89
N THR D 251 11.09 -12.32 24.75
CA THR D 251 10.13 -11.30 24.33
C THR D 251 10.80 -10.29 23.41
N LEU D 252 11.99 -9.83 23.77
CA LEU D 252 12.66 -8.85 22.92
C LEU D 252 13.27 -9.49 21.69
N LEU D 253 13.60 -10.78 21.75
CA LEU D 253 14.04 -11.48 20.56
C LEU D 253 12.90 -11.61 19.56
N LEU D 254 11.69 -11.85 20.06
CA LEU D 254 10.50 -11.69 19.23
C LEU D 254 10.35 -10.24 18.77
N GLY D 255 10.66 -9.30 19.65
CA GLY D 255 10.51 -7.89 19.33
C GLY D 255 11.49 -7.39 18.28
N TYR D 256 12.64 -8.04 18.15
CA TYR D 256 13.59 -7.64 17.12
C TYR D 256 13.34 -8.38 15.81
N SER D 257 12.75 -9.57 15.87
CA SER D 257 12.43 -10.31 14.66
C SER D 257 11.30 -9.64 13.89
N VAL D 258 10.43 -8.91 14.58
CA VAL D 258 9.45 -8.06 13.91
C VAL D 258 10.16 -6.90 13.21
N PHE D 259 11.23 -6.39 13.83
CA PHE D 259 11.90 -5.22 13.31
C PHE D 259 12.67 -5.51 12.03
N LEU D 260 13.24 -6.71 11.89
CA LEU D 260 13.99 -7.03 10.69
C LEU D 260 13.10 -7.15 9.47
N ILE D 261 11.84 -7.51 9.67
CA ILE D 261 10.92 -7.74 8.57
C ILE D 261 10.23 -6.45 8.16
N ILE D 262 9.85 -5.61 9.13
CA ILE D 262 9.11 -4.39 8.82
C ILE D 262 10.00 -3.30 8.21
N VAL D 263 11.31 -3.49 8.23
CA VAL D 263 12.24 -2.53 7.65
C VAL D 263 12.72 -2.98 6.27
N SER D 264 12.90 -4.30 6.08
CA SER D 264 13.49 -4.87 4.88
C SER D 264 12.68 -4.62 3.62
N ASP D 265 11.40 -4.24 3.74
CA ASP D 265 10.65 -3.85 2.56
C ASP D 265 10.99 -2.44 2.10
N THR D 266 11.40 -1.57 3.02
CA THR D 266 11.76 -0.19 2.66
C THR D 266 13.24 -0.04 2.35
N LEU D 267 14.01 -1.12 2.44
CA LEU D 267 15.43 -1.11 2.10
C LEU D 267 15.68 -2.12 0.99
N PRO D 268 16.10 -1.68 -0.20
CA PRO D 268 16.15 -2.57 -1.34
C PRO D 268 17.41 -3.42 -1.37
N ALA D 269 17.29 -4.58 -2.02
CA ALA D 269 18.41 -5.50 -2.20
C ALA D 269 18.32 -6.04 -3.63
N THR D 270 18.98 -5.35 -4.54
CA THR D 270 19.00 -5.71 -5.95
C THR D 270 20.22 -6.55 -6.27
N ALA D 271 20.63 -6.54 -7.55
CA ALA D 271 21.61 -7.47 -8.10
C ALA D 271 22.99 -7.30 -7.48
N ILE D 272 23.93 -8.07 -8.03
CA ILE D 272 24.97 -8.82 -7.32
C ILE D 272 25.59 -8.12 -6.12
N GLY D 273 25.63 -8.83 -5.02
CA GLY D 273 26.04 -8.28 -3.74
C GLY D 273 24.85 -7.84 -2.92
N THR D 274 24.93 -8.10 -1.62
CA THR D 274 24.02 -7.60 -0.61
C THR D 274 24.55 -6.28 -0.07
N PRO D 275 23.69 -5.38 0.39
CA PRO D 275 24.19 -4.17 1.05
C PRO D 275 24.91 -4.50 2.34
N LEU D 276 25.96 -3.75 2.62
CA LEU D 276 26.85 -4.04 3.74
C LEU D 276 26.24 -3.77 5.10
N ILE D 277 25.06 -3.17 5.18
CA ILE D 277 24.39 -3.11 6.47
C ILE D 277 23.67 -4.42 6.78
N GLY D 278 23.40 -5.23 5.77
CA GLY D 278 22.78 -6.51 6.01
C GLY D 278 23.68 -7.49 6.73
N VAL D 279 24.99 -7.32 6.58
CA VAL D 279 25.94 -8.09 7.38
C VAL D 279 25.93 -7.57 8.81
N TYR D 280 25.78 -6.26 8.98
CA TYR D 280 25.82 -5.68 10.32
C TYR D 280 24.50 -5.80 11.07
N PHE D 281 23.50 -6.47 10.49
CA PHE D 281 22.33 -6.89 11.24
C PHE D 281 22.36 -8.36 11.60
N VAL D 282 23.11 -9.17 10.87
CA VAL D 282 23.28 -10.57 11.25
C VAL D 282 24.15 -10.68 12.48
N VAL D 283 25.17 -9.82 12.59
CA VAL D 283 26.00 -9.78 13.78
C VAL D 283 25.20 -9.24 14.97
N CYS D 284 24.16 -8.46 14.72
CA CYS D 284 23.23 -8.06 15.78
C CYS D 284 22.42 -9.25 16.29
N MET D 285 22.23 -10.30 15.47
CA MET D 285 21.58 -11.49 15.98
C MET D 285 22.53 -12.38 16.76
N ALA D 286 23.78 -12.49 16.32
CA ALA D 286 24.72 -13.36 16.99
C ALA D 286 25.15 -12.82 18.34
N LEU D 287 24.96 -11.54 18.61
CA LEU D 287 25.07 -11.07 19.97
C LEU D 287 23.76 -11.14 20.72
N LEU D 288 22.76 -11.79 20.15
CA LEU D 288 21.44 -11.87 20.77
C LEU D 288 20.97 -13.30 20.96
N VAL D 289 21.38 -14.22 20.10
CA VAL D 289 21.13 -15.63 20.33
C VAL D 289 22.13 -16.19 21.34
N ILE D 290 23.37 -15.72 21.29
CA ILE D 290 24.37 -16.13 22.29
C ILE D 290 24.00 -15.57 23.66
N SER D 291 23.39 -14.39 23.69
CA SER D 291 22.83 -13.90 24.93
C SER D 291 21.64 -14.75 25.38
N LEU D 292 20.92 -15.34 24.44
CA LEU D 292 19.85 -16.25 24.81
C LEU D 292 20.38 -17.62 25.18
N ALA D 293 21.38 -18.10 24.45
CA ALA D 293 21.87 -19.46 24.66
C ALA D 293 22.85 -19.58 25.82
N GLU D 294 23.01 -18.54 26.62
CA GLU D 294 23.78 -18.72 27.86
C GLU D 294 22.90 -18.69 29.08
N THR D 295 21.76 -17.98 29.05
CA THR D 295 20.83 -18.09 30.16
C THR D 295 20.11 -19.42 30.16
N ILE D 296 20.04 -20.10 29.01
CA ILE D 296 19.57 -21.48 29.00
C ILE D 296 20.59 -22.36 29.70
N PHE D 297 21.88 -22.03 29.59
CA PHE D 297 22.89 -22.83 30.26
C PHE D 297 22.90 -22.62 31.76
N ILE D 298 22.53 -21.44 32.23
CA ILE D 298 22.56 -21.19 33.67
C ILE D 298 21.32 -21.78 34.35
N VAL D 299 20.15 -21.64 33.71
CA VAL D 299 18.91 -22.18 34.27
C VAL D 299 18.96 -23.69 34.35
N ARG D 300 19.57 -24.33 33.36
CA ARG D 300 19.82 -25.76 33.44
C ARG D 300 20.81 -26.09 34.54
N LEU D 301 21.71 -25.17 34.85
CA LEU D 301 22.75 -25.43 35.84
C LEU D 301 22.26 -25.16 37.26
N VAL D 302 21.29 -24.27 37.43
CA VAL D 302 20.79 -23.90 38.75
C VAL D 302 19.32 -24.29 38.80
N HIS D 303 19.02 -25.43 39.43
CA HIS D 303 17.66 -25.94 39.48
C HIS D 303 17.62 -27.02 40.56
N LYS D 304 16.43 -27.32 41.05
CA LYS D 304 16.22 -28.35 42.07
C LYS D 304 15.56 -29.56 41.41
N GLN D 305 16.38 -30.54 41.06
CA GLN D 305 15.97 -31.71 40.30
C GLN D 305 16.64 -32.98 40.81
N ASP D 306 16.65 -33.14 42.15
CA ASP D 306 17.32 -34.15 42.98
C ASP D 306 18.68 -34.58 42.45
N LEU D 307 19.49 -33.60 42.09
CA LEU D 307 20.77 -33.80 41.43
C LEU D 307 21.86 -34.17 42.45
N GLN D 308 23.03 -34.54 41.93
CA GLN D 308 24.13 -35.00 42.75
C GLN D 308 24.99 -33.82 43.23
N ARG D 309 25.94 -34.08 44.13
CA ARG D 309 26.76 -32.98 44.62
C ARG D 309 27.73 -32.60 43.49
N PRO D 310 28.08 -31.31 43.35
CA PRO D 310 29.01 -30.91 42.29
C PRO D 310 30.43 -31.45 42.49
N VAL D 311 31.12 -31.62 41.38
CA VAL D 311 32.33 -32.43 41.33
C VAL D 311 33.52 -31.62 41.84
N PRO D 312 34.35 -32.15 42.74
CA PRO D 312 35.51 -31.39 43.23
C PRO D 312 36.62 -31.17 42.21
N ASP D 313 36.57 -31.86 41.07
CA ASP D 313 37.39 -31.45 39.93
C ASP D 313 37.05 -30.02 39.52
N TRP D 314 35.77 -29.70 39.49
CA TRP D 314 35.30 -28.43 38.96
C TRP D 314 34.83 -27.51 40.06
N LEU D 315 35.14 -27.83 41.32
CA LEU D 315 34.90 -26.93 42.43
C LEU D 315 36.11 -26.04 42.67
N ARG D 316 37.29 -26.63 42.83
CA ARG D 316 38.51 -25.85 43.00
C ARG D 316 38.99 -25.26 41.68
N HIS D 317 38.49 -25.76 40.56
CA HIS D 317 38.75 -25.10 39.28
C HIS D 317 38.02 -23.77 39.18
N LEU D 318 36.89 -23.64 39.85
CA LEU D 318 36.01 -22.49 39.65
C LEU D 318 35.89 -21.61 40.88
N VAL D 319 35.49 -22.16 42.01
CA VAL D 319 35.17 -21.35 43.19
C VAL D 319 36.42 -20.78 43.83
N LEU D 320 37.44 -21.61 44.00
CA LEU D 320 38.68 -21.14 44.63
C LEU D 320 39.67 -20.54 43.64
N ASP D 321 39.29 -20.37 42.37
CA ASP D 321 40.13 -19.70 41.39
C ASP D 321 39.60 -18.33 41.01
N ARG D 322 38.35 -18.25 40.56
CA ARG D 322 37.80 -17.04 39.94
C ARG D 322 37.53 -15.91 40.91
N ILE D 323 37.79 -16.08 42.21
CA ILE D 323 37.78 -14.95 43.13
C ILE D 323 39.08 -14.17 43.08
N ALA D 324 40.03 -14.57 42.25
CA ALA D 324 41.29 -13.85 42.08
C ALA D 324 41.68 -13.61 40.64
N TRP D 325 41.10 -14.32 39.67
CA TRP D 325 41.37 -14.02 38.26
C TRP D 325 40.78 -12.68 37.87
N ILE D 326 39.45 -12.57 37.96
CA ILE D 326 38.77 -11.33 37.57
C ILE D 326 37.95 -10.82 38.74
N LEU D 327 37.00 -11.61 39.22
CA LEU D 327 36.08 -11.17 40.26
C LEU D 327 36.74 -11.29 41.62
N CYS D 328 35.95 -11.13 42.68
CA CYS D 328 36.44 -11.25 44.04
C CYS D 328 35.48 -12.04 44.91
N LEU D 385 12.45 -50.90 78.70
CA LEU D 385 12.31 -51.11 77.26
C LEU D 385 11.78 -49.85 76.59
N ALA D 386 11.14 -49.00 77.39
CA ALA D 386 10.49 -47.81 76.86
C ALA D 386 11.48 -46.77 76.38
N VAL D 387 12.72 -46.81 76.85
CA VAL D 387 13.72 -45.87 76.37
C VAL D 387 14.13 -46.20 74.94
N ARG D 388 14.37 -47.47 74.67
CA ARG D 388 14.81 -47.89 73.34
C ARG D 388 13.67 -47.81 72.33
N GLY D 389 12.42 -47.93 72.80
CA GLY D 389 11.29 -47.80 71.91
C GLY D 389 11.13 -46.39 71.38
N LEU D 390 11.28 -45.38 72.25
CA LEU D 390 11.25 -44.00 71.80
C LEU D 390 12.52 -43.61 71.08
N LEU D 391 13.64 -44.26 71.41
CA LEU D 391 14.88 -44.01 70.68
C LEU D 391 14.77 -44.50 69.25
N GLN D 392 14.04 -45.60 69.03
CA GLN D 392 13.73 -46.03 67.67
C GLN D 392 12.84 -45.01 66.97
N GLU D 393 11.96 -44.35 67.71
CA GLU D 393 11.06 -43.38 67.10
C GLU D 393 11.75 -42.05 66.82
N LEU D 394 12.57 -41.58 67.76
CA LEU D 394 13.16 -40.24 67.62
C LEU D 394 14.25 -40.21 66.57
N SER D 395 15.09 -41.24 66.52
CA SER D 395 16.17 -41.29 65.53
C SER D 395 15.61 -41.42 64.12
N SER D 396 14.46 -42.06 63.97
CA SER D 396 13.81 -42.12 62.67
C SER D 396 13.23 -40.77 62.27
N ILE D 397 12.86 -39.93 63.23
CA ILE D 397 12.42 -38.59 62.91
C ILE D 397 13.60 -37.76 62.42
N ARG D 398 14.74 -37.85 63.11
CA ARG D 398 15.92 -37.10 62.71
C ARG D 398 16.44 -37.55 61.35
N HIS D 399 16.28 -38.83 61.03
CA HIS D 399 16.66 -39.30 59.71
C HIS D 399 15.75 -38.75 58.62
N PHE D 400 14.50 -38.44 58.95
CA PHE D 400 13.61 -37.82 57.98
C PHE D 400 13.87 -36.33 57.81
N LEU D 401 14.57 -35.70 58.75
CA LEU D 401 14.90 -34.29 58.61
C LEU D 401 16.29 -34.07 58.05
N GLU D 402 17.26 -34.94 58.38
CA GLU D 402 18.62 -34.68 57.95
C GLU D 402 18.81 -34.92 56.46
N LYS D 403 17.97 -35.75 55.84
CA LYS D 403 18.03 -35.85 54.39
C LYS D 403 17.25 -34.73 53.72
N ARG D 404 16.35 -34.09 54.45
CA ARG D 404 15.78 -32.84 53.95
C ARG D 404 16.81 -31.72 54.03
N ASP D 405 17.67 -31.75 55.05
CA ASP D 405 18.75 -30.78 55.17
C ASP D 405 19.80 -31.00 54.10
N GLU D 406 20.09 -32.27 53.78
CA GLU D 406 21.17 -32.59 52.85
C GLU D 406 20.82 -32.18 51.44
N MET D 407 19.54 -32.27 51.06
CA MET D 407 19.14 -31.89 49.72
C MET D 407 19.17 -30.40 49.50
N ARG D 408 19.12 -29.59 50.56
CA ARG D 408 19.23 -28.16 50.37
C ARG D 408 20.67 -27.67 50.37
N GLU D 409 21.57 -28.36 51.09
CA GLU D 409 22.96 -27.94 51.07
C GLU D 409 23.64 -28.31 49.76
N VAL D 410 23.16 -29.34 49.08
CA VAL D 410 23.66 -29.63 47.74
C VAL D 410 23.19 -28.56 46.77
N ALA D 411 21.93 -28.14 46.90
CA ALA D 411 21.40 -27.12 46.00
C ALA D 411 21.97 -25.75 46.28
N ARG D 412 22.61 -25.52 47.42
CA ARG D 412 23.32 -24.26 47.61
C ARG D 412 24.60 -24.21 46.79
N ASP D 413 25.23 -25.36 46.55
CA ASP D 413 26.56 -25.34 45.95
C ASP D 413 26.52 -25.07 44.46
N TRP D 414 25.57 -25.68 43.73
CA TRP D 414 25.40 -25.36 42.31
C TRP D 414 24.98 -23.92 42.14
N LEU D 415 24.08 -23.48 43.01
CA LEU D 415 23.61 -22.12 43.07
C LEU D 415 24.73 -21.14 43.37
N ARG D 416 25.76 -21.57 44.10
CA ARG D 416 26.95 -20.77 44.30
C ARG D 416 27.82 -20.76 43.04
N VAL D 417 27.92 -21.89 42.35
CA VAL D 417 28.65 -21.95 41.10
C VAL D 417 27.93 -21.13 40.02
N GLY D 418 26.60 -21.15 40.05
CA GLY D 418 25.82 -20.49 39.02
C GLY D 418 25.89 -18.99 39.04
N TYR D 419 26.25 -18.38 40.17
CA TYR D 419 26.40 -16.94 40.16
C TYR D 419 27.79 -16.51 39.70
N VAL D 420 28.80 -17.34 39.91
CA VAL D 420 30.15 -16.97 39.51
C VAL D 420 30.28 -17.02 37.99
N LEU D 421 29.66 -18.00 37.36
CA LEU D 421 29.65 -18.04 35.90
C LEU D 421 28.78 -16.94 35.31
N ASP D 422 27.77 -16.50 36.04
CA ASP D 422 26.92 -15.44 35.50
C ASP D 422 27.62 -14.10 35.50
N ARG D 423 28.44 -13.81 36.51
CA ARG D 423 29.24 -12.59 36.48
C ARG D 423 30.38 -12.67 35.48
N LEU D 424 30.91 -13.88 35.27
CA LEU D 424 32.01 -14.03 34.33
C LEU D 424 31.54 -13.90 32.89
N LEU D 425 30.39 -14.49 32.57
CA LEU D 425 29.82 -14.31 31.25
C LEU D 425 29.24 -12.92 31.05
N PHE D 426 28.98 -12.19 32.12
CA PHE D 426 28.49 -10.83 31.98
C PHE D 426 29.59 -9.88 31.56
N ARG D 427 30.83 -10.14 31.97
CA ARG D 427 31.93 -9.25 31.61
C ARG D 427 32.34 -9.42 30.16
N ILE D 428 32.50 -10.66 29.69
CA ILE D 428 32.97 -10.85 28.32
C ILE D 428 31.85 -10.59 27.33
N TYR D 429 30.59 -10.61 27.79
CA TYR D 429 29.54 -10.08 26.94
C TYR D 429 29.57 -8.56 26.92
N LEU D 430 29.99 -7.94 28.02
CA LEU D 430 30.09 -6.49 28.05
C LEU D 430 31.31 -6.02 27.27
N LEU D 431 32.36 -6.85 27.17
CA LEU D 431 33.49 -6.51 26.33
C LEU D 431 33.24 -6.84 24.86
N ALA D 432 32.36 -7.80 24.57
CA ALA D 432 32.05 -8.09 23.17
C ALA D 432 31.20 -6.99 22.55
N VAL D 433 30.31 -6.38 23.32
CA VAL D 433 29.55 -5.25 22.81
C VAL D 433 30.44 -4.02 22.70
N LEU D 434 31.34 -3.83 23.67
CA LEU D 434 32.19 -2.65 23.68
C LEU D 434 33.23 -2.71 22.56
N ALA D 435 33.79 -3.88 22.29
CA ALA D 435 34.76 -3.99 21.21
C ALA D 435 34.10 -3.99 19.84
N TYR D 436 32.80 -4.25 19.77
CA TYR D 436 32.10 -4.18 18.50
C TYR D 436 31.60 -2.78 18.20
N SER D 437 31.22 -2.03 19.22
CA SER D 437 30.69 -0.69 18.99
C SER D 437 31.79 0.30 18.63
N ILE D 438 33.04 0.06 19.04
CA ILE D 438 34.11 0.96 18.65
C ILE D 438 34.54 0.71 17.22
N THR D 439 34.38 -0.52 16.72
CA THR D 439 34.66 -0.80 15.33
C THR D 439 33.60 -0.16 14.43
N LEU D 440 32.38 -0.03 14.93
CA LEU D 440 31.34 0.64 14.19
C LEU D 440 31.57 2.13 14.10
N VAL D 441 32.15 2.74 15.15
CA VAL D 441 32.38 4.18 15.14
C VAL D 441 33.54 4.53 14.22
N THR D 442 34.61 3.75 14.27
CA THR D 442 35.81 4.10 13.49
C THR D 442 35.62 3.89 11.99
N LEU D 443 34.62 3.11 11.57
CA LEU D 443 34.27 3.06 10.16
C LEU D 443 33.33 4.19 9.76
N TRP D 444 32.84 4.96 10.72
CA TRP D 444 32.04 6.14 10.43
C TRP D 444 32.88 7.41 10.41
N SER D 445 33.96 7.46 11.19
CA SER D 445 34.82 8.64 11.19
C SER D 445 35.74 8.69 9.98
N ILE D 446 36.09 7.53 9.41
CA ILE D 446 36.91 7.52 8.20
C ILE D 446 36.14 8.10 7.02
N TRP D 447 34.87 7.71 6.88
CA TRP D 447 34.07 8.26 5.79
C TRP D 447 33.72 9.72 6.02
N HIS D 448 33.41 10.09 7.27
CA HIS D 448 33.01 11.46 7.55
C HIS D 448 34.17 12.45 7.37
N TYR D 449 35.38 12.01 7.67
CA TYR D 449 36.55 12.86 7.44
C TYR D 449 36.89 12.81 5.96
N SER D 450 36.92 13.98 5.33
CA SER D 450 37.20 14.18 3.90
C SER D 450 36.27 13.36 3.00
N THR E 1 -22.97 48.21 -49.32
CA THR E 1 -23.02 46.97 -48.55
C THR E 1 -24.45 46.58 -48.21
N THR E 2 -24.58 45.47 -47.51
CA THR E 2 -25.85 44.95 -47.03
C THR E 2 -25.77 44.81 -45.52
N GLN E 3 -26.75 44.10 -44.94
CA GLN E 3 -26.76 43.83 -43.51
C GLN E 3 -26.91 42.34 -43.24
N PRO E 4 -25.83 41.54 -43.45
CA PRO E 4 -25.92 40.12 -43.09
C PRO E 4 -25.98 39.92 -41.59
N ALA E 5 -25.01 40.45 -40.84
CA ALA E 5 -24.90 40.24 -39.41
C ALA E 5 -23.85 41.14 -38.78
N LEU E 6 -23.46 40.81 -37.55
CA LEU E 6 -22.19 41.24 -37.02
C LEU E 6 -21.02 40.47 -37.62
N LEU E 7 -21.26 39.39 -38.35
CA LEU E 7 -20.17 38.52 -38.78
C LEU E 7 -19.28 39.16 -39.84
N ARG E 8 -19.75 40.20 -40.51
CA ARG E 8 -18.88 40.91 -41.44
C ARG E 8 -17.81 41.70 -40.71
N LEU E 9 -18.01 42.01 -39.44
CA LEU E 9 -16.89 42.40 -38.60
C LEU E 9 -15.89 41.28 -38.43
N SER E 10 -16.38 40.06 -38.18
CA SER E 10 -15.48 38.93 -38.00
C SER E 10 -14.79 38.52 -39.29
N ASP E 11 -15.32 38.92 -40.42
CA ASP E 11 -14.60 38.73 -41.67
C ASP E 11 -13.60 39.86 -41.91
N HIS E 12 -13.89 41.05 -41.40
CA HIS E 12 -13.00 42.18 -41.61
C HIS E 12 -11.70 42.04 -40.84
N LEU E 13 -11.73 41.36 -39.70
CA LEU E 13 -10.54 41.21 -38.90
C LEU E 13 -9.69 40.04 -39.37
N LEU E 14 -10.29 38.86 -39.47
CA LEU E 14 -9.56 37.62 -39.67
C LEU E 14 -9.40 37.24 -41.14
N ALA E 15 -9.42 38.21 -42.04
CA ALA E 15 -9.21 37.90 -43.44
C ALA E 15 -7.72 37.79 -43.76
N ASN E 16 -6.93 38.73 -43.26
CA ASN E 16 -5.51 38.76 -43.56
C ASN E 16 -4.67 38.70 -42.29
N TYR E 17 -5.26 38.34 -41.17
CA TYR E 17 -4.49 38.23 -39.94
C TYR E 17 -3.66 36.96 -39.97
N LYS E 18 -2.37 37.11 -39.70
CA LYS E 18 -1.44 35.99 -39.70
C LYS E 18 -1.14 35.58 -38.27
N LYS E 19 -1.23 34.28 -38.02
CA LYS E 19 -1.31 33.78 -36.66
C LYS E 19 0.04 33.84 -35.95
N GLY E 20 1.13 33.64 -36.68
CA GLY E 20 2.41 33.46 -36.03
C GLY E 20 3.21 34.71 -35.75
N VAL E 21 2.96 35.77 -36.50
CA VAL E 21 3.75 36.98 -36.36
C VAL E 21 3.33 37.73 -35.09
N ARG E 22 4.30 38.26 -34.36
CA ARG E 22 3.99 38.97 -33.13
C ARG E 22 3.34 40.30 -33.48
N PRO E 23 2.18 40.60 -32.93
CA PRO E 23 1.35 41.67 -33.49
C PRO E 23 1.71 43.07 -33.02
N VAL E 24 2.63 43.74 -33.70
CA VAL E 24 2.96 45.12 -33.36
C VAL E 24 3.37 45.84 -34.64
N ARG E 25 3.09 47.14 -34.69
CA ARG E 25 3.47 47.95 -35.85
C ARG E 25 4.98 48.11 -35.96
N ASP E 26 5.58 48.75 -34.97
CA ASP E 26 7.02 48.90 -34.92
C ASP E 26 7.61 47.79 -34.07
N TRP E 27 8.68 47.19 -34.55
CA TRP E 27 9.24 46.01 -33.90
C TRP E 27 10.04 46.33 -32.64
N ARG E 28 10.15 47.60 -32.27
CA ARG E 28 10.93 47.96 -31.09
C ARG E 28 10.08 48.06 -29.84
N LYS E 29 8.80 48.31 -30.00
CA LYS E 29 7.91 48.43 -28.85
C LYS E 29 7.55 47.06 -28.32
N PRO E 30 7.77 46.79 -27.04
CA PRO E 30 7.46 45.46 -26.51
C PRO E 30 5.99 45.29 -26.22
N THR E 31 5.52 44.05 -26.38
CA THR E 31 4.16 43.69 -26.03
C THR E 31 4.07 43.43 -24.54
N THR E 32 3.10 44.04 -23.88
CA THR E 32 3.01 44.01 -22.43
C THR E 32 1.78 43.22 -22.01
N VAL E 33 1.99 42.01 -21.49
CA VAL E 33 0.90 41.23 -20.96
C VAL E 33 0.74 41.59 -19.49
N SER E 34 -0.40 41.24 -18.90
CA SER E 34 -0.70 41.62 -17.53
C SER E 34 -1.50 40.52 -16.88
N ILE E 35 -0.94 39.86 -15.87
CA ILE E 35 -1.54 38.65 -15.33
C ILE E 35 -2.20 38.93 -14.00
N ASP E 36 -2.89 37.92 -13.47
CA ASP E 36 -3.54 37.93 -12.17
C ASP E 36 -3.92 36.50 -11.83
N VAL E 37 -3.89 36.13 -10.55
CA VAL E 37 -4.25 34.79 -10.12
C VAL E 37 -5.14 34.83 -8.88
N ILE E 38 -5.86 33.74 -8.67
CA ILE E 38 -6.62 33.49 -7.44
C ILE E 38 -6.43 32.03 -7.07
N MET E 39 -6.01 31.76 -5.84
CA MET E 39 -5.93 30.40 -5.35
C MET E 39 -7.32 29.79 -5.24
N TYR E 40 -7.43 28.51 -5.55
CA TYR E 40 -8.71 27.83 -5.38
C TYR E 40 -8.63 26.68 -4.41
N ALA E 41 -7.70 25.76 -4.59
CA ALA E 41 -7.60 24.64 -3.67
C ALA E 41 -6.14 24.23 -3.56
N ILE E 42 -5.83 23.44 -2.56
CA ILE E 42 -4.50 22.88 -2.37
C ILE E 42 -4.67 21.37 -2.30
N LEU E 43 -4.31 20.69 -3.37
CA LEU E 43 -4.70 19.29 -3.51
C LEU E 43 -3.82 18.37 -2.68
N ASN E 44 -2.50 18.58 -2.72
CA ASN E 44 -1.60 17.65 -2.07
C ASN E 44 -0.28 18.37 -1.80
N VAL E 45 0.26 18.14 -0.62
CA VAL E 45 1.58 18.62 -0.26
C VAL E 45 2.40 17.39 0.12
N ASP E 46 3.26 16.96 -0.78
CA ASP E 46 4.06 15.76 -0.59
C ASP E 46 5.39 16.19 0.03
N GLU E 47 5.58 15.88 1.31
CA GLU E 47 6.79 16.30 2.00
C GLU E 47 8.01 15.54 1.51
N LYS E 48 7.83 14.26 1.15
CA LYS E 48 8.97 13.41 0.81
C LYS E 48 9.60 13.83 -0.52
N ASN E 49 8.77 14.13 -1.51
CA ASN E 49 9.27 14.43 -2.83
C ASN E 49 9.41 15.93 -3.09
N GLN E 50 9.06 16.77 -2.12
CA GLN E 50 9.11 18.23 -2.21
C GLN E 50 8.23 18.75 -3.35
N VAL E 51 7.07 18.14 -3.55
CA VAL E 51 6.18 18.45 -4.66
C VAL E 51 4.86 18.93 -4.12
N LEU E 52 4.38 20.06 -4.62
CA LEU E 52 3.14 20.70 -4.18
C LEU E 52 2.18 20.84 -5.35
N THR E 53 0.93 20.46 -5.13
CA THR E 53 -0.09 20.40 -6.18
C THR E 53 -1.17 21.42 -5.89
N THR E 54 -1.54 22.22 -6.90
CA THR E 54 -2.39 23.38 -6.67
C THR E 54 -3.24 23.63 -7.91
N TYR E 55 -4.52 23.93 -7.70
CA TYR E 55 -5.42 24.33 -8.78
C TYR E 55 -5.73 25.82 -8.59
N ILE E 56 -5.46 26.63 -9.61
CA ILE E 56 -5.69 28.07 -9.53
C ILE E 56 -6.50 28.53 -10.73
N TRP E 57 -7.02 29.75 -10.64
CA TRP E 57 -7.63 30.41 -11.78
C TRP E 57 -6.69 31.49 -12.27
N TYR E 58 -6.91 31.97 -13.49
CA TYR E 58 -5.87 32.76 -14.13
C TYR E 58 -6.49 33.60 -15.23
N ARG E 59 -6.01 34.82 -15.39
CA ARG E 59 -6.46 35.66 -16.49
C ARG E 59 -5.35 36.61 -16.88
N GLN E 60 -5.39 37.10 -18.11
CA GLN E 60 -4.31 37.92 -18.64
C GLN E 60 -4.83 38.72 -19.81
N TYR E 61 -4.18 39.82 -20.15
CA TYR E 61 -4.65 40.64 -21.25
C TYR E 61 -3.48 41.37 -21.87
N TRP E 62 -3.55 41.63 -23.18
CA TRP E 62 -2.51 42.33 -23.89
C TRP E 62 -3.13 43.07 -25.06
N THR E 63 -2.41 44.04 -25.59
CA THR E 63 -2.91 44.83 -26.70
C THR E 63 -2.22 44.42 -27.99
N ASP E 64 -2.89 44.69 -29.12
CA ASP E 64 -2.29 44.50 -30.43
C ASP E 64 -2.98 45.39 -31.46
N GLU E 65 -2.22 45.77 -32.47
CA GLU E 65 -2.67 46.80 -33.41
C GLU E 65 -3.30 46.23 -34.67
N PHE E 66 -3.53 44.92 -34.73
CA PHE E 66 -4.14 44.38 -35.94
C PHE E 66 -5.63 44.17 -35.77
N LEU E 67 -6.06 43.84 -34.56
CA LEU E 67 -7.47 43.63 -34.27
C LEU E 67 -8.04 44.92 -33.72
N GLN E 68 -8.39 45.82 -34.63
CA GLN E 68 -8.72 47.17 -34.23
C GLN E 68 -9.65 47.78 -35.27
N TRP E 69 -10.91 48.00 -34.89
CA TRP E 69 -11.91 48.53 -35.80
C TRP E 69 -12.48 49.80 -35.21
N THR E 70 -13.33 50.44 -35.97
CA THR E 70 -14.10 51.52 -35.36
C THR E 70 -15.49 51.03 -34.99
N PRO E 71 -15.97 51.29 -33.78
CA PRO E 71 -17.24 50.70 -33.36
C PRO E 71 -18.43 51.28 -34.07
N GLU E 72 -18.34 52.53 -34.51
CA GLU E 72 -19.35 53.10 -35.38
C GLU E 72 -19.29 52.39 -36.74
N ASP E 73 -20.45 52.29 -37.38
CA ASP E 73 -20.79 51.75 -38.71
C ASP E 73 -20.72 50.22 -38.77
N PHE E 74 -20.36 49.55 -37.68
CA PHE E 74 -20.57 48.12 -37.56
C PHE E 74 -21.68 47.80 -36.58
N ASP E 75 -22.70 48.66 -36.57
CA ASP E 75 -23.86 48.58 -35.66
C ASP E 75 -23.39 48.56 -34.20
N ASN E 76 -22.43 49.43 -33.89
CA ASN E 76 -22.04 49.80 -32.54
C ASN E 76 -21.49 48.64 -31.73
N VAL E 77 -20.86 47.68 -32.39
CA VAL E 77 -20.34 46.51 -31.68
C VAL E 77 -19.09 46.91 -30.92
N THR E 78 -19.10 46.69 -29.61
CA THR E 78 -17.95 47.03 -28.78
C THR E 78 -17.04 45.85 -28.51
N LYS E 79 -17.55 44.73 -28.03
CA LYS E 79 -16.71 43.57 -27.82
C LYS E 79 -17.20 42.42 -28.67
N LEU E 80 -16.47 41.32 -28.62
CA LEU E 80 -16.60 40.27 -29.61
C LEU E 80 -15.94 39.00 -29.07
N SER E 81 -16.45 37.85 -29.49
CA SER E 81 -15.81 36.57 -29.19
C SER E 81 -15.09 36.06 -30.44
N ILE E 82 -13.87 35.60 -30.25
CA ILE E 82 -13.04 35.06 -31.33
C ILE E 82 -12.41 33.78 -30.79
N PRO E 83 -12.32 32.71 -31.57
CA PRO E 83 -11.71 31.48 -31.07
C PRO E 83 -10.24 31.67 -30.78
N THR E 84 -9.75 30.89 -29.81
CA THR E 84 -8.39 31.06 -29.30
C THR E 84 -7.35 30.67 -30.34
N ASP E 85 -7.69 29.82 -31.30
CA ASP E 85 -6.70 29.30 -32.22
C ASP E 85 -6.19 30.37 -33.17
N SER E 86 -7.05 31.25 -33.65
CA SER E 86 -6.70 32.16 -34.72
C SER E 86 -6.08 33.46 -34.23
N ILE E 87 -5.55 33.49 -33.02
CA ILE E 87 -4.97 34.69 -32.41
C ILE E 87 -3.56 34.36 -31.92
N TRP E 88 -2.63 35.29 -32.09
CA TRP E 88 -1.33 35.20 -31.44
C TRP E 88 -1.52 35.17 -29.93
N VAL E 89 -1.00 34.14 -29.29
CA VAL E 89 -1.14 33.95 -27.85
C VAL E 89 0.26 33.81 -27.25
N PRO E 90 0.62 34.62 -26.27
CA PRO E 90 1.97 34.53 -25.71
C PRO E 90 2.14 33.30 -24.84
N ASP E 91 3.40 32.87 -24.72
CA ASP E 91 3.76 31.70 -23.93
C ASP E 91 4.22 32.15 -22.54
N ILE E 92 3.38 31.92 -21.54
CA ILE E 92 3.69 32.28 -20.17
C ILE E 92 3.65 30.99 -19.37
N LEU E 93 4.80 30.58 -18.85
CA LEU E 93 4.91 29.33 -18.12
C LEU E 93 5.48 29.57 -16.73
N ILE E 94 5.34 28.56 -15.89
CA ILE E 94 5.87 28.55 -14.54
C ILE E 94 7.24 27.91 -14.60
N ASN E 95 8.23 28.53 -13.95
CA ASN E 95 9.56 27.95 -13.92
C ASN E 95 9.62 26.66 -13.10
N GLU E 96 8.76 26.51 -12.11
CA GLU E 96 8.88 25.41 -11.17
C GLU E 96 8.11 24.16 -11.58
N PHE E 97 7.79 23.99 -12.86
CA PHE E 97 7.11 22.77 -13.30
C PHE E 97 7.97 21.54 -13.11
N VAL E 98 7.35 20.44 -12.69
CA VAL E 98 7.95 19.12 -12.80
C VAL E 98 7.08 18.14 -13.55
N ASP E 99 5.84 18.50 -13.88
CA ASP E 99 4.93 17.64 -14.59
C ASP E 99 3.88 18.54 -15.22
N VAL E 100 3.02 17.98 -16.06
CA VAL E 100 1.96 18.72 -16.71
C VAL E 100 0.64 18.31 -16.08
N GLY E 101 0.00 19.25 -15.40
CA GLY E 101 -1.34 19.00 -14.90
C GLY E 101 -2.38 19.02 -16.00
N LYS E 102 -3.49 18.36 -15.70
CA LYS E 102 -4.60 18.19 -16.63
C LYS E 102 -5.63 19.28 -16.33
N SER E 103 -5.92 20.11 -17.32
CA SER E 103 -6.77 21.27 -17.09
C SER E 103 -7.67 21.48 -18.30
N PRO E 104 -8.87 22.03 -18.12
CA PRO E 104 -9.76 22.21 -19.27
C PRO E 104 -9.28 23.33 -20.15
N ASN E 105 -9.55 23.23 -21.45
CA ASN E 105 -9.21 24.31 -22.35
C ASN E 105 -10.42 25.18 -22.66
N ILE E 106 -10.17 26.47 -22.81
CA ILE E 106 -11.22 27.45 -23.03
C ILE E 106 -11.08 27.96 -24.46
N PRO E 107 -12.02 27.68 -25.34
CA PRO E 107 -11.82 27.99 -26.75
C PRO E 107 -12.25 29.38 -27.19
N TYR E 108 -12.38 30.34 -26.28
CA TYR E 108 -12.81 31.67 -26.71
C TYR E 108 -12.05 32.75 -25.96
N VAL E 109 -11.88 33.90 -26.60
CA VAL E 109 -11.34 35.10 -25.99
C VAL E 109 -12.24 36.27 -26.34
N TYR E 110 -12.10 37.35 -25.58
CA TYR E 110 -12.74 38.62 -25.90
C TYR E 110 -11.81 39.48 -26.71
N VAL E 111 -12.36 40.42 -27.48
CA VAL E 111 -11.58 41.44 -28.18
C VAL E 111 -12.35 42.74 -28.10
N HIS E 112 -11.77 43.76 -27.48
CA HIS E 112 -12.41 45.06 -27.42
C HIS E 112 -12.05 45.86 -28.66
N HIS E 113 -12.62 47.06 -28.80
CA HIS E 113 -12.47 47.78 -30.04
C HIS E 113 -11.25 48.69 -30.05
N ARG E 114 -10.38 48.58 -29.07
CA ARG E 114 -9.09 49.25 -29.11
C ARG E 114 -7.96 48.30 -29.43
N GLY E 115 -8.18 46.99 -29.31
CA GLY E 115 -7.15 46.01 -29.48
C GLY E 115 -6.90 45.18 -28.25
N GLU E 116 -7.53 45.52 -27.15
CA GLU E 116 -7.31 44.79 -25.91
C GLU E 116 -8.06 43.47 -25.93
N VAL E 117 -7.33 42.36 -25.95
CA VAL E 117 -7.96 41.06 -25.85
C VAL E 117 -7.88 40.65 -24.39
N GLN E 118 -8.66 39.65 -24.02
CA GLN E 118 -8.64 39.12 -22.66
C GLN E 118 -8.67 37.60 -22.75
N ASN E 119 -8.22 36.92 -21.71
CA ASN E 119 -8.11 35.48 -21.80
C ASN E 119 -8.22 34.87 -20.41
N TYR E 120 -9.32 34.19 -20.14
CA TYR E 120 -9.56 33.51 -18.89
C TYR E 120 -9.29 32.03 -19.09
N LYS E 121 -8.52 31.42 -18.18
CA LYS E 121 -8.34 29.98 -18.21
C LYS E 121 -7.95 29.47 -16.83
N PRO E 122 -8.45 28.31 -16.43
CA PRO E 122 -7.95 27.66 -15.22
C PRO E 122 -6.85 26.67 -15.57
N LEU E 123 -6.00 26.39 -14.59
CA LEU E 123 -4.88 25.51 -14.85
C LEU E 123 -4.40 24.86 -13.56
N GLN E 124 -4.34 23.53 -13.56
CA GLN E 124 -3.74 22.79 -12.47
C GLN E 124 -2.24 22.79 -12.62
N LEU E 125 -1.52 23.02 -11.54
CA LEU E 125 -0.08 23.07 -11.60
C LEU E 125 0.55 22.24 -10.50
N VAL E 126 1.57 21.48 -10.85
CA VAL E 126 2.38 20.73 -9.91
C VAL E 126 3.77 21.33 -9.90
N THR E 127 4.19 21.85 -8.76
CA THR E 127 5.46 22.54 -8.68
C THR E 127 6.37 21.82 -7.71
N ALA E 128 7.55 22.40 -7.51
CA ALA E 128 8.56 21.84 -6.64
C ALA E 128 9.11 22.93 -5.75
N CYS E 129 8.59 23.03 -4.54
CA CYS E 129 9.04 24.04 -3.60
C CYS E 129 9.72 23.35 -2.43
N SER E 130 10.57 24.10 -1.74
CA SER E 130 11.32 23.55 -0.62
C SER E 130 10.54 23.70 0.67
N LEU E 131 10.35 22.59 1.37
CA LEU E 131 9.57 22.52 2.59
C LEU E 131 10.49 22.29 3.78
N ASP E 132 10.09 22.77 4.95
CA ASP E 132 10.81 22.50 6.18
C ASP E 132 9.89 21.82 7.19
N ILE E 133 10.36 20.76 7.82
CA ILE E 133 9.54 19.98 8.72
C ILE E 133 10.19 20.14 10.09
N TYR E 134 10.72 21.34 10.35
CA TYR E 134 11.45 21.56 11.59
C TYR E 134 10.56 21.50 12.80
N ASN E 135 9.32 21.93 12.68
CA ASN E 135 8.33 21.84 13.75
C ASN E 135 7.01 21.36 13.16
N PHE E 136 6.73 20.06 13.36
CA PHE E 136 5.84 19.36 12.44
C PHE E 136 4.38 19.79 12.50
N PRO E 137 3.68 19.80 13.64
CA PRO E 137 2.27 20.22 13.57
C PRO E 137 2.09 21.71 13.45
N PHE E 138 3.07 22.52 13.79
CA PHE E 138 2.93 23.97 13.82
C PHE E 138 3.92 24.51 12.79
N ASP E 139 3.50 24.61 11.54
CA ASP E 139 4.46 25.03 10.52
C ASP E 139 3.79 25.87 9.44
N VAL E 140 4.48 26.91 9.01
CA VAL E 140 4.09 27.66 7.83
C VAL E 140 5.00 27.21 6.70
N GLN E 141 4.55 27.41 5.48
CA GLN E 141 5.34 27.07 4.31
C GLN E 141 5.40 28.28 3.41
N ASN E 142 6.44 28.35 2.59
CA ASN E 142 6.66 29.52 1.75
C ASN E 142 7.11 29.00 0.39
N CYS E 143 6.14 28.67 -0.45
CA CYS E 143 6.43 28.14 -1.78
C CYS E 143 6.21 29.23 -2.82
N SER E 144 6.93 29.11 -3.94
CA SER E 144 6.96 30.16 -4.94
C SER E 144 6.32 29.71 -6.24
N LEU E 145 5.70 30.65 -6.91
CA LEU E 145 5.22 30.48 -8.28
C LEU E 145 5.81 31.60 -9.10
N THR E 146 6.46 31.27 -10.21
CA THR E 146 7.21 32.25 -10.99
C THR E 146 6.70 32.24 -12.41
N PHE E 147 5.91 33.24 -12.78
CA PHE E 147 5.42 33.34 -14.14
C PHE E 147 6.43 34.09 -15.00
N THR E 148 6.80 33.50 -16.12
CA THR E 148 7.74 34.12 -17.02
C THR E 148 7.46 33.69 -18.45
N SER E 149 7.94 34.50 -19.38
CA SER E 149 7.99 34.06 -20.76
C SER E 149 9.09 33.02 -20.88
N TRP E 150 8.90 32.06 -21.77
CA TRP E 150 9.91 31.01 -21.83
C TRP E 150 10.95 31.28 -22.88
N LEU E 151 10.60 32.03 -23.90
CA LEU E 151 11.54 32.28 -24.98
C LEU E 151 11.90 33.75 -25.14
N HIS E 152 10.92 34.63 -25.15
CA HIS E 152 11.14 36.01 -25.56
C HIS E 152 11.90 36.80 -24.49
N THR E 153 12.66 37.79 -24.93
CA THR E 153 13.44 38.62 -24.03
C THR E 153 12.60 39.78 -23.51
N ILE E 154 13.21 40.65 -22.72
CA ILE E 154 12.45 41.69 -22.04
C ILE E 154 12.19 42.88 -22.95
N GLN E 155 12.85 42.98 -24.09
CA GLN E 155 12.40 43.95 -25.07
C GLN E 155 11.41 43.33 -26.03
N ASP E 156 10.88 42.16 -25.71
CA ASP E 156 9.91 41.49 -26.56
C ASP E 156 8.60 41.21 -25.84
N ILE E 157 8.65 40.70 -24.61
CA ILE E 157 7.48 40.47 -23.78
C ILE E 157 7.79 40.94 -22.37
N ASN E 158 6.89 41.75 -21.80
CA ASN E 158 7.07 42.36 -20.50
C ASN E 158 5.84 42.04 -19.65
N ILE E 159 6.01 41.90 -18.34
CA ILE E 159 4.93 41.40 -17.48
C ILE E 159 4.67 42.40 -16.36
N THR E 160 3.41 42.83 -16.22
CA THR E 160 2.95 43.65 -15.11
C THR E 160 1.74 43.00 -14.46
N LEU E 161 1.09 43.71 -13.55
CA LEU E 161 -0.06 43.16 -12.85
C LEU E 161 -1.36 43.78 -13.33
N TRP E 162 -2.44 42.99 -13.25
CA TRP E 162 -3.77 43.51 -13.55
C TRP E 162 -4.20 44.51 -12.48
N ARG E 163 -4.22 44.07 -11.22
CA ARG E 163 -4.70 44.87 -10.11
C ARG E 163 -3.52 45.41 -9.33
N SER E 164 -3.83 46.25 -8.35
CA SER E 164 -2.79 46.72 -7.44
C SER E 164 -2.32 45.56 -6.57
N PRO E 165 -1.05 45.54 -6.15
CA PRO E 165 -0.58 44.38 -5.37
C PRO E 165 -1.15 44.32 -3.97
N GLU E 166 -1.68 45.42 -3.45
CA GLU E 166 -2.31 45.38 -2.13
C GLU E 166 -3.65 44.65 -2.19
N GLU E 167 -4.26 44.62 -3.37
CA GLU E 167 -5.56 43.98 -3.50
C GLU E 167 -5.41 42.48 -3.72
N VAL E 168 -4.25 42.06 -4.23
CA VAL E 168 -4.03 40.65 -4.47
C VAL E 168 -3.74 39.90 -3.17
N ARG E 169 -3.10 40.58 -2.20
CA ARG E 169 -2.67 39.93 -0.97
C ARG E 169 -3.85 39.47 -0.12
N SER E 170 -4.92 40.25 -0.12
CA SER E 170 -6.01 39.98 0.78
C SER E 170 -7.19 39.42 0.00
N ASP E 171 -6.91 38.56 -0.98
CA ASP E 171 -7.95 37.96 -1.80
C ASP E 171 -8.07 36.49 -1.38
N LYS E 172 -8.84 36.26 -0.33
CA LYS E 172 -9.23 34.94 0.12
C LYS E 172 -10.73 34.89 -0.08
N SER E 173 -11.15 34.58 -1.29
CA SER E 173 -12.55 34.73 -1.66
C SER E 173 -13.24 33.43 -1.99
N ILE E 174 -12.59 32.57 -2.77
CA ILE E 174 -13.19 31.32 -3.21
C ILE E 174 -12.43 30.11 -2.71
N PHE E 175 -11.49 30.31 -1.79
CA PHE E 175 -10.62 29.23 -1.33
C PHE E 175 -11.42 28.20 -0.55
N ILE E 176 -11.14 26.93 -0.80
CA ILE E 176 -11.83 25.84 -0.13
C ILE E 176 -11.18 25.61 1.24
N ASN E 177 -11.92 25.87 2.30
CA ASN E 177 -11.43 25.57 3.64
C ASN E 177 -11.76 24.11 3.98
N GLN E 178 -11.64 23.81 5.27
CA GLN E 178 -11.87 22.47 5.84
C GLN E 178 -10.99 21.41 5.19
N GLY E 179 -9.76 21.77 4.84
CA GLY E 179 -8.93 20.92 4.02
C GLY E 179 -7.45 20.84 4.35
N GLU E 180 -7.08 20.76 5.64
CA GLU E 180 -5.72 20.53 6.16
C GLU E 180 -4.79 21.73 5.97
N TRP E 181 -5.10 22.69 5.11
CA TRP E 181 -4.20 23.80 4.87
C TRP E 181 -4.98 25.09 4.82
N GLU E 182 -4.52 26.08 5.57
CA GLU E 182 -5.16 27.38 5.63
C GLU E 182 -4.32 28.39 4.87
N LEU E 183 -4.95 29.10 3.94
CA LEU E 183 -4.25 30.08 3.13
C LEU E 183 -4.14 31.40 3.88
N LEU E 184 -2.95 31.96 3.91
CA LEU E 184 -2.72 33.22 4.62
C LEU E 184 -2.58 34.41 3.70
N GLU E 185 -1.75 34.31 2.66
CA GLU E 185 -1.35 35.49 1.91
C GLU E 185 -0.82 35.05 0.56
N VAL E 186 -1.09 35.85 -0.47
CA VAL E 186 -0.52 35.64 -1.80
C VAL E 186 0.17 36.94 -2.17
N PHE E 187 1.50 36.95 -2.15
CA PHE E 187 2.26 38.18 -2.23
C PHE E 187 3.00 38.25 -3.55
N PRO E 188 2.76 39.26 -4.38
CA PRO E 188 3.45 39.37 -5.67
C PRO E 188 4.74 40.17 -5.56
N GLN E 189 5.62 39.95 -6.54
CA GLN E 189 6.89 40.64 -6.59
C GLN E 189 7.41 40.60 -8.02
N PHE E 190 7.85 41.75 -8.53
CA PHE E 190 8.47 41.82 -9.84
C PHE E 190 9.99 41.78 -9.70
N LYS E 191 10.64 41.13 -10.66
CA LYS E 191 12.10 41.02 -10.64
C LYS E 191 12.57 40.71 -12.05
N GLU E 192 13.66 41.35 -12.46
CA GLU E 192 14.28 41.13 -13.75
C GLU E 192 15.62 40.44 -13.54
N PHE E 193 15.86 39.35 -14.27
CA PHE E 193 17.13 38.67 -14.16
C PHE E 193 17.70 38.46 -15.56
N SER E 194 19.03 38.39 -15.63
CA SER E 194 19.74 38.20 -16.88
C SER E 194 20.71 37.04 -16.71
N ILE E 195 20.58 36.03 -17.59
CA ILE E 195 21.53 34.92 -17.60
C ILE E 195 22.75 35.20 -18.44
N ASP E 196 22.75 36.30 -19.18
CA ASP E 196 23.83 36.63 -20.09
C ASP E 196 23.72 38.12 -20.37
N ILE E 197 24.80 38.69 -20.91
CA ILE E 197 24.73 40.05 -21.41
C ILE E 197 23.82 40.10 -22.62
N SER E 198 23.04 41.19 -22.73
CA SER E 198 22.08 41.46 -23.81
C SER E 198 20.98 40.40 -23.92
N ASN E 199 20.69 39.68 -22.84
CA ASN E 199 19.60 38.71 -22.80
C ASN E 199 18.96 38.80 -21.44
N SER E 200 17.95 39.66 -21.31
CA SER E 200 17.23 39.83 -20.07
C SER E 200 15.86 39.21 -20.19
N TYR E 201 15.38 38.63 -19.09
CA TYR E 201 14.12 37.90 -19.06
C TYR E 201 13.29 38.42 -17.91
N ALA E 202 12.13 38.97 -18.21
CA ALA E 202 11.24 39.43 -17.16
C ALA E 202 10.57 38.26 -16.48
N GLU E 203 10.26 38.42 -15.20
CA GLU E 203 9.50 37.42 -14.50
C GLU E 203 8.70 38.07 -13.39
N MET E 204 7.76 37.32 -12.85
CA MET E 204 6.85 37.79 -11.83
C MET E 204 6.69 36.68 -10.80
N LYS E 205 7.02 36.95 -9.55
CA LYS E 205 6.99 35.92 -8.53
C LYS E 205 5.80 36.12 -7.61
N PHE E 206 4.99 35.08 -7.46
CA PHE E 206 3.95 35.02 -6.46
C PHE E 206 4.42 34.13 -5.32
N TYR E 207 4.34 34.62 -4.10
CA TYR E 207 4.64 33.82 -2.93
C TYR E 207 3.34 33.42 -2.26
N VAL E 208 3.13 32.13 -2.10
CA VAL E 208 2.00 31.66 -1.30
C VAL E 208 2.52 31.29 0.07
N ILE E 209 1.69 31.50 1.08
CA ILE E 209 2.04 31.18 2.46
C ILE E 209 0.88 30.40 3.07
N ILE E 210 1.12 29.15 3.40
CA ILE E 210 0.09 28.27 3.91
C ILE E 210 0.49 27.77 5.29
N ARG E 211 -0.50 27.47 6.12
CA ARG E 211 -0.27 27.01 7.48
C ARG E 211 -1.08 25.76 7.73
N ARG E 212 -0.45 24.74 8.28
CA ARG E 212 -1.13 23.48 8.55
C ARG E 212 -2.02 23.61 9.78
N ARG E 213 -3.22 23.04 9.69
CA ARG E 213 -4.07 22.98 10.87
C ARG E 213 -3.62 21.81 11.74
N PRO E 214 -3.20 22.04 12.98
CA PRO E 214 -2.59 20.98 13.77
C PRO E 214 -3.58 20.08 14.48
N LEU E 215 -4.89 20.28 14.27
CA LEU E 215 -5.89 19.56 15.05
C LEU E 215 -5.95 18.08 14.69
N PHE E 216 -5.50 17.70 13.50
CA PHE E 216 -5.69 16.32 13.07
C PHE E 216 -4.72 15.40 13.76
N TYR E 217 -3.62 15.95 14.24
CA TYR E 217 -2.52 15.17 14.77
C TYR E 217 -2.46 15.19 16.28
N ALA E 218 -3.32 15.97 16.94
CA ALA E 218 -3.43 15.90 18.39
C ALA E 218 -4.22 14.70 18.87
N VAL E 219 -4.83 13.94 17.96
CA VAL E 219 -5.50 12.70 18.34
C VAL E 219 -4.76 11.48 17.78
N SER E 220 -3.88 11.67 16.81
CA SER E 220 -3.23 10.53 16.17
C SER E 220 -1.87 10.22 16.78
N LEU E 221 -1.26 11.16 17.49
CA LEU E 221 0.02 10.90 18.13
C LEU E 221 0.12 11.41 19.56
N LEU E 222 -0.79 12.27 20.01
CA LEU E 222 -0.72 12.68 21.40
C LEU E 222 -1.45 11.70 22.31
N LEU E 223 -2.54 11.10 21.81
CA LEU E 223 -3.36 10.26 22.67
C LEU E 223 -2.70 8.93 23.04
N PRO E 224 -2.12 8.14 22.14
CA PRO E 224 -1.43 6.94 22.61
C PRO E 224 -0.11 7.22 23.31
N SER E 225 0.44 8.43 23.21
CA SER E 225 1.70 8.72 23.88
C SER E 225 1.50 8.89 25.37
N ILE E 226 0.48 9.66 25.78
CA ILE E 226 0.22 9.82 27.20
C ILE E 226 -0.53 8.63 27.77
N PHE E 227 -1.11 7.80 26.92
CA PHE E 227 -1.87 6.65 27.42
C PHE E 227 -0.96 5.57 27.94
N LEU E 228 0.23 5.41 27.38
CA LEU E 228 1.20 4.46 27.91
C LEU E 228 2.12 5.10 28.94
N MET E 229 1.68 6.18 29.57
CA MET E 229 2.21 6.64 30.83
C MET E 229 1.24 6.44 31.98
N VAL E 230 -0.07 6.47 31.71
CA VAL E 230 -1.03 6.23 32.77
C VAL E 230 -1.15 4.75 33.09
N VAL E 231 -0.59 3.88 32.26
CA VAL E 231 -0.57 2.46 32.61
C VAL E 231 0.58 2.16 33.58
N ASP E 232 1.73 2.81 33.39
CA ASP E 232 2.87 2.56 34.27
C ASP E 232 2.71 3.18 35.63
N ILE E 233 1.85 4.18 35.77
CA ILE E 233 1.52 4.65 37.10
C ILE E 233 0.68 3.60 37.82
N VAL E 234 -0.17 2.90 37.08
CA VAL E 234 -0.86 1.75 37.66
C VAL E 234 0.11 0.59 37.84
N GLY E 235 1.15 0.53 37.00
CA GLY E 235 2.02 -0.63 36.97
C GLY E 235 2.93 -0.77 38.17
N PHE E 236 3.28 0.34 38.82
CA PHE E 236 4.12 0.24 39.99
C PHE E 236 3.40 -0.24 41.24
N CYS E 237 2.08 -0.31 41.22
CA CYS E 237 1.38 -0.72 42.42
C CYS E 237 1.43 -2.22 42.67
N LEU E 238 1.92 -3.00 41.72
CA LEU E 238 2.17 -4.41 41.96
C LEU E 238 3.33 -4.56 42.95
N PRO E 239 3.23 -5.46 43.91
CA PRO E 239 4.36 -5.73 44.79
C PRO E 239 5.44 -6.47 44.03
N PRO E 240 6.71 -6.14 44.27
CA PRO E 240 7.78 -6.59 43.37
C PRO E 240 8.11 -8.06 43.47
N ASP E 241 7.85 -8.70 44.59
CA ASP E 241 8.19 -10.10 44.79
C ASP E 241 7.14 -11.05 44.23
N SER E 242 6.13 -10.54 43.53
CA SER E 242 5.08 -11.41 43.02
C SER E 242 5.57 -12.22 41.83
N GLY E 243 6.11 -11.54 40.82
CA GLY E 243 6.73 -12.24 39.71
C GLY E 243 6.26 -11.74 38.36
N GLU E 244 5.09 -11.14 38.33
CA GLU E 244 4.53 -10.61 37.09
C GLU E 244 4.91 -9.16 36.84
N ARG E 245 5.55 -8.50 37.81
CA ARG E 245 5.92 -7.10 37.63
C ARG E 245 7.00 -6.94 36.57
N VAL E 246 7.89 -7.93 36.45
CA VAL E 246 8.85 -7.92 35.36
C VAL E 246 8.16 -8.22 34.04
N SER E 247 7.21 -9.16 34.07
CA SER E 247 6.46 -9.51 32.86
C SER E 247 5.47 -8.43 32.47
N PHE E 248 5.07 -7.57 33.40
CA PHE E 248 4.16 -6.49 33.06
C PHE E 248 4.90 -5.39 32.30
N LYS E 249 6.04 -4.96 32.82
CA LYS E 249 6.77 -3.83 32.26
C LYS E 249 7.46 -4.14 30.95
N ILE E 250 7.53 -5.42 30.54
CA ILE E 250 8.08 -5.72 29.24
C ILE E 250 7.01 -5.82 28.16
N THR E 251 5.76 -6.10 28.54
CA THR E 251 4.70 -6.25 27.55
C THR E 251 4.35 -4.89 26.93
N LEU E 252 4.20 -3.87 27.76
CA LEU E 252 3.85 -2.56 27.22
C LEU E 252 5.05 -1.88 26.56
N LEU E 253 6.26 -2.22 26.99
CA LEU E 253 7.44 -1.73 26.29
C LEU E 253 7.52 -2.32 24.89
N LEU E 254 7.16 -3.60 24.75
CA LEU E 254 6.91 -4.17 23.43
C LEU E 254 5.76 -3.45 22.74
N GLY E 255 4.72 -3.12 23.50
CA GLY E 255 3.55 -2.48 22.93
C GLY E 255 3.80 -1.06 22.46
N TYR E 256 4.79 -0.37 23.01
CA TYR E 256 5.09 0.96 22.53
C TYR E 256 6.12 0.94 21.41
N SER E 257 6.96 -0.09 21.35
CA SER E 257 7.91 -0.21 20.26
C SER E 257 7.22 -0.53 18.94
N VAL E 258 6.05 -1.17 19.00
CA VAL E 258 5.22 -1.31 17.81
C VAL E 258 4.68 0.05 17.38
N PHE E 259 4.36 0.90 18.36
CA PHE E 259 3.73 2.18 18.07
C PHE E 259 4.68 3.16 17.40
N LEU E 260 5.97 3.12 17.74
CA LEU E 260 6.92 4.05 17.14
C LEU E 260 7.15 3.74 15.67
N ILE E 261 6.99 2.49 15.28
CA ILE E 261 7.27 2.08 13.91
C ILE E 261 6.04 2.25 13.01
N ILE E 262 4.84 1.95 13.53
CA ILE E 262 3.63 2.02 12.71
C ILE E 262 3.18 3.47 12.47
N VAL E 263 3.77 4.43 13.17
CA VAL E 263 3.43 5.83 12.98
C VAL E 263 4.47 6.55 12.12
N SER E 264 5.74 6.18 12.25
CA SER E 264 6.86 6.86 11.59
C SER E 264 6.81 6.80 10.07
N ASP E 265 6.02 5.90 9.48
CA ASP E 265 5.83 5.92 8.04
C ASP E 265 4.86 7.02 7.61
N THR E 266 3.90 7.38 8.45
CA THR E 266 2.94 8.43 8.13
C THR E 266 3.40 9.81 8.57
N LEU E 267 4.57 9.91 9.19
CA LEU E 267 5.15 11.18 9.60
C LEU E 267 6.50 11.36 8.93
N PRO E 268 6.65 12.36 8.05
CA PRO E 268 7.86 12.44 7.23
C PRO E 268 9.02 13.08 7.96
N ALA E 269 10.23 12.71 7.52
CA ALA E 269 11.47 13.26 8.06
C ALA E 269 12.41 13.50 6.89
N THR E 270 12.34 14.69 6.32
CA THR E 270 13.14 15.10 5.17
C THR E 270 14.40 15.82 5.63
N ALA E 271 14.95 16.64 4.74
CA ALA E 271 16.29 17.22 4.90
C ALA E 271 16.37 18.17 6.09
N ILE E 272 17.55 18.79 6.20
CA ILE E 272 18.31 19.02 7.43
C ILE E 272 17.47 19.37 8.66
N GLY E 273 17.73 18.65 9.73
CA GLY E 273 16.95 18.75 10.94
C GLY E 273 15.88 17.67 10.99
N THR E 274 15.69 17.11 12.19
CA THR E 274 14.60 16.22 12.52
C THR E 274 13.43 17.03 13.05
N PRO E 275 12.19 16.57 12.87
CA PRO E 275 11.07 17.26 13.50
C PRO E 275 11.15 17.19 15.01
N LEU E 276 10.74 18.28 15.66
CA LEU E 276 10.90 18.42 17.10
C LEU E 276 9.97 17.54 17.92
N ILE E 277 9.04 16.83 17.31
CA ILE E 277 8.33 15.81 18.07
C ILE E 277 9.12 14.53 18.19
N GLY E 278 10.11 14.33 17.31
CA GLY E 278 10.95 13.15 17.40
C GLY E 278 11.86 13.17 18.62
N VAL E 279 12.20 14.36 19.11
CA VAL E 279 12.89 14.46 20.38
C VAL E 279 11.94 14.13 21.52
N TYR E 280 10.68 14.55 21.40
CA TYR E 280 9.72 14.33 22.48
C TYR E 280 9.14 12.92 22.47
N PHE E 281 9.60 12.03 21.59
CA PHE E 281 9.33 10.61 21.72
C PHE E 281 10.51 9.82 22.25
N VAL E 282 11.72 10.35 22.14
CA VAL E 282 12.88 9.70 22.75
C VAL E 282 12.83 9.89 24.25
N VAL E 283 12.36 11.06 24.71
CA VAL E 283 12.18 11.29 26.15
C VAL E 283 11.06 10.41 26.69
N CYS E 284 10.10 10.03 25.83
CA CYS E 284 9.09 9.06 26.22
C CYS E 284 9.69 7.67 26.44
N MET E 285 10.83 7.37 25.81
CA MET E 285 11.49 6.09 26.10
C MET E 285 12.32 6.16 27.36
N ALA E 286 12.97 7.30 27.62
CA ALA E 286 13.82 7.41 28.80
C ALA E 286 13.02 7.47 30.09
N LEU E 287 11.73 7.79 30.03
CA LEU E 287 10.88 7.58 31.19
C LEU E 287 10.26 6.19 31.18
N LEU E 288 10.69 5.31 30.29
CA LEU E 288 10.13 3.98 30.18
C LEU E 288 11.16 2.88 30.34
N VAL E 289 12.41 3.13 29.94
CA VAL E 289 13.48 2.20 30.23
C VAL E 289 13.95 2.35 31.67
N ILE E 290 13.97 3.59 32.17
CA ILE E 290 14.30 3.83 33.57
C ILE E 290 13.22 3.26 34.48
N SER E 291 11.97 3.29 34.03
CA SER E 291 10.92 2.57 34.74
C SER E 291 11.12 1.06 34.66
N LEU E 292 11.74 0.57 33.60
CA LEU E 292 12.06 -0.85 33.52
C LEU E 292 13.32 -1.17 34.30
N ALA E 293 14.31 -0.29 34.25
CA ALA E 293 15.59 -0.60 34.88
C ALA E 293 15.62 -0.32 36.37
N GLU E 294 14.49 -0.02 36.99
CA GLU E 294 14.47 0.04 38.44
C GLU E 294 13.73 -1.14 39.05
N THR E 295 12.74 -1.71 38.36
CA THR E 295 12.14 -2.94 38.85
C THR E 295 13.09 -4.12 38.70
N ILE E 296 14.06 -4.03 37.79
CA ILE E 296 15.12 -5.03 37.77
C ILE E 296 15.99 -4.88 39.00
N PHE E 297 16.16 -3.66 39.49
CA PHE E 297 16.97 -3.45 40.69
C PHE E 297 16.26 -3.93 41.95
N ILE E 298 14.93 -3.88 41.99
CA ILE E 298 14.23 -4.30 43.19
C ILE E 298 14.11 -5.82 43.24
N VAL E 299 13.83 -6.46 42.10
CA VAL E 299 13.70 -7.92 42.05
C VAL E 299 15.02 -8.59 42.37
N ARG E 300 16.12 -8.00 41.92
CA ARG E 300 17.44 -8.48 42.33
C ARG E 300 17.67 -8.26 43.82
N LEU E 301 17.05 -7.23 44.39
CA LEU E 301 17.28 -6.89 45.78
C LEU E 301 16.39 -7.72 46.72
N VAL E 302 15.23 -8.16 46.26
CA VAL E 302 14.29 -8.91 47.07
C VAL E 302 14.13 -10.29 46.45
N HIS E 303 14.80 -11.28 47.00
CA HIS E 303 14.79 -12.63 46.46
C HIS E 303 15.37 -13.56 47.53
N LYS E 304 15.07 -14.85 47.40
CA LYS E 304 15.55 -15.87 48.32
C LYS E 304 16.63 -16.69 47.62
N GLN E 305 17.89 -16.34 47.88
CA GLN E 305 19.03 -16.91 47.20
C GLN E 305 20.19 -17.14 48.16
N ASP E 306 19.89 -17.71 49.33
CA ASP E 306 20.70 -17.95 50.54
C ASP E 306 21.72 -16.84 50.83
N LEU E 307 21.23 -15.60 50.76
CA LEU E 307 22.05 -14.41 50.86
C LEU E 307 22.38 -14.10 52.32
N GLN E 308 23.27 -13.13 52.52
CA GLN E 308 23.76 -12.76 53.84
C GLN E 308 22.82 -11.72 54.49
N ARG E 309 23.06 -11.42 55.77
CA ARG E 309 22.20 -10.45 56.43
C ARG E 309 22.57 -9.06 55.89
N PRO E 310 21.60 -8.15 55.74
CA PRO E 310 21.92 -6.81 55.24
C PRO E 310 22.78 -6.00 56.19
N VAL E 311 23.54 -5.08 55.61
CA VAL E 311 24.68 -4.46 56.30
C VAL E 311 24.17 -3.33 57.18
N PRO E 312 24.60 -3.25 58.46
CA PRO E 312 24.14 -2.15 59.33
C PRO E 312 24.66 -0.77 58.97
N ASP E 313 25.64 -0.68 58.08
CA ASP E 313 25.95 0.59 57.45
C ASP E 313 24.72 1.13 56.72
N TRP E 314 24.04 0.25 56.00
CA TRP E 314 22.94 0.66 55.12
C TRP E 314 21.60 0.27 55.70
N LEU E 315 21.55 -0.11 56.97
CA LEU E 315 20.28 -0.33 57.66
C LEU E 315 19.81 0.95 58.34
N ARG E 316 20.67 1.57 59.15
CA ARG E 316 20.32 2.83 59.77
C ARG E 316 20.42 4.00 58.80
N HIS E 317 21.08 3.81 57.67
CA HIS E 317 21.03 4.81 56.60
C HIS E 317 19.66 4.86 55.95
N LEU E 318 18.93 3.74 55.94
CA LEU E 318 17.71 3.64 55.17
C LEU E 318 16.47 3.47 56.02
N VAL E 319 16.44 2.45 56.87
CA VAL E 319 15.22 2.10 57.59
C VAL E 319 14.89 3.12 58.68
N LEU E 320 15.90 3.52 59.46
CA LEU E 320 15.68 4.48 60.53
C LEU E 320 15.81 5.92 60.09
N ASP E 321 15.97 6.18 58.79
CA ASP E 321 16.00 7.54 58.27
C ASP E 321 14.75 7.88 57.46
N ARG E 322 14.43 7.08 56.45
CA ARG E 322 13.41 7.42 55.47
C ARG E 322 11.99 7.34 55.99
N ILE E 323 11.77 6.96 57.26
CA ILE E 323 10.45 7.12 57.87
C ILE E 323 10.20 8.54 58.35
N ALA E 324 11.17 9.45 58.17
CA ALA E 324 10.99 10.84 58.54
C ALA E 324 11.41 11.83 57.47
N TRP E 325 12.18 11.41 56.46
CA TRP E 325 12.50 12.31 55.35
C TRP E 325 11.26 12.58 54.51
N ILE E 326 10.69 11.53 53.92
CA ILE E 326 9.53 11.69 53.05
C ILE E 326 8.39 10.81 53.57
N LEU E 327 8.62 9.50 53.63
CA LEU E 327 7.56 8.57 53.99
C LEU E 327 7.42 8.51 55.51
N CYS E 328 6.65 7.54 55.99
CA CYS E 328 6.44 7.37 57.43
C CYS E 328 6.53 5.89 57.81
N LEU E 385 21.50 -43.20 81.23
CA LEU E 385 22.14 -42.85 79.96
C LEU E 385 21.09 -42.45 78.94
N ALA E 386 19.85 -42.89 79.17
CA ALA E 386 18.78 -42.68 78.21
C ALA E 386 18.35 -41.22 78.13
N VAL E 387 18.63 -40.41 79.16
CA VAL E 387 18.30 -39.00 79.10
C VAL E 387 19.21 -38.28 78.13
N ARG E 388 20.51 -38.55 78.21
CA ARG E 388 21.47 -37.87 77.35
C ARG E 388 21.38 -38.37 75.92
N GLY E 389 20.92 -39.61 75.72
CA GLY E 389 20.74 -40.12 74.37
C GLY E 389 19.63 -39.40 73.63
N LEU E 390 18.49 -39.16 74.31
CA LEU E 390 17.42 -38.40 73.68
C LEU E 390 17.75 -36.91 73.64
N LEU E 391 18.57 -36.43 74.57
CA LEU E 391 19.01 -35.05 74.53
C LEU E 391 19.90 -34.79 73.32
N GLN E 392 20.70 -35.79 72.94
CA GLN E 392 21.44 -35.72 71.69
C GLN E 392 20.50 -35.70 70.49
N GLU E 393 19.37 -36.39 70.59
CA GLU E 393 18.44 -36.45 69.47
C GLU E 393 17.59 -35.18 69.38
N LEU E 394 17.12 -34.68 70.52
CA LEU E 394 16.19 -33.55 70.49
C LEU E 394 16.88 -32.24 70.12
N SER E 395 18.09 -32.02 70.65
CA SER E 395 18.81 -30.80 70.34
C SER E 395 19.24 -30.75 68.88
N SER E 396 19.47 -31.91 68.28
CA SER E 396 19.76 -31.97 66.86
C SER E 396 18.53 -31.67 66.02
N ILE E 397 17.34 -31.95 66.54
CA ILE E 397 16.11 -31.58 65.83
C ILE E 397 15.94 -30.07 65.87
N ARG E 398 16.16 -29.46 67.04
CA ARG E 398 16.02 -28.02 67.18
C ARG E 398 17.06 -27.28 66.33
N HIS E 399 18.24 -27.86 66.16
CA HIS E 399 19.24 -27.26 65.30
C HIS E 399 18.83 -27.32 63.84
N PHE E 400 18.03 -28.31 63.45
CA PHE E 400 17.53 -28.36 62.09
C PHE E 400 16.37 -27.43 61.85
N LEU E 401 15.72 -26.94 62.90
CA LEU E 401 14.64 -25.99 62.73
C LEU E 401 15.08 -24.55 62.91
N GLU E 402 16.05 -24.30 63.80
CA GLU E 402 16.42 -22.91 64.07
C GLU E 402 17.20 -22.30 62.93
N LYS E 403 17.88 -23.11 62.10
CA LYS E 403 18.48 -22.54 60.91
C LYS E 403 17.48 -22.41 59.78
N ARG E 404 16.36 -23.13 59.85
CA ARG E 404 15.25 -22.83 58.97
C ARG E 404 14.59 -21.52 59.37
N ASP E 405 14.53 -21.24 60.67
CA ASP E 405 13.99 -19.98 61.15
C ASP E 405 14.91 -18.81 60.80
N GLU E 406 16.22 -19.03 60.87
CA GLU E 406 17.18 -17.95 60.66
C GLU E 406 17.20 -17.50 59.20
N MET E 407 16.98 -18.43 58.27
CA MET E 407 16.99 -18.07 56.86
C MET E 407 15.75 -17.29 56.45
N ARG E 408 14.67 -17.37 57.22
CA ARG E 408 13.51 -16.55 56.89
C ARG E 408 13.55 -15.18 57.53
N GLU E 409 14.19 -15.05 58.69
CA GLU E 409 14.30 -13.72 59.31
C GLU E 409 15.29 -12.84 58.57
N VAL E 410 16.28 -13.43 57.92
CA VAL E 410 17.15 -12.65 57.05
C VAL E 410 16.40 -12.16 55.83
N ALA E 411 15.57 -13.03 55.25
CA ALA E 411 14.81 -12.67 54.07
C ALA E 411 13.69 -11.69 54.37
N ARG E 412 13.31 -11.51 55.64
CA ARG E 412 12.36 -10.44 55.96
C ARG E 412 13.02 -9.08 55.89
N ASP E 413 14.32 -8.99 56.18
CA ASP E 413 14.95 -7.69 56.30
C ASP E 413 15.21 -7.01 54.97
N TRP E 414 15.70 -7.77 53.97
CA TRP E 414 15.85 -7.22 52.63
C TRP E 414 14.51 -6.85 52.05
N LEU E 415 13.52 -7.71 52.28
CA LEU E 415 12.14 -7.50 51.89
C LEU E 415 11.55 -6.27 52.56
N ARG E 416 12.01 -5.92 53.76
CA ARG E 416 11.63 -4.67 54.39
C ARG E 416 12.33 -3.49 53.74
N VAL E 417 13.61 -3.65 53.38
CA VAL E 417 14.32 -2.59 52.67
C VAL E 417 13.75 -2.40 51.28
N GLY E 418 13.32 -3.48 50.64
CA GLY E 418 12.85 -3.43 49.28
C GLY E 418 11.53 -2.69 49.10
N TYR E 419 10.73 -2.56 50.15
CA TYR E 419 9.50 -1.79 50.01
C TYR E 419 9.73 -0.31 50.22
N VAL E 420 10.74 0.05 51.03
CA VAL E 420 10.98 1.46 51.30
C VAL E 420 11.59 2.13 50.07
N LEU E 421 12.48 1.42 49.37
CA LEU E 421 13.02 1.96 48.13
C LEU E 421 11.97 1.99 47.04
N ASP E 422 10.98 1.10 47.08
CA ASP E 422 9.96 1.09 46.04
C ASP E 422 9.02 2.27 46.19
N ARG E 423 8.69 2.67 47.42
CA ARG E 423 7.88 3.87 47.59
C ARG E 423 8.68 5.12 47.32
N LEU E 424 9.98 5.10 47.58
CA LEU E 424 10.79 6.28 47.35
C LEU E 424 11.03 6.51 45.87
N LEU E 425 11.28 5.45 45.11
CA LEU E 425 11.39 5.58 43.66
C LEU E 425 10.05 5.83 43.00
N PHE E 426 8.94 5.53 43.68
CA PHE E 426 7.64 5.80 43.10
C PHE E 426 7.30 7.27 43.14
N ARG E 427 7.81 7.99 44.16
CA ARG E 427 7.50 9.43 44.25
C ARG E 427 8.30 10.24 43.24
N ILE E 428 9.59 9.98 43.10
CA ILE E 428 10.40 10.80 42.20
C ILE E 428 10.13 10.41 40.75
N TYR E 429 9.59 9.21 40.53
CA TYR E 429 9.06 8.92 39.20
C TYR E 429 7.75 9.64 38.97
N LEU E 430 6.96 9.83 40.02
CA LEU E 430 5.71 10.56 39.88
C LEU E 430 5.96 12.06 39.75
N LEU E 431 7.07 12.56 40.30
CA LEU E 431 7.44 13.95 40.09
C LEU E 431 8.15 14.17 38.76
N ALA E 432 8.80 13.14 38.21
CA ALA E 432 9.43 13.30 36.92
C ALA E 432 8.41 13.34 35.80
N VAL E 433 7.31 12.60 35.93
CA VAL E 433 6.25 12.69 34.94
C VAL E 433 5.50 14.01 35.09
N LEU E 434 5.30 14.45 36.35
CA LEU E 434 4.53 15.67 36.60
C LEU E 434 5.30 16.90 36.15
N ALA E 435 6.62 16.93 36.39
CA ALA E 435 7.41 18.08 35.96
C ALA E 435 7.65 18.08 34.46
N TYR E 436 7.49 16.93 33.79
CA TYR E 436 7.64 16.90 32.35
C TYR E 436 6.34 17.26 31.63
N SER E 437 5.20 16.88 32.20
CA SER E 437 3.93 17.16 31.54
C SER E 437 3.54 18.62 31.62
N ILE E 438 4.03 19.35 32.63
CA ILE E 438 3.72 20.78 32.69
C ILE E 438 4.58 21.57 31.71
N THR E 439 5.78 21.07 31.40
CA THR E 439 6.60 21.70 30.39
C THR E 439 6.00 21.49 29.00
N LEU E 440 5.31 20.37 28.82
CA LEU E 440 4.63 20.12 27.54
C LEU E 440 3.43 21.02 27.36
N VAL E 441 2.72 21.35 28.45
CA VAL E 441 1.54 22.18 28.34
C VAL E 441 1.92 23.64 28.07
N THR E 442 2.94 24.13 28.76
CA THR E 442 3.29 25.54 28.64
C THR E 442 3.94 25.88 27.30
N LEU E 443 4.44 24.89 26.56
CA LEU E 443 4.86 25.12 25.18
C LEU E 443 3.70 25.03 24.20
N TRP E 444 2.53 24.61 24.68
CA TRP E 444 1.33 24.62 23.85
C TRP E 444 0.49 25.87 24.05
N SER E 445 0.53 26.46 25.24
CA SER E 445 -0.22 27.69 25.49
C SER E 445 0.45 28.92 24.91
N ILE E 446 1.77 28.90 24.76
CA ILE E 446 2.47 30.02 24.13
C ILE E 446 2.13 30.11 22.66
N TRP E 447 2.09 28.97 21.97
CA TRP E 447 1.74 28.98 20.56
C TRP E 447 0.25 29.28 20.36
N HIS E 448 -0.61 28.72 21.21
CA HIS E 448 -2.05 28.91 21.05
C HIS E 448 -2.47 30.35 21.33
N TYR E 449 -1.80 31.02 22.25
CA TYR E 449 -2.08 32.42 22.49
C TYR E 449 -1.41 33.26 21.41
N SER E 450 -2.21 34.05 20.70
CA SER E 450 -1.80 34.91 19.59
C SER E 450 -1.07 34.14 18.48
#